data_8OUD
#
_entry.id   8OUD
#
_cell.length_a   1.00
_cell.length_b   1.00
_cell.length_c   1.00
_cell.angle_alpha   90.00
_cell.angle_beta   90.00
_cell.angle_gamma   90.00
#
_symmetry.space_group_name_H-M   'P 1'
#
loop_
_entity.id
_entity.type
_entity.pdbx_description
1 polymer 'Neutral amino acid transporter B(0)'
2 polymer 'Nanobody 469'
3 non-polymer 'SODIUM ION'
4 non-polymer ALANINE
5 non-polymer 'CHOLESTEROL HEMISUCCINATE'
6 water water
#
loop_
_entity_poly.entity_id
_entity_poly.type
_entity_poly.pdbx_seq_one_letter_code
_entity_poly.pdbx_strand_id
1 'polypeptide(L)'
;MVADPPRDSKGLAAAEPTANGGLALASIEDQGAAAGGYCGSRDQVRRCLRANLLVLLTVVAVVAGVALGLGVSGAGGALA
LGPERLSAFVFPGELLLRLLRMIILPLVVCSLIGGAASLDPGALGRLGAWALLFFLVTTLLASALGVGLALALQPGAASA
AINASVGAAGSAENAPSKEVLDSFLDLARNIFPSNLVSAAFRSYSTTYEERNITGTRVKVPVGQEVEGMNILGLVVFAIV
FGVALRKLGPEGELLIRFFNSFNEATMVLVSWIMWYAPVGIMFLVAGKIVEMEDVGLLFARLGKYILCCLLGHAIHGLLV
LPLIYFLFTRKNPYRFLWGIVTPLATAFGTSSSSATLPLMMKCVEENNGVAKHISRFILPIGATVNMDGAALFQCVAAVF
IAQLSQQSLDFVKIITILVTATASSVGAAGIPAGGVLTLAIILEAVNLPVDHISLILAVDWLVDRSCTVLNVEGDALGAG
LLQNYVDRTESRSTEPELIQVKSELPLDPLPVPTEEGNPLLKHYRGPAGDATVASEKESVM
;
A,B,C
2 'polypeptide(L)'
;QVQLVESGGGLVQPGGSLRLSCAASGSIFRLDAMGWYRQAPGKQRELVAVIRSGGSTDYGDSVKGRFTISRDNAKNTVYL
QMNSLKPEDTAVYYCNAVQILKTIYWGQGTQVTVSSHHHHHHEPEA
;
D,E,F
#
loop_
_chem_comp.id
_chem_comp.type
_chem_comp.name
_chem_comp.formula
NA non-polymer 'SODIUM ION' 'Na 1'
Y01 non-polymer 'CHOLESTEROL HEMISUCCINATE' 'C31 H50 O4'
#
# COMPACT_ATOMS: atom_id res chain seq x y z
N LEU A 49 41.44 2.85 1.12
CA LEU A 49 41.06 1.50 0.71
C LEU A 49 39.69 1.14 1.29
N ARG A 50 39.54 1.37 2.59
CA ARG A 50 38.28 1.05 3.26
C ARG A 50 37.14 1.93 2.74
N ALA A 51 37.45 3.14 2.29
CA ALA A 51 36.42 4.01 1.73
C ALA A 51 35.86 3.45 0.43
N ASN A 52 36.73 2.92 -0.43
CA ASN A 52 36.32 2.33 -1.70
C ASN A 52 36.38 0.81 -1.69
N LEU A 53 36.02 0.19 -0.55
CA LEU A 53 36.14 -1.26 -0.44
C LEU A 53 35.24 -1.98 -1.43
N LEU A 54 34.01 -1.49 -1.65
CA LEU A 54 33.07 -2.17 -2.53
C LEU A 54 33.52 -2.14 -3.98
N VAL A 55 34.06 -1.01 -4.45
CA VAL A 55 34.54 -0.93 -5.83
C VAL A 55 35.72 -1.87 -6.03
N LEU A 56 36.64 -1.89 -5.07
CA LEU A 56 37.77 -2.82 -5.14
C LEU A 56 37.28 -4.26 -5.15
N LEU A 57 36.25 -4.56 -4.34
CA LEU A 57 35.72 -5.92 -4.30
C LEU A 57 35.06 -6.29 -5.62
N THR A 58 34.37 -5.35 -6.27
CA THR A 58 33.78 -5.65 -7.58
C THR A 58 34.86 -5.93 -8.62
N VAL A 59 35.91 -5.12 -8.64
CA VAL A 59 37.00 -5.38 -9.60
C VAL A 59 37.70 -6.71 -9.29
N VAL A 60 37.94 -6.99 -8.01
CA VAL A 60 38.56 -8.25 -7.62
C VAL A 60 37.67 -9.43 -8.02
N ALA A 61 36.36 -9.27 -7.86
CA ALA A 61 35.43 -10.32 -8.24
C ALA A 61 35.43 -10.53 -9.75
N VAL A 62 35.56 -9.46 -10.53
CA VAL A 62 35.65 -9.60 -11.97
C VAL A 62 36.91 -10.38 -12.35
N VAL A 63 38.04 -10.05 -11.71
CA VAL A 63 39.30 -10.75 -11.98
C VAL A 63 39.17 -12.22 -11.61
N ALA A 64 38.60 -12.50 -10.43
CA ALA A 64 38.44 -13.88 -9.99
C ALA A 64 37.50 -14.65 -10.90
N GLY A 65 36.45 -14.00 -11.39
CA GLY A 65 35.56 -14.65 -12.33
C GLY A 65 36.24 -14.97 -13.64
N VAL A 66 37.10 -14.07 -14.12
CA VAL A 66 37.88 -14.35 -15.32
C VAL A 66 38.78 -15.55 -15.09
N ALA A 67 39.43 -15.60 -13.92
CA ALA A 67 40.30 -16.73 -13.61
C ALA A 67 39.53 -18.04 -13.55
N LEU A 68 38.36 -18.02 -12.89
CA LEU A 68 37.53 -19.23 -12.79
C LEU A 68 37.06 -19.68 -14.16
N GLY A 69 36.59 -18.75 -14.99
CA GLY A 69 36.15 -19.11 -16.32
C GLY A 69 37.25 -19.66 -17.19
N LEU A 70 38.43 -19.05 -17.17
CA LEU A 70 39.57 -19.58 -17.93
C LEU A 70 40.01 -20.94 -17.42
N GLY A 71 40.04 -21.15 -16.10
CA GLY A 71 40.41 -22.46 -15.57
C GLY A 71 39.42 -23.54 -15.95
N VAL A 72 38.12 -23.23 -15.89
CA VAL A 72 37.11 -24.21 -16.25
C VAL A 72 37.13 -24.49 -17.74
N SER A 73 37.30 -23.44 -18.56
CA SER A 73 37.36 -23.63 -20.01
C SER A 73 38.58 -24.47 -20.40
N GLY A 74 39.72 -24.21 -19.77
CA GLY A 74 40.91 -25.01 -20.06
C GLY A 74 40.75 -26.45 -19.61
N ALA A 75 40.09 -26.67 -18.48
CA ALA A 75 39.92 -28.02 -17.94
C ALA A 75 38.60 -28.62 -18.40
N GLY A 76 38.40 -28.63 -19.72
CA GLY A 76 37.27 -29.26 -20.34
C GLY A 76 36.15 -28.32 -20.78
N GLY A 77 36.08 -27.14 -20.20
CA GLY A 77 35.03 -26.23 -20.64
C GLY A 77 33.65 -26.61 -20.10
N ALA A 78 32.63 -26.05 -20.75
CA ALA A 78 31.26 -26.35 -20.38
C ALA A 78 30.88 -27.78 -20.74
N LEU A 79 31.53 -28.36 -21.74
CA LEU A 79 31.23 -29.73 -22.14
C LEU A 79 31.54 -30.72 -21.02
N ALA A 80 32.67 -30.53 -20.34
CA ALA A 80 33.01 -31.41 -19.22
C ALA A 80 32.02 -31.26 -18.08
N LEU A 81 31.59 -30.03 -17.80
CA LEU A 81 30.63 -29.80 -16.72
C LEU A 81 29.30 -30.45 -17.03
N GLY A 82 28.76 -30.21 -18.22
CA GLY A 82 27.41 -30.61 -18.54
C GLY A 82 26.42 -29.52 -18.15
N PRO A 83 25.20 -29.60 -18.70
CA PRO A 83 24.22 -28.54 -18.41
C PRO A 83 23.90 -28.39 -16.93
N GLU A 84 23.81 -29.49 -16.18
CA GLU A 84 23.47 -29.41 -14.77
C GLU A 84 24.56 -28.71 -13.98
N ARG A 85 25.82 -29.13 -14.17
CA ARG A 85 26.93 -28.48 -13.47
C ARG A 85 27.07 -27.03 -13.90
N LEU A 86 26.83 -26.73 -15.18
CA LEU A 86 26.92 -25.35 -15.64
C LEU A 86 25.87 -24.47 -14.98
N SER A 87 24.63 -24.99 -14.87
CA SER A 87 23.56 -24.23 -14.22
C SER A 87 23.88 -23.99 -12.76
N ALA A 88 24.32 -25.03 -12.06
CA ALA A 88 24.69 -24.86 -10.66
C ALA A 88 25.87 -23.90 -10.50
N PHE A 89 26.78 -23.90 -11.47
CA PHE A 89 27.94 -23.03 -11.43
C PHE A 89 27.56 -21.57 -11.60
N VAL A 90 26.60 -21.30 -12.50
CA VAL A 90 26.21 -19.92 -12.79
C VAL A 90 25.11 -19.41 -11.86
N PHE A 91 24.50 -20.28 -11.06
CA PHE A 91 23.37 -19.87 -10.24
C PHE A 91 23.61 -18.67 -9.31
N PRO A 92 24.75 -18.52 -8.63
CA PRO A 92 24.92 -17.36 -7.74
C PRO A 92 24.75 -16.01 -8.44
N GLY A 93 25.17 -15.89 -9.70
CA GLY A 93 24.89 -14.67 -10.45
C GLY A 93 23.41 -14.47 -10.75
N GLU A 94 22.71 -15.56 -11.06
CA GLU A 94 21.27 -15.47 -11.29
C GLU A 94 20.54 -15.01 -10.04
N LEU A 95 21.02 -15.41 -8.85
CA LEU A 95 20.40 -14.93 -7.62
C LEU A 95 20.53 -13.42 -7.49
N LEU A 96 21.71 -12.87 -7.81
CA LEU A 96 21.90 -11.43 -7.79
C LEU A 96 20.96 -10.74 -8.77
N LEU A 97 20.83 -11.30 -9.97
CA LEU A 97 19.92 -10.72 -10.96
C LEU A 97 18.49 -10.70 -10.46
N ARG A 98 18.05 -11.80 -9.81
CA ARG A 98 16.70 -11.84 -9.26
C ARG A 98 16.50 -10.80 -8.17
N LEU A 99 17.49 -10.62 -7.29
CA LEU A 99 17.38 -9.60 -6.25
C LEU A 99 17.27 -8.19 -6.83
N LEU A 100 18.09 -7.89 -7.84
CA LEU A 100 18.01 -6.58 -8.49
C LEU A 100 16.64 -6.36 -9.12
N ARG A 101 16.16 -7.34 -9.88
CA ARG A 101 14.86 -7.23 -10.51
C ARG A 101 13.75 -7.08 -9.48
N MET A 102 13.92 -7.69 -8.31
CA MET A 102 12.90 -7.58 -7.27
C MET A 102 12.87 -6.18 -6.65
N ILE A 103 14.03 -5.57 -6.40
CA ILE A 103 13.97 -4.24 -5.79
C ILE A 103 13.68 -3.15 -6.81
N ILE A 104 13.71 -3.45 -8.11
CA ILE A 104 13.48 -2.41 -9.12
C ILE A 104 12.15 -1.70 -8.90
N LEU A 105 11.06 -2.46 -8.72
CA LEU A 105 9.73 -1.86 -8.70
C LEU A 105 9.52 -0.84 -7.57
N PRO A 106 9.68 -1.19 -6.29
CA PRO A 106 9.46 -0.19 -5.24
C PRO A 106 10.38 1.01 -5.37
N LEU A 107 11.63 0.78 -5.75
CA LEU A 107 12.60 1.87 -5.88
C LEU A 107 12.12 2.90 -6.89
N VAL A 108 11.80 2.44 -8.10
CA VAL A 108 11.38 3.35 -9.16
C VAL A 108 10.10 4.08 -8.75
N VAL A 109 9.09 3.34 -8.29
CA VAL A 109 7.80 3.96 -8.00
C VAL A 109 7.92 4.99 -6.89
N CYS A 110 8.50 4.60 -5.75
CA CYS A 110 8.55 5.50 -4.60
C CYS A 110 9.46 6.69 -4.85
N SER A 111 10.64 6.46 -5.45
CA SER A 111 11.54 7.57 -5.71
C SER A 111 10.94 8.57 -6.68
N LEU A 112 10.25 8.09 -7.73
CA LEU A 112 9.69 9.03 -8.68
C LEU A 112 8.49 9.78 -8.11
N ILE A 113 7.66 9.13 -7.29
CA ILE A 113 6.57 9.84 -6.63
C ILE A 113 7.14 10.96 -5.76
N GLY A 114 8.15 10.65 -4.95
CA GLY A 114 8.75 11.66 -4.11
C GLY A 114 9.39 12.79 -4.89
N GLY A 115 10.13 12.45 -5.95
CA GLY A 115 10.77 13.48 -6.75
C GLY A 115 9.78 14.40 -7.44
N ALA A 116 8.68 13.84 -7.94
CA ALA A 116 7.67 14.68 -8.57
C ALA A 116 6.94 15.55 -7.56
N ALA A 117 6.63 15.00 -6.38
CA ALA A 117 5.84 15.76 -5.41
C ALA A 117 6.61 16.94 -4.83
N SER A 118 7.94 16.91 -4.89
CA SER A 118 8.75 17.92 -4.24
C SER A 118 9.00 19.15 -5.12
N LEU A 119 8.42 19.23 -6.30
CA LEU A 119 8.70 20.33 -7.23
C LEU A 119 7.80 21.53 -6.91
N ASP A 120 8.02 22.07 -5.71
CA ASP A 120 7.24 23.21 -5.23
C ASP A 120 7.64 24.47 -6.00
N PRO A 121 6.67 25.19 -6.59
CA PRO A 121 7.02 26.39 -7.37
C PRO A 121 7.74 27.46 -6.57
N GLY A 122 7.36 27.67 -5.31
CA GLY A 122 8.02 28.69 -4.50
C GLY A 122 9.40 28.28 -4.04
N ALA A 123 9.62 26.99 -3.80
CA ALA A 123 10.94 26.52 -3.39
C ALA A 123 11.96 26.67 -4.51
N LEU A 124 11.49 26.72 -5.76
CA LEU A 124 12.35 26.82 -6.93
C LEU A 124 12.49 28.26 -7.41
N GLY A 125 11.39 29.00 -7.45
CA GLY A 125 11.40 30.28 -8.10
C GLY A 125 11.76 30.17 -9.57
N ARG A 126 11.88 31.35 -10.19
CA ARG A 126 12.24 31.42 -11.61
C ARG A 126 13.62 30.83 -11.86
N LEU A 127 14.57 31.11 -10.96
CA LEU A 127 15.93 30.60 -11.13
C LEU A 127 15.97 29.08 -11.12
N GLY A 128 15.39 28.44 -10.09
CA GLY A 128 15.38 26.99 -10.04
C GLY A 128 14.59 26.35 -11.16
N ALA A 129 13.48 26.98 -11.57
CA ALA A 129 12.74 26.43 -12.71
C ALA A 129 13.58 26.43 -13.99
N TRP A 130 14.24 27.55 -14.28
CA TRP A 130 15.11 27.60 -15.46
C TRP A 130 16.29 26.64 -15.32
N ALA A 131 16.85 26.51 -14.12
CA ALA A 131 17.95 25.58 -13.90
C ALA A 131 17.51 24.13 -14.13
N LEU A 132 16.31 23.78 -13.66
CA LEU A 132 15.82 22.42 -13.86
C LEU A 132 15.58 22.14 -15.35
N LEU A 133 15.04 23.13 -16.08
CA LEU A 133 14.89 22.96 -17.52
C LEU A 133 16.24 22.76 -18.20
N PHE A 134 17.24 23.55 -17.81
CA PHE A 134 18.58 23.42 -18.37
C PHE A 134 19.16 22.05 -18.06
N PHE A 135 18.98 21.56 -16.83
CA PHE A 135 19.46 20.24 -16.46
C PHE A 135 18.84 19.16 -17.34
N LEU A 136 17.52 19.21 -17.49
CA LEU A 136 16.81 18.22 -18.29
C LEU A 136 17.29 18.24 -19.73
N VAL A 137 17.42 19.44 -20.31
CA VAL A 137 17.80 19.54 -21.72
C VAL A 137 19.21 19.01 -21.93
N THR A 138 20.15 19.38 -21.06
CA THR A 138 21.52 18.91 -21.25
C THR A 138 21.63 17.40 -21.02
N THR A 139 20.86 16.85 -20.08
CA THR A 139 20.86 15.40 -19.91
C THR A 139 20.31 14.67 -21.12
N LEU A 140 19.23 15.21 -21.72
CA LEU A 140 18.69 14.62 -22.94
C LEU A 140 19.71 14.69 -24.07
N LEU A 141 20.39 15.83 -24.21
CA LEU A 141 21.43 15.97 -25.24
C LEU A 141 22.58 15.00 -25.02
N ALA A 142 23.03 14.81 -23.78
CA ALA A 142 24.09 13.84 -23.50
C ALA A 142 23.65 12.42 -23.82
N SER A 143 22.42 12.06 -23.45
CA SER A 143 21.91 10.73 -23.80
C SER A 143 21.84 10.52 -25.30
N ALA A 144 21.34 11.51 -26.03
CA ALA A 144 21.26 11.39 -27.48
C ALA A 144 22.64 11.28 -28.10
N LEU A 145 23.61 12.05 -27.61
CA LEU A 145 24.97 11.95 -28.13
C LEU A 145 25.56 10.57 -27.87
N GLY A 146 25.34 10.03 -26.68
CA GLY A 146 25.85 8.70 -26.38
C GLY A 146 25.25 7.63 -27.27
N VAL A 147 23.93 7.67 -27.46
CA VAL A 147 23.27 6.70 -28.34
C VAL A 147 23.79 6.84 -29.77
N GLY A 148 23.92 8.07 -30.25
CA GLY A 148 24.38 8.28 -31.61
C GLY A 148 25.80 7.79 -31.84
N LEU A 149 26.70 8.11 -30.90
CA LEU A 149 28.08 7.63 -31.03
C LEU A 149 28.17 6.12 -30.95
N ALA A 150 27.41 5.49 -30.05
CA ALA A 150 27.45 4.04 -29.96
C ALA A 150 26.84 3.37 -31.18
N LEU A 151 25.86 3.99 -31.83
CA LEU A 151 25.33 3.46 -33.08
C LEU A 151 26.29 3.66 -34.24
N ALA A 152 26.99 4.80 -34.29
CA ALA A 152 27.89 5.09 -35.39
C ALA A 152 29.18 4.27 -35.32
N LEU A 153 29.77 4.13 -34.13
CA LEU A 153 31.05 3.45 -33.99
C LEU A 153 30.91 1.95 -33.80
N GLN A 154 29.73 1.47 -33.40
CA GLN A 154 29.44 0.05 -33.20
C GLN A 154 30.49 -0.63 -32.32
N PRO A 155 30.64 -0.20 -31.06
CA PRO A 155 31.64 -0.85 -30.20
C PRO A 155 31.41 -2.33 -29.98
N GLY A 156 30.15 -2.77 -29.92
CA GLY A 156 29.84 -4.15 -29.60
C GLY A 156 29.75 -5.07 -30.80
N ALA A 157 29.61 -4.50 -31.99
CA ALA A 157 29.51 -5.31 -33.20
C ALA A 157 30.82 -6.03 -33.46
N ALA A 158 30.72 -7.28 -33.91
CA ALA A 158 31.89 -8.07 -34.27
C ALA A 158 31.96 -8.25 -35.78
N SER A 177 10.79 -7.34 -36.94
CA SER A 177 9.63 -8.19 -37.19
C SER A 177 8.34 -7.40 -37.07
N LYS A 178 8.20 -6.65 -35.97
CA LYS A 178 7.04 -5.80 -35.76
C LYS A 178 7.15 -4.55 -36.62
N GLU A 179 6.01 -4.16 -37.21
CA GLU A 179 5.99 -2.98 -38.07
C GLU A 179 6.21 -1.71 -37.25
N VAL A 180 6.52 -0.62 -37.97
CA VAL A 180 6.85 0.63 -37.31
C VAL A 180 5.64 1.21 -36.59
N LEU A 181 4.49 1.27 -37.27
CA LEU A 181 3.31 1.86 -36.66
C LEU A 181 2.85 1.06 -35.46
N ASP A 182 2.85 -0.28 -35.56
CA ASP A 182 2.50 -1.10 -34.42
C ASP A 182 3.50 -0.98 -33.29
N SER A 183 4.79 -0.78 -33.61
CA SER A 183 5.78 -0.55 -32.56
C SER A 183 5.48 0.74 -31.80
N PHE A 184 5.16 1.81 -32.52
CA PHE A 184 4.81 3.07 -31.86
C PHE A 184 3.53 2.93 -31.04
N LEU A 185 2.53 2.22 -31.58
CA LEU A 185 1.28 2.03 -30.86
C LEU A 185 1.48 1.21 -29.59
N ASP A 186 2.33 0.18 -29.65
CA ASP A 186 2.66 -0.58 -28.45
C ASP A 186 3.37 0.29 -27.43
N LEU A 187 4.26 1.18 -27.89
CA LEU A 187 4.90 2.12 -26.98
C LEU A 187 3.88 3.00 -26.29
N ALA A 188 2.92 3.54 -27.05
CA ALA A 188 1.90 4.39 -26.45
C ALA A 188 1.02 3.62 -25.47
N ARG A 189 0.67 2.38 -25.80
CA ARG A 189 -0.13 1.56 -24.90
C ARG A 189 0.63 1.23 -23.61
N ASN A 190 1.94 1.05 -23.70
CA ASN A 190 2.73 0.78 -22.50
C ASN A 190 3.01 2.04 -21.69
N ILE A 191 3.05 3.21 -22.32
CA ILE A 191 3.16 4.47 -21.59
C ILE A 191 1.93 4.67 -20.70
N PHE A 192 0.77 4.29 -21.20
CA PHE A 192 -0.47 4.39 -20.47
C PHE A 192 -1.06 3.01 -20.22
N PRO A 193 -0.57 2.27 -19.23
CA PRO A 193 -1.09 0.90 -19.00
C PRO A 193 -2.55 0.93 -18.58
N SER A 194 -3.27 -0.10 -18.97
CA SER A 194 -4.68 -0.24 -18.61
C SER A 194 -4.89 -0.86 -17.24
N ASN A 195 -3.84 -1.37 -16.60
CA ASN A 195 -3.96 -2.00 -15.29
C ASN A 195 -2.65 -1.80 -14.54
N LEU A 196 -2.71 -1.13 -13.38
CA LEU A 196 -1.50 -0.85 -12.62
C LEU A 196 -0.88 -2.12 -12.06
N VAL A 197 -1.70 -3.05 -11.57
CA VAL A 197 -1.17 -4.27 -10.98
C VAL A 197 -0.50 -5.15 -12.04
N SER A 198 -1.12 -5.25 -13.22
CA SER A 198 -0.54 -6.03 -14.30
C SER A 198 0.77 -5.43 -14.80
N ALA A 199 0.88 -4.09 -14.80
CA ALA A 199 2.11 -3.46 -15.28
C ALA A 199 3.33 -3.82 -14.46
N ALA A 200 3.13 -4.28 -13.21
CA ALA A 200 4.24 -4.70 -12.38
C ALA A 200 4.96 -5.93 -12.94
N PHE A 201 4.30 -6.75 -13.76
CA PHE A 201 4.95 -7.92 -14.31
C PHE A 201 4.63 -8.19 -15.77
N ARG A 202 3.85 -7.36 -16.44
CA ARG A 202 3.49 -7.58 -17.83
C ARG A 202 3.52 -6.28 -18.61
N SER A 203 3.62 -6.41 -19.93
CA SER A 203 3.55 -5.26 -20.83
C SER A 203 2.84 -5.67 -22.10
N TYR A 204 2.24 -4.68 -22.77
CA TYR A 204 1.49 -4.93 -23.99
C TYR A 204 2.43 -5.14 -25.17
N SER A 205 2.11 -6.13 -26.00
CA SER A 205 2.85 -6.40 -27.23
C SER A 205 1.87 -6.82 -28.33
N THR A 206 2.20 -6.45 -29.55
CA THR A 206 1.41 -6.78 -30.73
C THR A 206 2.15 -7.80 -31.59
N THR A 207 1.49 -8.91 -31.87
CA THR A 207 1.92 -9.85 -32.90
C THR A 207 0.91 -9.79 -34.05
N TYR A 208 1.14 -10.61 -35.07
CA TYR A 208 0.30 -10.58 -36.26
C TYR A 208 -0.24 -11.98 -36.55
N GLU A 209 -1.50 -12.05 -36.93
CA GLU A 209 -2.11 -13.29 -37.37
C GLU A 209 -2.62 -13.13 -38.80
N GLU A 210 -2.47 -14.18 -39.60
CA GLU A 210 -2.79 -14.14 -41.02
C GLU A 210 -4.22 -14.63 -41.21
N ARG A 211 -5.10 -13.75 -41.69
CA ARG A 211 -6.49 -14.11 -41.95
C ARG A 211 -6.72 -14.35 -43.44
N LYS A 219 -1.85 -9.66 -42.88
CA LYS A 219 -1.66 -9.96 -41.47
C LYS A 219 -2.30 -8.88 -40.60
N VAL A 220 -3.31 -9.25 -39.83
CA VAL A 220 -3.93 -8.30 -38.92
C VAL A 220 -3.18 -8.33 -37.59
N PRO A 221 -2.88 -7.17 -37.01
CA PRO A 221 -2.22 -7.14 -35.70
C PRO A 221 -3.20 -7.43 -34.58
N VAL A 222 -2.84 -8.39 -33.74
CA VAL A 222 -3.53 -8.66 -32.49
C VAL A 222 -2.53 -8.47 -31.36
N GLY A 223 -2.98 -7.84 -30.27
CA GLY A 223 -2.09 -7.56 -29.16
C GLY A 223 -2.63 -8.12 -27.87
N GLN A 224 -1.72 -8.29 -26.92
CA GLN A 224 -2.08 -8.77 -25.59
C GLN A 224 -0.93 -8.45 -24.64
N GLU A 225 -1.16 -8.73 -23.37
CA GLU A 225 -0.15 -8.51 -22.34
C GLU A 225 0.73 -9.75 -22.21
N VAL A 226 2.04 -9.56 -22.35
CA VAL A 226 3.03 -10.62 -22.29
C VAL A 226 3.94 -10.36 -21.10
N GLU A 227 4.71 -11.38 -20.74
CA GLU A 227 5.59 -11.29 -19.58
C GLU A 227 6.65 -10.22 -19.77
N GLY A 228 7.05 -9.61 -18.67
CA GLY A 228 7.98 -8.49 -18.69
C GLY A 228 7.41 -7.23 -18.10
N MET A 229 7.98 -6.80 -16.97
CA MET A 229 7.49 -5.66 -16.21
C MET A 229 7.48 -4.39 -17.05
N ASN A 230 6.36 -3.67 -17.01
CA ASN A 230 6.18 -2.44 -17.78
C ASN A 230 6.80 -1.27 -17.01
N ILE A 231 8.13 -1.16 -17.15
CA ILE A 231 8.88 -0.15 -16.40
C ILE A 231 8.50 1.25 -16.85
N LEU A 232 8.32 1.45 -18.17
CA LEU A 232 7.95 2.77 -18.67
C LEU A 232 6.59 3.20 -18.14
N GLY A 233 5.62 2.29 -18.15
CA GLY A 233 4.30 2.63 -17.61
C GLY A 233 4.34 2.95 -16.13
N LEU A 234 5.13 2.19 -15.36
CA LEU A 234 5.27 2.46 -13.94
C LEU A 234 5.94 3.81 -13.70
N VAL A 235 6.95 4.15 -14.50
CA VAL A 235 7.62 5.43 -14.38
C VAL A 235 6.64 6.58 -14.65
N VAL A 236 5.87 6.46 -15.72
CA VAL A 236 4.92 7.51 -16.08
C VAL A 236 3.85 7.65 -15.00
N PHE A 237 3.32 6.53 -14.51
CA PHE A 237 2.30 6.61 -13.47
C PHE A 237 2.86 7.24 -12.20
N ALA A 238 4.07 6.85 -11.80
CA ALA A 238 4.67 7.40 -10.58
C ALA A 238 4.87 8.90 -10.72
N ILE A 239 5.31 9.36 -11.89
CA ILE A 239 5.46 10.80 -12.09
C ILE A 239 4.12 11.51 -12.01
N VAL A 240 3.08 10.96 -12.64
CA VAL A 240 1.80 11.67 -12.67
C VAL A 240 1.15 11.67 -11.28
N PHE A 241 1.31 10.57 -10.53
CA PHE A 241 0.82 10.50 -9.17
C PHE A 241 1.57 11.46 -8.25
N GLY A 242 2.89 11.58 -8.43
CA GLY A 242 3.64 12.56 -7.66
C GLY A 242 3.22 13.99 -7.98
N VAL A 243 2.92 14.26 -9.25
CA VAL A 243 2.43 15.58 -9.63
C VAL A 243 1.06 15.85 -9.02
N ALA A 244 0.20 14.83 -8.93
CA ALA A 244 -1.08 15.01 -8.25
C ALA A 244 -0.87 15.28 -6.77
N LEU A 245 0.07 14.60 -6.14
CA LEU A 245 0.38 14.86 -4.73
C LEU A 245 0.94 16.27 -4.54
N ARG A 246 1.74 16.74 -5.48
CA ARG A 246 2.23 18.11 -5.45
C ARG A 246 1.09 19.12 -5.49
N LYS A 247 0.06 18.87 -6.30
CA LYS A 247 -1.12 19.72 -6.33
C LYS A 247 -1.92 19.64 -5.03
N LEU A 248 -2.04 18.46 -4.44
CA LEU A 248 -2.71 18.35 -3.14
C LEU A 248 -1.97 19.10 -2.04
N GLY A 249 -0.63 19.17 -2.11
CA GLY A 249 0.15 19.93 -1.17
C GLY A 249 0.12 19.38 0.24
N PRO A 250 -0.30 20.21 1.21
CA PRO A 250 -0.43 19.73 2.59
C PRO A 250 -1.38 18.56 2.74
N GLU A 251 -2.33 18.44 1.82
CA GLU A 251 -3.30 17.35 1.87
C GLU A 251 -2.73 16.02 1.40
N GLY A 252 -1.61 16.02 0.67
CA GLY A 252 -0.98 14.79 0.24
C GLY A 252 0.16 14.37 1.13
N GLU A 253 0.21 14.95 2.33
CA GLU A 253 1.36 14.80 3.21
C GLU A 253 1.55 13.35 3.64
N LEU A 254 0.46 12.66 3.99
CA LEU A 254 0.56 11.29 4.45
C LEU A 254 1.10 10.38 3.36
N LEU A 255 0.63 10.54 2.12
CA LEU A 255 1.13 9.72 1.02
C LEU A 255 2.59 10.04 0.71
N ILE A 256 2.96 11.32 0.77
CA ILE A 256 4.35 11.70 0.54
C ILE A 256 5.27 11.04 1.56
N ARG A 257 4.88 11.08 2.84
CA ARG A 257 5.66 10.41 3.88
C ARG A 257 5.70 8.90 3.68
N PHE A 258 4.57 8.30 3.30
CA PHE A 258 4.51 6.86 3.12
C PHE A 258 5.48 6.39 2.04
N PHE A 259 5.46 7.07 0.89
CA PHE A 259 6.35 6.65 -0.21
C PHE A 259 7.80 7.00 0.08
N ASN A 260 8.06 8.10 0.80
CA ASN A 260 9.43 8.41 1.20
C ASN A 260 10.00 7.32 2.10
N SER A 261 9.20 6.86 3.08
CA SER A 261 9.71 5.84 4.00
C SER A 261 9.83 4.47 3.34
N PHE A 262 8.91 4.14 2.42
CA PHE A 262 9.09 2.93 1.64
C PHE A 262 10.36 2.98 0.81
N ASN A 263 10.67 4.14 0.22
CA ASN A 263 11.91 4.29 -0.52
C ASN A 263 13.14 4.10 0.38
N GLU A 264 13.10 4.63 1.60
CA GLU A 264 14.23 4.44 2.52
C GLU A 264 14.44 2.97 2.89
N ALA A 265 13.34 2.25 3.18
CA ALA A 265 13.48 0.82 3.48
C ALA A 265 14.02 0.06 2.28
N THR A 266 13.53 0.39 1.08
CA THR A 266 14.05 -0.24 -0.13
C THR A 266 15.54 0.05 -0.30
N MET A 267 15.98 1.26 0.05
CA MET A 267 17.40 1.59 -0.06
C MET A 267 18.25 0.78 0.93
N VAL A 268 17.73 0.49 2.11
CA VAL A 268 18.42 -0.41 3.03
C VAL A 268 18.59 -1.79 2.39
N LEU A 269 17.50 -2.31 1.80
CA LEU A 269 17.61 -3.59 1.10
C LEU A 269 18.62 -3.52 -0.04
N VAL A 270 18.67 -2.39 -0.74
CA VAL A 270 19.60 -2.22 -1.86
C VAL A 270 21.04 -2.28 -1.37
N SER A 271 21.33 -1.66 -0.23
CA SER A 271 22.68 -1.73 0.31
C SER A 271 23.06 -3.16 0.69
N TRP A 272 22.11 -3.91 1.27
CA TRP A 272 22.39 -5.31 1.58
C TRP A 272 22.66 -6.12 0.31
N ILE A 273 21.87 -5.89 -0.74
CA ILE A 273 22.07 -6.58 -2.01
C ILE A 273 23.42 -6.23 -2.61
N MET A 274 23.82 -4.96 -2.51
CA MET A 274 25.13 -4.55 -3.00
C MET A 274 26.26 -5.21 -2.22
N TRP A 275 26.08 -5.44 -0.92
CA TRP A 275 27.08 -6.20 -0.18
C TRP A 275 27.16 -7.65 -0.66
N TYR A 276 26.04 -8.24 -1.05
CA TYR A 276 26.11 -9.57 -1.65
C TYR A 276 26.70 -9.56 -3.06
N ALA A 277 26.60 -8.44 -3.78
CA ALA A 277 26.86 -8.40 -5.21
C ALA A 277 28.18 -8.99 -5.68
N PRO A 278 29.33 -8.78 -5.03
CA PRO A 278 30.59 -9.34 -5.58
C PRO A 278 30.57 -10.84 -5.82
N VAL A 279 29.93 -11.60 -4.92
CA VAL A 279 29.84 -13.05 -5.09
C VAL A 279 29.07 -13.39 -6.37
N GLY A 280 27.94 -12.71 -6.59
CA GLY A 280 27.18 -12.95 -7.82
C GLY A 280 27.92 -12.52 -9.06
N ILE A 281 28.63 -11.39 -8.99
CA ILE A 281 29.37 -10.88 -10.14
C ILE A 281 30.49 -11.83 -10.53
N MET A 282 31.18 -12.41 -9.56
CA MET A 282 32.26 -13.34 -9.87
C MET A 282 31.75 -14.52 -10.71
N PHE A 283 30.62 -15.09 -10.33
CA PHE A 283 30.05 -16.21 -11.06
C PHE A 283 29.41 -15.79 -12.38
N LEU A 284 28.84 -14.59 -12.46
CA LEU A 284 28.38 -14.09 -13.76
C LEU A 284 29.54 -14.00 -14.74
N VAL A 285 30.67 -13.45 -14.29
CA VAL A 285 31.85 -13.33 -15.14
C VAL A 285 32.39 -14.70 -15.51
N ALA A 286 32.46 -15.63 -14.54
CA ALA A 286 32.96 -16.97 -14.83
C ALA A 286 32.08 -17.69 -15.84
N GLY A 287 30.76 -17.61 -15.68
CA GLY A 287 29.85 -18.21 -16.65
C GLY A 287 29.92 -17.61 -18.02
N LYS A 288 30.15 -16.29 -18.12
CA LYS A 288 30.34 -15.68 -19.42
C LYS A 288 31.64 -16.11 -20.07
N ILE A 289 32.72 -16.20 -19.29
CA ILE A 289 34.02 -16.59 -19.84
C ILE A 289 33.99 -18.04 -20.32
N VAL A 290 33.31 -18.91 -19.58
CA VAL A 290 33.27 -20.32 -19.95
C VAL A 290 32.58 -20.51 -21.30
N GLU A 291 31.48 -19.79 -21.54
CA GLU A 291 30.74 -19.95 -22.79
C GLU A 291 31.54 -19.49 -24.00
N MET A 292 32.26 -18.39 -23.89
CA MET A 292 32.91 -17.79 -25.05
C MET A 292 34.11 -18.62 -25.50
N GLU A 293 34.33 -18.64 -26.81
CA GLU A 293 35.54 -19.26 -27.36
C GLU A 293 36.68 -18.25 -27.42
N ASP A 294 36.45 -17.11 -28.07
CA ASP A 294 37.46 -16.06 -28.21
C ASP A 294 37.28 -15.04 -27.09
N VAL A 295 38.17 -15.08 -26.10
CA VAL A 295 38.15 -14.08 -25.03
C VAL A 295 38.89 -12.81 -25.43
N GLY A 296 39.87 -12.90 -26.32
CA GLY A 296 40.60 -11.72 -26.75
C GLY A 296 39.77 -10.70 -27.51
N LEU A 297 38.76 -11.15 -28.25
CA LEU A 297 37.85 -10.23 -28.93
C LEU A 297 37.01 -9.41 -27.96
N LEU A 298 36.60 -10.01 -26.84
CA LEU A 298 35.86 -9.29 -25.82
C LEU A 298 36.64 -8.10 -25.27
N PHE A 299 37.95 -8.24 -25.09
CA PHE A 299 38.77 -7.12 -24.64
C PHE A 299 38.87 -6.00 -25.66
N ALA A 300 38.96 -6.31 -26.95
CA ALA A 300 38.89 -5.27 -27.97
C ALA A 300 37.55 -4.56 -27.99
N ARG A 301 36.44 -5.31 -27.84
CA ARG A 301 35.14 -4.67 -27.76
C ARG A 301 35.02 -3.78 -26.53
N LEU A 302 35.55 -4.24 -25.39
CA LEU A 302 35.59 -3.43 -24.18
C LEU A 302 36.41 -2.16 -24.38
N GLY A 303 37.54 -2.26 -25.07
CA GLY A 303 38.34 -1.08 -25.37
C GLY A 303 37.63 -0.10 -26.27
N LYS A 304 36.89 -0.59 -27.26
CA LYS A 304 36.08 0.31 -28.09
C LYS A 304 34.97 0.97 -27.31
N TYR A 305 34.36 0.25 -26.35
CA TYR A 305 33.32 0.86 -25.52
C TYR A 305 33.88 2.01 -24.69
N ILE A 306 35.08 1.84 -24.13
CA ILE A 306 35.71 2.92 -23.37
C ILE A 306 35.97 4.12 -24.27
N LEU A 307 36.46 3.87 -25.48
CA LEU A 307 36.72 4.96 -26.41
C LEU A 307 35.44 5.72 -26.74
N CYS A 308 34.34 4.99 -26.97
CA CYS A 308 33.06 5.63 -27.24
C CYS A 308 32.61 6.49 -26.07
N CYS A 309 32.71 5.96 -24.85
CA CYS A 309 32.29 6.72 -23.67
C CYS A 309 33.13 7.98 -23.49
N LEU A 310 34.46 7.84 -23.60
CA LEU A 310 35.34 8.98 -23.40
C LEU A 310 35.16 10.03 -24.50
N LEU A 311 34.97 9.58 -25.74
CA LEU A 311 34.73 10.52 -26.83
C LEU A 311 33.43 11.28 -26.63
N GLY A 312 32.38 10.59 -26.19
CA GLY A 312 31.14 11.28 -25.87
C GLY A 312 31.33 12.31 -24.78
N HIS A 313 32.06 11.95 -23.71
CA HIS A 313 32.32 12.90 -22.64
C HIS A 313 33.09 14.11 -23.14
N ALA A 314 34.12 13.88 -23.95
CA ALA A 314 34.91 14.99 -24.47
C ALA A 314 34.09 15.90 -25.37
N ILE A 315 33.25 15.33 -26.24
CA ILE A 315 32.44 16.14 -27.13
C ILE A 315 31.42 16.95 -26.34
N HIS A 316 30.76 16.31 -25.36
CA HIS A 316 29.76 17.02 -24.56
C HIS A 316 30.40 18.12 -23.73
N GLY A 317 31.56 17.87 -23.15
CA GLY A 317 32.16 18.82 -22.24
C GLY A 317 33.02 19.89 -22.88
N LEU A 318 33.47 19.68 -24.12
CA LEU A 318 34.30 20.66 -24.79
C LEU A 318 33.62 21.35 -25.96
N LEU A 319 32.53 20.80 -26.48
CA LEU A 319 31.85 21.38 -27.62
C LEU A 319 30.41 21.78 -27.31
N VAL A 320 29.60 20.86 -26.80
CA VAL A 320 28.17 21.10 -26.68
C VAL A 320 27.87 22.08 -25.56
N LEU A 321 28.33 21.77 -24.35
CA LEU A 321 28.10 22.67 -23.22
C LEU A 321 28.73 24.04 -23.41
N PRO A 322 29.99 24.17 -23.86
CA PRO A 322 30.49 25.52 -24.17
C PRO A 322 29.70 26.23 -25.24
N LEU A 323 29.18 25.51 -26.24
CA LEU A 323 28.35 26.16 -27.26
C LEU A 323 27.07 26.70 -26.65
N ILE A 324 26.41 25.93 -25.78
CA ILE A 324 25.19 26.42 -25.13
C ILE A 324 25.51 27.64 -24.28
N TYR A 325 26.60 27.58 -23.52
CA TYR A 325 26.96 28.71 -22.67
C TYR A 325 27.24 29.96 -23.50
N PHE A 326 27.96 29.81 -24.61
CA PHE A 326 28.24 30.97 -25.46
C PHE A 326 26.98 31.51 -26.11
N LEU A 327 26.07 30.62 -26.54
CA LEU A 327 24.84 31.07 -27.18
C LEU A 327 23.98 31.86 -26.22
N PHE A 328 23.90 31.43 -24.95
CA PHE A 328 23.10 32.16 -23.99
C PHE A 328 23.85 33.32 -23.33
N THR A 329 25.16 33.40 -23.49
CA THR A 329 25.98 34.32 -22.72
C THR A 329 26.87 35.22 -23.55
N ARG A 330 27.30 34.77 -24.74
CA ARG A 330 28.12 35.57 -25.65
C ARG A 330 29.45 35.98 -25.04
N LYS A 331 30.04 35.11 -24.22
CA LYS A 331 31.42 35.26 -23.79
C LYS A 331 32.12 33.91 -23.83
N ASN A 332 33.41 33.92 -23.52
CA ASN A 332 34.24 32.74 -23.67
C ASN A 332 33.87 31.68 -22.65
N PRO A 333 33.44 30.49 -23.07
CA PRO A 333 33.16 29.43 -22.09
C PRO A 333 34.42 28.80 -21.53
N TYR A 334 35.53 28.85 -22.27
CA TYR A 334 36.76 28.25 -21.82
C TYR A 334 37.45 29.07 -20.75
N ARG A 335 37.21 30.37 -20.69
CA ARG A 335 37.64 31.14 -19.52
C ARG A 335 36.90 30.68 -18.26
N PHE A 336 35.59 30.47 -18.38
CA PHE A 336 34.82 29.93 -17.26
C PHE A 336 35.31 28.56 -16.85
N LEU A 337 35.62 27.70 -17.82
CA LEU A 337 36.15 26.37 -17.49
C LEU A 337 37.53 26.45 -16.86
N TRP A 338 38.36 27.39 -17.32
CA TRP A 338 39.64 27.62 -16.65
C TRP A 338 39.44 28.09 -15.22
N GLY A 339 38.32 28.75 -14.94
CA GLY A 339 38.03 29.15 -13.57
C GLY A 339 37.77 27.97 -12.64
N ILE A 340 37.43 26.81 -13.20
CA ILE A 340 37.06 25.65 -12.39
C ILE A 340 37.95 24.45 -12.66
N VAL A 341 39.21 24.66 -13.06
CA VAL A 341 40.08 23.53 -13.39
C VAL A 341 40.35 22.68 -12.16
N THR A 342 40.61 23.30 -11.02
CA THR A 342 40.89 22.54 -9.80
C THR A 342 39.71 21.70 -9.33
N PRO A 343 38.47 22.20 -9.29
CA PRO A 343 37.36 21.28 -9.00
C PRO A 343 37.21 20.15 -10.01
N LEU A 344 37.49 20.40 -11.29
CA LEU A 344 37.42 19.34 -12.27
C LEU A 344 38.47 18.27 -12.00
N ALA A 345 39.68 18.69 -11.64
CA ALA A 345 40.73 17.74 -11.26
C ALA A 345 40.34 16.94 -10.03
N THR A 346 39.73 17.59 -9.04
CA THR A 346 39.20 16.89 -7.88
C THR A 346 38.10 15.90 -8.24
N ALA A 347 37.21 16.27 -9.16
CA ALA A 347 36.16 15.35 -9.61
C ALA A 347 36.75 14.13 -10.28
N PHE A 348 37.78 14.32 -11.11
CA PHE A 348 38.45 13.18 -11.71
C PHE A 348 39.13 12.32 -10.66
N GLY A 349 39.85 12.95 -9.73
CA GLY A 349 40.62 12.18 -8.77
C GLY A 349 39.76 11.39 -7.81
N THR A 350 38.72 12.02 -7.28
CA THR A 350 37.89 11.37 -6.27
C THR A 350 36.74 10.56 -6.86
N SER A 351 36.37 10.83 -8.11
CA SER A 351 35.22 10.21 -8.77
C SER A 351 33.92 10.47 -8.00
N SER A 352 33.84 11.61 -7.34
CA SER A 352 32.69 11.93 -6.51
C SER A 352 32.29 13.38 -6.72
N SER A 353 31.00 13.60 -6.96
CA SER A 353 30.47 14.95 -7.07
C SER A 353 30.30 15.64 -5.72
N SER A 354 29.96 14.88 -4.68
CA SER A 354 29.80 15.46 -3.35
C SER A 354 31.10 16.01 -2.82
N ALA A 355 32.22 15.29 -3.03
CA ALA A 355 33.53 15.76 -2.61
C ALA A 355 34.04 16.93 -3.44
N THR A 356 33.45 17.18 -4.60
CA THR A 356 33.82 18.29 -5.46
C THR A 356 33.03 19.56 -5.17
N LEU A 357 31.85 19.43 -4.55
CA LEU A 357 30.93 20.55 -4.41
C LEU A 357 31.50 21.74 -3.65
N PRO A 358 32.16 21.58 -2.48
CA PRO A 358 32.65 22.77 -1.78
C PRO A 358 33.68 23.56 -2.57
N LEU A 359 34.68 22.88 -3.11
CA LEU A 359 35.69 23.56 -3.92
C LEU A 359 35.07 24.13 -5.19
N MET A 360 34.08 23.45 -5.75
CA MET A 360 33.40 23.97 -6.93
C MET A 360 32.67 25.27 -6.61
N MET A 361 31.93 25.32 -5.50
CA MET A 361 31.26 26.55 -5.13
C MET A 361 32.26 27.68 -4.90
N LYS A 362 33.34 27.38 -4.18
CA LYS A 362 34.34 28.41 -3.90
C LYS A 362 34.95 28.94 -5.20
N CYS A 363 35.34 28.05 -6.11
CA CYS A 363 35.98 28.47 -7.35
C CYS A 363 35.01 29.24 -8.24
N VAL A 364 33.77 28.77 -8.38
CA VAL A 364 32.80 29.48 -9.20
C VAL A 364 32.58 30.88 -8.66
N GLU A 365 32.33 31.01 -7.35
CA GLU A 365 32.08 32.32 -6.76
C GLU A 365 33.28 33.25 -6.90
N GLU A 366 34.49 32.76 -6.63
CA GLU A 366 35.66 33.65 -6.62
C GLU A 366 36.14 33.94 -8.03
N ASN A 367 36.52 32.91 -8.78
CA ASN A 367 37.09 33.12 -10.10
C ASN A 367 36.04 33.60 -11.11
N ASN A 368 34.86 32.99 -11.12
CA ASN A 368 33.90 33.26 -12.18
C ASN A 368 32.89 34.34 -11.82
N GLY A 369 32.91 34.86 -10.59
CA GLY A 369 32.04 35.94 -10.20
C GLY A 369 30.56 35.62 -10.22
N VAL A 370 30.20 34.45 -9.68
CA VAL A 370 28.80 34.05 -9.57
C VAL A 370 28.33 34.34 -8.15
N ALA A 371 27.19 35.01 -8.03
CA ALA A 371 26.69 35.40 -6.73
C ALA A 371 26.38 34.19 -5.87
N LYS A 372 26.60 34.33 -4.56
CA LYS A 372 26.42 33.21 -3.65
C LYS A 372 24.97 32.73 -3.61
N HIS A 373 24.00 33.62 -3.78
CA HIS A 373 22.61 33.20 -3.79
C HIS A 373 22.26 32.35 -5.00
N ILE A 374 23.09 32.35 -6.03
CA ILE A 374 22.93 31.43 -7.16
C ILE A 374 23.75 30.17 -6.98
N SER A 375 25.04 30.31 -6.63
CA SER A 375 25.89 29.12 -6.50
C SER A 375 25.42 28.22 -5.37
N ARG A 376 25.23 28.77 -4.17
CA ARG A 376 24.87 28.01 -2.98
C ARG A 376 23.47 27.42 -3.05
N PHE A 377 22.71 27.74 -4.08
CA PHE A 377 21.42 27.12 -4.34
C PHE A 377 21.46 26.13 -5.50
N ILE A 378 22.02 26.54 -6.64
CA ILE A 378 21.97 25.72 -7.85
C ILE A 378 23.00 24.59 -7.78
N LEU A 379 24.24 24.91 -7.42
CA LEU A 379 25.28 23.88 -7.45
C LEU A 379 24.99 22.68 -6.55
N PRO A 380 24.51 22.84 -5.32
CA PRO A 380 24.13 21.65 -4.54
C PRO A 380 23.05 20.81 -5.18
N ILE A 381 22.07 21.43 -5.86
CA ILE A 381 21.02 20.66 -6.50
C ILE A 381 21.58 19.91 -7.72
N GLY A 382 22.39 20.58 -8.53
CA GLY A 382 23.00 19.95 -9.68
C GLY A 382 24.01 18.89 -9.34
N ALA A 383 24.61 18.96 -8.15
CA ALA A 383 25.53 17.92 -7.72
C ALA A 383 24.83 16.57 -7.59
N THR A 384 23.54 16.59 -7.33
CA THR A 384 22.75 15.37 -7.18
C THR A 384 21.90 15.04 -8.40
N VAL A 385 21.24 16.02 -9.01
CA VAL A 385 20.23 15.74 -10.02
C VAL A 385 20.72 15.86 -11.46
N ASN A 386 21.78 16.61 -11.71
CA ASN A 386 22.25 16.90 -13.06
C ASN A 386 23.52 16.08 -13.33
N MET A 387 23.38 15.00 -14.11
CA MET A 387 24.47 14.09 -14.40
C MET A 387 24.49 13.77 -15.90
N ASP A 388 25.17 14.61 -16.66
CA ASP A 388 25.28 14.37 -18.10
C ASP A 388 26.21 13.22 -18.41
N GLY A 389 27.33 13.12 -17.67
CA GLY A 389 28.27 12.04 -17.89
C GLY A 389 27.66 10.67 -17.61
N ALA A 390 26.91 10.56 -16.52
CA ALA A 390 26.26 9.30 -16.19
C ALA A 390 25.26 8.90 -17.27
N ALA A 391 24.48 9.87 -17.77
CA ALA A 391 23.50 9.58 -18.80
C ALA A 391 24.17 9.14 -20.11
N LEU A 392 25.23 9.84 -20.53
CA LEU A 392 25.94 9.46 -21.74
C LEU A 392 26.55 8.07 -21.60
N PHE A 393 27.20 7.80 -20.47
CA PHE A 393 27.76 6.48 -20.22
C PHE A 393 26.69 5.40 -20.24
N GLN A 394 25.53 5.64 -19.60
CA GLN A 394 24.49 4.64 -19.55
C GLN A 394 23.90 4.35 -20.92
N CYS A 395 23.69 5.37 -21.74
CA CYS A 395 23.19 5.14 -23.09
C CYS A 395 24.21 4.40 -23.95
N VAL A 396 25.48 4.79 -23.87
CA VAL A 396 26.52 4.07 -24.60
C VAL A 396 26.57 2.61 -24.17
N ALA A 397 26.48 2.36 -22.87
CA ALA A 397 26.52 1.00 -22.35
C ALA A 397 25.32 0.19 -22.82
N ALA A 398 24.14 0.81 -22.85
CA ALA A 398 22.95 0.09 -23.31
C ALA A 398 23.08 -0.30 -24.77
N VAL A 399 23.54 0.61 -25.63
CA VAL A 399 23.70 0.28 -27.04
C VAL A 399 24.82 -0.75 -27.22
N PHE A 400 25.89 -0.64 -26.44
CA PHE A 400 26.99 -1.59 -26.50
C PHE A 400 26.53 -2.99 -26.13
N ILE A 401 25.73 -3.11 -25.08
CA ILE A 401 25.23 -4.41 -24.66
C ILE A 401 24.24 -4.96 -25.68
N ALA A 402 23.43 -4.10 -26.28
CA ALA A 402 22.53 -4.54 -27.33
C ALA A 402 23.31 -5.10 -28.52
N GLN A 403 24.40 -4.44 -28.91
CA GLN A 403 25.25 -4.94 -29.98
C GLN A 403 26.01 -6.21 -29.61
N LEU A 404 26.40 -6.37 -28.34
CA LEU A 404 27.02 -7.60 -27.89
C LEU A 404 26.09 -8.80 -27.90
N SER A 405 24.79 -8.57 -27.71
CA SER A 405 23.80 -9.62 -27.64
C SER A 405 23.10 -9.86 -28.96
N GLN A 406 23.54 -9.22 -30.03
CA GLN A 406 22.94 -9.34 -31.37
C GLN A 406 21.46 -8.97 -31.35
N GLN A 407 21.06 -8.16 -30.38
CA GLN A 407 19.72 -7.59 -30.37
C GLN A 407 19.67 -6.35 -31.26
N SER A 408 18.48 -6.06 -31.76
CA SER A 408 18.27 -4.91 -32.62
C SER A 408 17.55 -3.82 -31.85
N LEU A 409 18.08 -2.60 -31.92
CA LEU A 409 17.48 -1.44 -31.28
C LEU A 409 16.72 -0.65 -32.35
N ASP A 410 15.40 -0.70 -32.29
CA ASP A 410 14.56 0.13 -33.14
C ASP A 410 14.29 1.45 -32.42
N PHE A 411 13.49 2.30 -33.06
CA PHE A 411 13.20 3.63 -32.51
C PHE A 411 12.48 3.56 -31.17
N VAL A 412 11.59 2.58 -30.98
CA VAL A 412 10.89 2.48 -29.70
C VAL A 412 11.87 2.18 -28.57
N LYS A 413 12.79 1.24 -28.77
CA LYS A 413 13.77 0.93 -27.75
C LYS A 413 14.74 2.08 -27.51
N ILE A 414 15.11 2.82 -28.55
CA ILE A 414 15.96 4.00 -28.36
C ILE A 414 15.24 5.08 -27.56
N ILE A 415 13.96 5.30 -27.84
CA ILE A 415 13.17 6.26 -27.07
C ILE A 415 13.09 5.82 -25.61
N THR A 416 12.85 4.53 -25.38
CA THR A 416 12.79 4.03 -24.01
C THR A 416 14.13 4.20 -23.30
N ILE A 417 15.24 3.94 -24.01
CA ILE A 417 16.56 4.12 -23.44
C ILE A 417 16.77 5.57 -23.03
N LEU A 418 16.43 6.50 -23.93
CA LEU A 418 16.62 7.92 -23.63
C LEU A 418 15.78 8.36 -22.43
N VAL A 419 14.51 7.96 -22.39
CA VAL A 419 13.63 8.39 -21.30
C VAL A 419 14.08 7.80 -19.97
N THR A 420 14.33 6.49 -19.93
CA THR A 420 14.76 5.86 -18.69
C THR A 420 16.10 6.38 -18.24
N ALA A 421 17.01 6.68 -19.19
CA ALA A 421 18.32 7.22 -18.82
C ALA A 421 18.20 8.63 -18.28
N THR A 422 17.34 9.46 -18.88
CA THR A 422 17.15 10.81 -18.37
C THR A 422 16.58 10.79 -16.96
N ALA A 423 15.64 9.88 -16.69
CA ALA A 423 15.16 9.75 -15.32
C ALA A 423 16.24 9.19 -14.39
N SER A 424 17.04 8.24 -14.86
CA SER A 424 17.95 7.52 -14.00
C SER A 424 19.19 8.33 -13.64
N SER A 425 19.69 9.14 -14.57
CA SER A 425 20.80 10.04 -14.24
C SER A 425 20.39 11.06 -13.20
N VAL A 426 19.12 11.47 -13.20
CA VAL A 426 18.60 12.25 -12.09
C VAL A 426 18.59 11.40 -10.82
N GLY A 427 18.17 10.15 -10.94
CA GLY A 427 18.15 9.25 -9.80
C GLY A 427 19.49 8.66 -9.38
N ALA A 428 20.53 8.83 -10.20
CA ALA A 428 21.84 8.27 -9.86
C ALA A 428 22.49 9.07 -8.72
N ALA A 429 23.41 8.42 -8.03
CA ALA A 429 24.06 9.00 -6.86
C ALA A 429 25.40 9.62 -7.22
N GLY A 430 25.76 10.67 -6.49
CA GLY A 430 27.02 11.36 -6.71
C GLY A 430 28.20 10.68 -6.04
N ILE A 431 28.27 9.36 -6.17
CA ILE A 431 29.30 8.53 -5.56
C ILE A 431 29.97 7.72 -6.65
N PRO A 432 31.15 7.15 -6.37
CA PRO A 432 31.77 6.24 -7.35
C PRO A 432 30.82 5.10 -7.71
N ALA A 433 30.75 4.81 -9.01
CA ALA A 433 29.86 3.80 -9.58
C ALA A 433 28.39 4.04 -9.25
N GLY A 434 27.95 5.30 -9.25
CA GLY A 434 26.58 5.60 -8.87
C GLY A 434 25.55 5.19 -9.92
N GLY A 435 25.98 5.08 -11.17
CA GLY A 435 25.05 4.82 -12.26
C GLY A 435 24.86 3.38 -12.66
N VAL A 436 25.45 2.42 -11.95
CA VAL A 436 25.36 1.02 -12.38
C VAL A 436 23.96 0.46 -12.18
N LEU A 437 23.34 0.73 -11.02
CA LEU A 437 22.01 0.24 -10.74
C LEU A 437 20.97 0.87 -11.66
N THR A 438 21.13 2.16 -11.95
CA THR A 438 20.26 2.81 -12.94
C THR A 438 20.44 2.19 -14.32
N LEU A 439 21.67 1.80 -14.65
CA LEU A 439 21.91 1.08 -15.91
C LEU A 439 21.17 -0.26 -15.92
N ALA A 440 21.16 -0.97 -14.80
CA ALA A 440 20.40 -2.22 -14.73
C ALA A 440 18.92 -1.95 -14.95
N ILE A 441 18.41 -0.86 -14.38
CA ILE A 441 17.01 -0.49 -14.59
C ILE A 441 16.74 -0.20 -16.07
N ILE A 442 17.65 0.51 -16.75
CA ILE A 442 17.48 0.79 -18.17
C ILE A 442 17.45 -0.50 -18.98
N LEU A 443 18.40 -1.40 -18.72
CA LEU A 443 18.48 -2.65 -19.45
C LEU A 443 17.21 -3.48 -19.24
N GLU A 444 16.69 -3.52 -18.02
CA GLU A 444 15.43 -4.19 -17.77
C GLU A 444 14.27 -3.50 -18.49
N ALA A 445 14.34 -2.18 -18.62
CA ALA A 445 13.29 -1.45 -19.32
C ALA A 445 13.25 -1.79 -20.81
N VAL A 446 14.41 -2.06 -21.43
CA VAL A 446 14.43 -2.42 -22.84
C VAL A 446 14.67 -3.91 -23.06
N ASN A 447 14.48 -4.73 -22.03
CA ASN A 447 14.57 -6.19 -22.13
C ASN A 447 15.94 -6.65 -22.65
N LEU A 448 16.99 -5.96 -22.21
CA LEU A 448 18.35 -6.30 -22.57
C LEU A 448 18.99 -7.14 -21.46
N PRO A 449 20.00 -7.94 -21.79
CA PRO A 449 20.63 -8.80 -20.76
C PRO A 449 21.35 -7.97 -19.72
N VAL A 450 20.92 -8.12 -18.47
CA VAL A 450 21.56 -7.41 -17.36
C VAL A 450 22.90 -8.03 -16.98
N ASP A 451 23.08 -9.33 -17.23
CA ASP A 451 24.32 -9.99 -16.85
C ASP A 451 25.54 -9.46 -17.59
N HIS A 452 25.34 -8.73 -18.69
CA HIS A 452 26.45 -8.07 -19.36
C HIS A 452 27.01 -6.89 -18.59
N ILE A 453 26.29 -6.42 -17.56
CA ILE A 453 26.79 -5.32 -16.73
C ILE A 453 28.13 -5.66 -16.12
N SER A 454 28.37 -6.93 -15.80
CA SER A 454 29.64 -7.32 -15.22
C SER A 454 30.82 -6.96 -16.13
N LEU A 455 30.59 -6.85 -17.44
CA LEU A 455 31.63 -6.35 -18.33
C LEU A 455 31.87 -4.87 -18.11
N ILE A 456 30.80 -4.08 -18.06
CA ILE A 456 30.92 -2.64 -17.85
C ILE A 456 31.61 -2.36 -16.52
N LEU A 457 31.25 -3.11 -15.47
CA LEU A 457 31.88 -2.93 -14.17
C LEU A 457 33.38 -3.19 -14.21
N ALA A 458 33.87 -3.88 -15.24
CA ALA A 458 35.30 -4.11 -15.36
C ALA A 458 36.07 -2.81 -15.57
N VAL A 459 35.43 -1.78 -16.12
CA VAL A 459 36.15 -0.58 -16.50
C VAL A 459 35.56 0.68 -15.87
N ASP A 460 34.57 0.51 -14.99
CA ASP A 460 33.88 1.68 -14.44
C ASP A 460 34.84 2.59 -13.68
N TRP A 461 35.75 2.01 -12.89
CA TRP A 461 36.74 2.80 -12.16
C TRP A 461 37.41 3.84 -13.04
N LEU A 462 37.48 3.59 -14.35
CA LEU A 462 37.95 4.60 -15.27
C LEU A 462 36.79 5.46 -15.79
N VAL A 463 35.80 4.83 -16.40
CA VAL A 463 34.74 5.56 -17.07
C VAL A 463 34.01 6.46 -16.10
N ASP A 464 33.68 5.94 -14.92
CA ASP A 464 32.97 6.73 -13.92
C ASP A 464 33.71 8.02 -13.59
N ARG A 465 35.04 7.97 -13.52
CA ARG A 465 35.79 9.20 -13.23
C ARG A 465 35.54 10.24 -14.31
N SER A 466 35.61 9.84 -15.57
CA SER A 466 35.30 10.75 -16.66
C SER A 466 33.84 11.21 -16.59
N CYS A 467 32.96 10.38 -16.03
CA CYS A 467 31.58 10.82 -15.83
C CYS A 467 31.52 11.95 -14.83
N THR A 468 32.28 11.84 -13.73
CA THR A 468 32.17 12.82 -12.65
C THR A 468 32.55 14.21 -13.15
N VAL A 469 33.61 14.31 -13.96
CA VAL A 469 33.99 15.59 -14.54
C VAL A 469 32.84 16.18 -15.34
N LEU A 470 32.15 15.35 -16.10
CA LEU A 470 31.02 15.86 -16.86
C LEU A 470 29.81 16.12 -15.98
N ASN A 471 29.71 15.45 -14.84
CA ASN A 471 28.58 15.65 -13.95
C ASN A 471 28.65 17.00 -13.25
N VAL A 472 29.84 17.42 -12.84
CA VAL A 472 30.00 18.68 -12.10
C VAL A 472 30.23 19.88 -13.02
N GLU A 473 30.68 19.65 -14.25
CA GLU A 473 30.87 20.77 -15.18
C GLU A 473 29.54 21.41 -15.57
N GLY A 474 28.55 20.59 -15.92
CA GLY A 474 27.28 21.13 -16.39
C GLY A 474 26.57 21.96 -15.35
N ASP A 475 26.69 21.60 -14.08
CA ASP A 475 26.17 22.45 -13.02
C ASP A 475 26.85 23.82 -13.03
N ALA A 476 28.18 23.82 -13.11
CA ALA A 476 28.90 25.09 -13.04
C ALA A 476 28.51 26.01 -14.18
N LEU A 477 28.60 25.52 -15.41
CA LEU A 477 28.17 26.30 -16.57
C LEU A 477 26.70 26.67 -16.49
N GLY A 478 25.88 25.87 -15.80
CA GLY A 478 24.52 26.28 -15.55
C GLY A 478 24.45 27.51 -14.68
N ALA A 479 25.15 27.47 -13.53
CA ALA A 479 25.13 28.61 -12.63
C ALA A 479 25.67 29.86 -13.30
N GLY A 480 26.83 29.75 -13.96
CA GLY A 480 27.38 30.88 -14.69
C GLY A 480 26.44 31.39 -15.75
N LEU A 481 25.60 30.50 -16.31
CA LEU A 481 24.59 30.95 -17.24
C LEU A 481 23.54 31.81 -16.54
N LEU A 482 22.99 31.31 -15.43
CA LEU A 482 21.95 32.03 -14.72
C LEU A 482 22.46 33.38 -14.24
N GLN A 483 23.69 33.41 -13.70
CA GLN A 483 24.27 34.67 -13.25
C GLN A 483 24.23 35.71 -14.36
N ASN A 484 24.51 35.30 -15.60
CA ASN A 484 24.51 36.25 -16.71
C ASN A 484 23.15 36.92 -16.82
N TYR A 485 22.07 36.15 -16.73
CA TYR A 485 20.73 36.72 -16.79
C TYR A 485 20.54 37.72 -15.65
N VAL A 486 21.00 37.37 -14.45
CA VAL A 486 20.92 38.29 -13.32
C VAL A 486 21.71 39.56 -13.63
N ASP A 487 22.84 39.42 -14.33
CA ASP A 487 23.60 40.60 -14.72
C ASP A 487 22.87 41.40 -15.79
N ARG A 488 22.11 40.73 -16.67
CA ARG A 488 21.39 41.45 -17.70
C ARG A 488 20.13 42.11 -17.16
N THR A 489 19.52 41.51 -16.14
CA THR A 489 18.32 42.09 -15.53
C THR A 489 18.61 42.64 -14.14
N LEU B 49 -21.15 29.46 -20.13
CA LEU B 49 -20.30 28.62 -20.97
C LEU B 49 -19.19 27.98 -20.15
N ARG B 50 -18.41 28.81 -19.44
CA ARG B 50 -17.29 28.31 -18.66
C ARG B 50 -17.75 27.39 -17.53
N ALA B 51 -19.01 27.50 -17.10
CA ALA B 51 -19.51 26.63 -16.04
C ALA B 51 -19.70 25.20 -16.54
N ASN B 52 -20.26 25.05 -17.74
CA ASN B 52 -20.50 23.74 -18.35
C ASN B 52 -19.60 23.52 -19.56
N LEU B 53 -18.33 23.94 -19.48
CA LEU B 53 -17.43 23.83 -20.62
C LEU B 53 -17.19 22.38 -21.01
N LEU B 54 -17.04 21.49 -20.03
CA LEU B 54 -16.72 20.10 -20.33
C LEU B 54 -17.89 19.39 -21.03
N VAL B 55 -19.12 19.63 -20.57
CA VAL B 55 -20.28 19.01 -21.20
C VAL B 55 -20.46 19.52 -22.62
N LEU B 56 -20.30 20.83 -22.81
CA LEU B 56 -20.39 21.42 -24.14
C LEU B 56 -19.33 20.85 -25.06
N LEU B 57 -18.10 20.68 -24.55
CA LEU B 57 -17.03 20.13 -25.36
C LEU B 57 -17.27 18.65 -25.67
N THR B 58 -17.92 17.92 -24.76
CA THR B 58 -18.28 16.54 -25.05
C THR B 58 -19.29 16.46 -26.18
N VAL B 59 -20.32 17.31 -26.15
CA VAL B 59 -21.29 17.32 -27.25
C VAL B 59 -20.64 17.77 -28.55
N VAL B 60 -19.77 18.80 -28.49
CA VAL B 60 -19.06 19.23 -29.69
C VAL B 60 -18.18 18.10 -30.22
N ALA B 61 -17.58 17.32 -29.31
CA ALA B 61 -16.72 16.22 -29.72
C ALA B 61 -17.52 15.13 -30.41
N VAL B 62 -18.71 14.80 -29.90
CA VAL B 62 -19.50 13.76 -30.55
C VAL B 62 -19.99 14.23 -31.91
N VAL B 63 -20.35 15.52 -32.03
CA VAL B 63 -20.75 16.06 -33.32
C VAL B 63 -19.60 16.00 -34.32
N ALA B 64 -18.41 16.43 -33.88
CA ALA B 64 -17.24 16.41 -34.75
C ALA B 64 -16.85 14.98 -35.12
N GLY B 65 -17.01 14.04 -34.19
CA GLY B 65 -16.73 12.66 -34.51
C GLY B 65 -17.69 12.11 -35.55
N VAL B 66 -18.97 12.46 -35.44
CA VAL B 66 -19.95 12.06 -36.45
C VAL B 66 -19.55 12.62 -37.82
N ALA B 67 -19.21 13.91 -37.86
CA ALA B 67 -18.83 14.53 -39.13
C ALA B 67 -17.58 13.90 -39.71
N LEU B 68 -16.57 13.66 -38.86
CA LEU B 68 -15.32 13.05 -39.33
C LEU B 68 -15.53 11.63 -39.83
N GLY B 69 -16.31 10.83 -39.11
CA GLY B 69 -16.63 9.50 -39.58
C GLY B 69 -17.40 9.45 -40.87
N LEU B 70 -18.41 10.31 -41.02
CA LEU B 70 -19.13 10.40 -42.29
C LEU B 70 -18.24 10.85 -43.43
N GLY B 71 -17.35 11.83 -43.19
CA GLY B 71 -16.41 12.25 -44.20
C GLY B 71 -15.43 11.17 -44.62
N VAL B 72 -14.92 10.41 -43.65
CA VAL B 72 -13.96 9.35 -43.92
C VAL B 72 -14.65 8.23 -44.69
N SER B 73 -15.87 7.87 -44.28
CA SER B 73 -16.60 6.76 -44.92
C SER B 73 -17.05 7.12 -46.33
N GLY B 74 -17.64 8.31 -46.49
CA GLY B 74 -18.11 8.71 -47.80
C GLY B 74 -16.98 8.91 -48.79
N ALA B 75 -15.91 9.58 -48.36
CA ALA B 75 -14.73 9.79 -49.19
C ALA B 75 -13.72 8.71 -48.86
N GLY B 76 -13.81 7.58 -49.56
CA GLY B 76 -12.96 6.45 -49.23
C GLY B 76 -13.69 5.49 -48.33
N GLY B 77 -13.19 5.35 -47.11
CA GLY B 77 -13.83 4.50 -46.12
C GLY B 77 -12.80 3.65 -45.41
N ALA B 78 -13.30 2.66 -44.67
CA ALA B 78 -12.41 1.74 -43.97
C ALA B 78 -11.60 0.92 -44.95
N LEU B 79 -12.22 0.50 -46.05
CA LEU B 79 -11.50 -0.30 -47.05
C LEU B 79 -10.37 0.50 -47.68
N ALA B 80 -10.62 1.77 -48.02
CA ALA B 80 -9.58 2.60 -48.61
C ALA B 80 -8.43 2.81 -47.64
N LEU B 81 -8.74 3.06 -46.38
CA LEU B 81 -7.69 3.24 -45.37
C LEU B 81 -6.96 1.93 -45.12
N GLY B 82 -7.70 0.84 -44.96
CA GLY B 82 -7.11 -0.43 -44.60
C GLY B 82 -6.88 -0.51 -43.10
N PRO B 83 -6.55 -1.71 -42.60
CA PRO B 83 -6.26 -1.85 -41.17
C PRO B 83 -5.12 -0.98 -40.70
N GLU B 84 -4.09 -0.77 -41.54
CA GLU B 84 -2.94 0.01 -41.14
C GLU B 84 -3.28 1.46 -40.83
N ARG B 85 -4.35 2.00 -41.41
CA ARG B 85 -4.82 3.32 -41.04
C ARG B 85 -6.04 3.32 -40.14
N LEU B 86 -6.86 2.28 -40.18
CA LEU B 86 -7.99 2.18 -39.27
C LEU B 86 -7.51 2.04 -37.83
N SER B 87 -6.46 1.25 -37.60
CA SER B 87 -5.96 1.05 -36.25
C SER B 87 -5.44 2.34 -35.64
N ALA B 88 -4.71 3.13 -36.42
CA ALA B 88 -4.18 4.39 -35.91
C ALA B 88 -5.27 5.46 -35.85
N PHE B 89 -6.30 5.33 -36.69
CA PHE B 89 -7.36 6.33 -36.70
C PHE B 89 -8.13 6.37 -35.39
N VAL B 90 -8.41 5.20 -34.81
CA VAL B 90 -9.23 5.12 -33.61
C VAL B 90 -8.39 5.11 -32.34
N PHE B 91 -7.07 5.27 -32.46
CA PHE B 91 -6.19 5.07 -31.31
C PHE B 91 -6.45 6.03 -30.14
N PRO B 92 -6.67 7.34 -30.34
CA PRO B 92 -6.94 8.20 -29.18
C PRO B 92 -8.10 7.75 -28.31
N GLY B 93 -9.17 7.23 -28.93
CA GLY B 93 -10.27 6.69 -28.14
C GLY B 93 -9.85 5.48 -27.33
N GLU B 94 -9.03 4.61 -27.93
CA GLU B 94 -8.49 3.47 -27.18
C GLU B 94 -7.64 3.94 -26.01
N LEU B 95 -6.86 5.01 -26.21
CA LEU B 95 -6.05 5.55 -25.12
C LEU B 95 -6.93 6.07 -23.99
N LEU B 96 -8.02 6.76 -24.33
CA LEU B 96 -8.97 7.21 -23.31
C LEU B 96 -9.55 6.03 -22.53
N LEU B 97 -9.98 4.99 -23.25
CA LEU B 97 -10.52 3.81 -22.59
C LEU B 97 -9.49 3.17 -21.68
N ARG B 98 -8.22 3.17 -22.11
CA ARG B 98 -7.13 2.63 -21.35
C ARG B 98 -6.93 3.40 -20.04
N LEU B 99 -6.94 4.74 -20.11
CA LEU B 99 -6.82 5.56 -18.91
C LEU B 99 -7.98 5.33 -17.95
N LEU B 100 -9.21 5.23 -18.48
CA LEU B 100 -10.36 4.98 -17.61
C LEU B 100 -10.23 3.63 -16.90
N ARG B 101 -9.87 2.59 -17.65
CA ARG B 101 -9.71 1.27 -17.05
C ARG B 101 -8.61 1.26 -16.00
N MET B 102 -7.52 2.01 -16.24
CA MET B 102 -6.47 2.09 -15.24
C MET B 102 -6.93 2.80 -13.97
N ILE B 103 -7.72 3.86 -14.12
CA ILE B 103 -8.15 4.61 -12.94
C ILE B 103 -9.23 3.88 -12.14
N ILE B 104 -9.89 2.89 -12.74
CA ILE B 104 -11.03 2.24 -12.08
C ILE B 104 -10.64 1.62 -10.73
N LEU B 105 -9.53 0.89 -10.69
CA LEU B 105 -9.22 0.09 -9.49
C LEU B 105 -9.03 0.92 -8.23
N PRO B 106 -8.08 1.88 -8.17
CA PRO B 106 -7.91 2.65 -6.94
C PRO B 106 -9.16 3.40 -6.54
N LEU B 107 -9.87 3.97 -7.51
CA LEU B 107 -11.08 4.74 -7.21
C LEU B 107 -12.11 3.88 -6.47
N VAL B 108 -12.44 2.71 -7.04
CA VAL B 108 -13.44 1.85 -6.44
C VAL B 108 -13.00 1.39 -5.06
N VAL B 109 -11.77 0.89 -4.94
CA VAL B 109 -11.34 0.31 -3.67
C VAL B 109 -11.30 1.37 -2.58
N CYS B 110 -10.64 2.50 -2.84
CA CYS B 110 -10.44 3.52 -1.82
C CYS B 110 -11.77 4.16 -1.43
N SER B 111 -12.60 4.51 -2.42
CA SER B 111 -13.86 5.17 -2.11
C SER B 111 -14.78 4.24 -1.32
N LEU B 112 -14.82 2.95 -1.67
CA LEU B 112 -15.70 2.06 -0.93
C LEU B 112 -15.20 1.80 0.49
N ILE B 113 -13.87 1.70 0.66
CA ILE B 113 -13.34 1.55 2.02
C ILE B 113 -13.72 2.76 2.87
N GLY B 114 -13.53 3.96 2.33
CA GLY B 114 -13.88 5.16 3.07
C GLY B 114 -15.36 5.25 3.36
N GLY B 115 -16.20 4.92 2.38
CA GLY B 115 -17.64 4.99 2.60
C GLY B 115 -18.14 4.01 3.64
N ALA B 116 -17.56 2.80 3.66
CA ALA B 116 -17.99 1.81 4.64
C ALA B 116 -17.48 2.15 6.04
N ALA B 117 -16.25 2.68 6.14
CA ALA B 117 -15.70 2.98 7.46
C ALA B 117 -16.44 4.13 8.15
N SER B 118 -17.12 4.98 7.39
CA SER B 118 -17.72 6.18 7.95
C SER B 118 -19.13 5.97 8.49
N LEU B 119 -19.66 4.75 8.48
CA LEU B 119 -21.04 4.50 8.88
C LEU B 119 -21.12 4.34 10.40
N ASP B 120 -20.73 5.41 11.11
CA ASP B 120 -20.74 5.42 12.56
C ASP B 120 -22.17 5.40 13.08
N PRO B 121 -22.53 4.43 13.93
CA PRO B 121 -23.92 4.37 14.42
C PRO B 121 -24.37 5.61 15.15
N GLY B 122 -23.51 6.25 15.93
CA GLY B 122 -23.90 7.46 16.63
C GLY B 122 -24.07 8.66 15.73
N ALA B 123 -23.28 8.74 14.66
CA ALA B 123 -23.42 9.86 13.73
C ALA B 123 -24.74 9.76 12.97
N LEU B 124 -25.27 8.55 12.80
CA LEU B 124 -26.51 8.36 12.05
C LEU B 124 -27.73 8.41 12.96
N GLY B 125 -27.65 7.79 14.13
CA GLY B 125 -28.83 7.59 14.92
C GLY B 125 -29.87 6.74 14.19
N ARG B 126 -31.00 6.59 14.87
CA ARG B 126 -32.11 5.82 14.28
C ARG B 126 -32.60 6.46 12.99
N LEU B 127 -32.68 7.80 12.96
CA LEU B 127 -33.20 8.48 11.79
C LEU B 127 -32.30 8.29 10.58
N GLY B 128 -30.98 8.50 10.73
CA GLY B 128 -30.08 8.28 9.61
C GLY B 128 -30.00 6.82 9.19
N ALA B 129 -30.09 5.88 10.14
CA ALA B 129 -30.10 4.48 9.74
C ALA B 129 -31.33 4.15 8.89
N TRP B 130 -32.51 4.61 9.32
CA TRP B 130 -33.72 4.38 8.54
C TRP B 130 -33.66 5.09 7.18
N ALA B 131 -33.12 6.31 7.15
CA ALA B 131 -32.98 7.04 5.89
C ALA B 131 -32.05 6.32 4.94
N LEU B 132 -30.95 5.78 5.44
CA LEU B 132 -30.02 5.04 4.59
C LEU B 132 -30.64 3.76 4.06
N LEU B 133 -31.41 3.05 4.89
CA LEU B 133 -32.11 1.89 4.38
C LEU B 133 -33.12 2.27 3.30
N PHE B 134 -33.85 3.36 3.49
CA PHE B 134 -34.79 3.85 2.49
C PHE B 134 -34.06 4.19 1.19
N PHE B 135 -32.92 4.87 1.30
CA PHE B 135 -32.14 5.23 0.12
C PHE B 135 -31.71 4.00 -0.65
N LEU B 136 -31.18 3.00 0.05
CA LEU B 136 -30.72 1.78 -0.60
C LEU B 136 -31.87 1.04 -1.27
N VAL B 137 -32.99 0.90 -0.58
CA VAL B 137 -34.12 0.17 -1.14
C VAL B 137 -34.65 0.86 -2.39
N THR B 138 -34.81 2.19 -2.34
CA THR B 138 -35.32 2.89 -3.51
C THR B 138 -34.34 2.89 -4.68
N THR B 139 -33.03 2.94 -4.40
CA THR B 139 -32.06 2.83 -5.47
C THR B 139 -32.12 1.45 -6.12
N LEU B 140 -32.27 0.40 -5.32
CA LEU B 140 -32.44 -0.95 -5.87
C LEU B 140 -33.71 -1.05 -6.72
N LEU B 141 -34.80 -0.48 -6.24
CA LEU B 141 -36.03 -0.48 -7.03
C LEU B 141 -35.89 0.28 -8.34
N ALA B 142 -35.21 1.43 -8.33
CA ALA B 142 -34.96 2.17 -9.57
C ALA B 142 -34.11 1.37 -10.54
N SER B 143 -33.05 0.72 -10.04
CA SER B 143 -32.20 -0.10 -10.90
C SER B 143 -32.99 -1.26 -11.51
N ALA B 144 -33.80 -1.93 -10.70
CA ALA B 144 -34.60 -3.05 -11.19
C ALA B 144 -35.62 -2.59 -12.22
N LEU B 145 -36.27 -1.45 -12.00
CA LEU B 145 -37.21 -0.92 -12.97
C LEU B 145 -36.52 -0.57 -14.28
N GLY B 146 -35.34 0.05 -14.21
CA GLY B 146 -34.61 0.35 -15.43
C GLY B 146 -34.24 -0.89 -16.22
N VAL B 147 -33.73 -1.91 -15.53
CA VAL B 147 -33.38 -3.16 -16.21
C VAL B 147 -34.61 -3.80 -16.83
N GLY B 148 -35.71 -3.84 -16.08
CA GLY B 148 -36.91 -4.48 -16.60
C GLY B 148 -37.51 -3.77 -17.79
N LEU B 149 -37.53 -2.43 -17.76
CA LEU B 149 -38.04 -1.67 -18.89
C LEU B 149 -37.13 -1.82 -20.11
N ALA B 150 -35.81 -1.82 -19.90
CA ALA B 150 -34.91 -2.01 -21.03
C ALA B 150 -34.95 -3.44 -21.56
N LEU B 151 -35.43 -4.39 -20.77
CA LEU B 151 -35.60 -5.75 -21.27
C LEU B 151 -36.92 -5.91 -22.02
N ALA B 152 -38.02 -5.39 -21.48
CA ALA B 152 -39.31 -5.49 -22.16
C ALA B 152 -39.31 -4.68 -23.45
N LEU B 153 -39.16 -3.37 -23.33
CA LEU B 153 -38.88 -2.51 -24.46
C LEU B 153 -37.39 -2.65 -24.75
N GLN B 154 -37.05 -3.08 -25.96
CA GLN B 154 -35.64 -3.33 -26.30
C GLN B 154 -35.14 -2.21 -27.20
N PRO B 155 -34.58 -1.13 -26.64
CA PRO B 155 -34.11 -0.04 -27.49
C PRO B 155 -32.92 -0.41 -28.35
N GLY B 156 -32.11 -1.37 -27.93
CA GLY B 156 -30.90 -1.73 -28.65
C GLY B 156 -31.10 -2.79 -29.70
N ALA B 157 -32.18 -3.55 -29.61
CA ALA B 157 -32.45 -4.60 -30.59
C ALA B 157 -32.74 -4.00 -31.95
N ALA B 158 -32.25 -4.66 -32.99
CA ALA B 158 -32.50 -4.23 -34.37
C ALA B 158 -33.53 -5.13 -35.01
N SER B 177 -24.39 -20.74 -23.22
CA SER B 177 -23.10 -21.39 -23.10
C SER B 177 -22.95 -22.06 -21.74
N LYS B 178 -22.67 -21.26 -20.71
CA LYS B 178 -22.55 -21.79 -19.37
C LYS B 178 -23.91 -22.13 -18.79
N GLU B 179 -23.96 -23.24 -18.05
CA GLU B 179 -25.19 -23.66 -17.40
C GLU B 179 -25.55 -22.68 -16.27
N VAL B 180 -26.79 -22.77 -15.82
CA VAL B 180 -27.29 -21.83 -14.81
C VAL B 180 -26.56 -22.04 -13.48
N LEU B 181 -26.43 -23.30 -13.05
CA LEU B 181 -25.78 -23.58 -11.77
C LEU B 181 -24.32 -23.16 -11.78
N ASP B 182 -23.60 -23.44 -12.87
CA ASP B 182 -22.22 -23.00 -12.99
C ASP B 182 -22.11 -21.48 -13.07
N SER B 183 -23.08 -20.81 -13.69
CA SER B 183 -23.06 -19.35 -13.71
C SER B 183 -23.20 -18.78 -12.31
N PHE B 184 -24.12 -19.32 -11.51
CA PHE B 184 -24.26 -18.86 -10.13
C PHE B 184 -23.04 -19.19 -9.28
N LEU B 185 -22.46 -20.37 -9.49
CA LEU B 185 -21.27 -20.74 -8.74
C LEU B 185 -20.09 -19.86 -9.09
N ASP B 186 -19.96 -19.49 -10.36
CA ASP B 186 -18.92 -18.55 -10.77
C ASP B 186 -19.16 -17.18 -10.14
N LEU B 187 -20.42 -16.74 -10.08
CA LEU B 187 -20.72 -15.49 -9.40
C LEU B 187 -20.28 -15.53 -7.94
N ALA B 188 -20.59 -16.62 -7.25
CA ALA B 188 -20.20 -16.73 -5.83
C ALA B 188 -18.69 -16.79 -5.67
N ARG B 189 -18.00 -17.46 -6.59
CA ARG B 189 -16.54 -17.51 -6.54
C ARG B 189 -15.93 -16.13 -6.77
N ASN B 190 -16.50 -15.34 -7.67
CA ASN B 190 -15.95 -14.02 -7.91
C ASN B 190 -16.32 -13.03 -6.79
N ILE B 191 -17.46 -13.23 -6.14
CA ILE B 191 -17.81 -12.41 -4.99
C ILE B 191 -16.78 -12.56 -3.88
N PHE B 192 -16.27 -13.78 -3.70
CA PHE B 192 -15.24 -14.10 -2.71
C PHE B 192 -13.99 -14.59 -3.42
N PRO B 193 -13.13 -13.70 -3.90
CA PRO B 193 -11.93 -14.15 -4.63
C PRO B 193 -10.92 -14.82 -3.71
N SER B 194 -10.18 -15.77 -4.29
CA SER B 194 -9.14 -16.47 -3.54
C SER B 194 -7.86 -15.68 -3.40
N ASN B 195 -7.65 -14.66 -4.24
CA ASN B 195 -6.41 -13.91 -4.24
C ASN B 195 -6.72 -12.45 -4.55
N LEU B 196 -6.38 -11.56 -3.62
CA LEU B 196 -6.66 -10.14 -3.81
C LEU B 196 -5.85 -9.55 -4.95
N VAL B 197 -4.59 -9.94 -5.08
CA VAL B 197 -3.75 -9.41 -6.15
C VAL B 197 -4.24 -9.89 -7.51
N SER B 198 -4.58 -11.18 -7.62
CA SER B 198 -5.10 -11.72 -8.88
C SER B 198 -6.41 -11.05 -9.27
N ALA B 199 -7.25 -10.71 -8.27
CA ALA B 199 -8.55 -10.11 -8.56
C ALA B 199 -8.44 -8.77 -9.27
N ALA B 200 -7.30 -8.09 -9.15
CA ALA B 200 -7.11 -6.81 -9.83
C ALA B 200 -7.07 -6.96 -11.35
N PHE B 201 -6.77 -8.15 -11.87
CA PHE B 201 -6.72 -8.34 -13.31
C PHE B 201 -7.32 -9.65 -13.81
N ARG B 202 -7.94 -10.46 -12.95
CA ARG B 202 -8.44 -11.76 -13.37
C ARG B 202 -9.76 -12.07 -12.67
N SER B 203 -10.53 -12.95 -13.29
CA SER B 203 -11.81 -13.42 -12.75
C SER B 203 -11.92 -14.93 -12.92
N TYR B 204 -12.71 -15.56 -12.07
CA TYR B 204 -12.95 -16.99 -12.18
C TYR B 204 -14.02 -17.26 -13.23
N SER B 205 -13.75 -18.19 -14.14
CA SER B 205 -14.70 -18.61 -15.14
C SER B 205 -14.67 -20.13 -15.27
N THR B 206 -15.83 -20.70 -15.53
CA THR B 206 -15.99 -22.14 -15.70
C THR B 206 -16.28 -22.45 -17.16
N THR B 207 -15.50 -23.36 -17.75
CA THR B 207 -15.78 -23.98 -19.03
C THR B 207 -16.04 -25.46 -18.80
N TYR B 208 -16.24 -26.20 -19.88
CA TYR B 208 -16.57 -27.62 -19.78
C TYR B 208 -15.66 -28.44 -20.68
N GLU B 209 -15.24 -29.60 -20.18
CA GLU B 209 -14.50 -30.57 -20.96
C GLU B 209 -15.34 -31.83 -21.10
N GLU B 210 -15.42 -32.36 -22.33
CA GLU B 210 -16.21 -33.55 -22.61
C GLU B 210 -15.36 -34.78 -22.31
N ARG B 211 -15.66 -35.48 -21.23
CA ARG B 211 -14.91 -36.67 -20.85
C ARG B 211 -15.84 -37.87 -20.65
N LYS B 219 -20.06 -33.67 -19.85
CA LYS B 219 -19.51 -32.33 -19.74
C LYS B 219 -19.10 -32.03 -18.30
N VAL B 220 -17.84 -32.30 -17.98
CA VAL B 220 -17.30 -32.00 -16.66
C VAL B 220 -16.95 -30.52 -16.60
N PRO B 221 -17.50 -29.76 -15.64
CA PRO B 221 -17.13 -28.35 -15.51
C PRO B 221 -15.75 -28.21 -14.86
N VAL B 222 -14.90 -27.43 -15.51
CA VAL B 222 -13.57 -27.09 -14.98
C VAL B 222 -13.44 -25.57 -15.04
N GLY B 223 -12.95 -24.98 -13.95
CA GLY B 223 -12.84 -23.54 -13.88
C GLY B 223 -11.41 -23.10 -13.62
N GLN B 224 -11.14 -21.86 -13.99
CA GLN B 224 -9.83 -21.25 -13.76
C GLN B 224 -9.98 -19.74 -13.84
N GLU B 225 -8.88 -19.04 -13.62
CA GLU B 225 -8.85 -17.60 -13.69
C GLU B 225 -8.51 -17.16 -15.11
N VAL B 226 -9.37 -16.34 -15.69
CA VAL B 226 -9.19 -15.78 -17.01
C VAL B 226 -9.01 -14.27 -16.88
N GLU B 227 -8.59 -13.65 -17.97
CA GLU B 227 -8.33 -12.22 -17.97
C GLU B 227 -9.63 -11.44 -17.75
N GLY B 228 -9.50 -10.27 -17.14
CA GLY B 228 -10.64 -9.45 -16.80
C GLY B 228 -10.75 -9.18 -15.32
N MET B 229 -10.61 -7.91 -14.94
CA MET B 229 -10.56 -7.50 -13.54
C MET B 229 -11.84 -7.90 -12.80
N ASN B 230 -11.66 -8.54 -11.64
CA ASN B 230 -12.78 -8.97 -10.81
C ASN B 230 -13.29 -7.77 -10.02
N ILE B 231 -14.09 -6.95 -10.68
CA ILE B 231 -14.58 -5.71 -10.06
C ILE B 231 -15.52 -6.01 -8.91
N LEU B 232 -16.38 -7.01 -9.06
CA LEU B 232 -17.33 -7.35 -8.01
C LEU B 232 -16.63 -7.84 -6.75
N GLY B 233 -15.62 -8.69 -6.91
CA GLY B 233 -14.84 -9.13 -5.77
C GLY B 233 -14.10 -8.00 -5.09
N LEU B 234 -13.56 -7.07 -5.87
CA LEU B 234 -12.88 -5.91 -5.28
C LEU B 234 -13.85 -5.03 -4.52
N VAL B 235 -15.06 -4.85 -5.05
CA VAL B 235 -16.10 -4.08 -4.37
C VAL B 235 -16.44 -4.72 -3.03
N VAL B 236 -16.66 -6.04 -3.04
CA VAL B 236 -17.05 -6.73 -1.82
C VAL B 236 -15.93 -6.67 -0.79
N PHE B 237 -14.68 -6.88 -1.22
CA PHE B 237 -13.57 -6.80 -0.29
C PHE B 237 -13.42 -5.40 0.28
N ALA B 238 -13.55 -4.37 -0.55
CA ALA B 238 -13.41 -3.00 -0.06
C ALA B 238 -14.48 -2.68 0.97
N ILE B 239 -15.72 -3.13 0.73
CA ILE B 239 -16.79 -2.90 1.70
C ILE B 239 -16.50 -3.63 3.00
N VAL B 240 -16.09 -4.89 2.93
CA VAL B 240 -15.85 -5.66 4.17
C VAL B 240 -14.67 -5.08 4.95
N PHE B 241 -13.62 -4.68 4.24
CA PHE B 241 -12.46 -4.05 4.89
C PHE B 241 -12.85 -2.72 5.52
N GLY B 242 -13.70 -1.93 4.85
CA GLY B 242 -14.19 -0.70 5.44
C GLY B 242 -15.03 -0.93 6.68
N VAL B 243 -15.84 -1.99 6.67
CA VAL B 243 -16.61 -2.33 7.87
C VAL B 243 -15.67 -2.75 9.00
N ALA B 244 -14.58 -3.45 8.68
CA ALA B 244 -13.58 -3.78 9.69
C ALA B 244 -12.91 -2.53 10.26
N LEU B 245 -12.59 -1.58 9.39
CA LEU B 245 -12.00 -0.32 9.86
C LEU B 245 -12.99 0.46 10.72
N ARG B 246 -14.27 0.45 10.35
CA ARG B 246 -15.31 1.07 11.16
C ARG B 246 -15.38 0.42 12.54
N LYS B 247 -15.28 -0.89 12.60
CA LYS B 247 -15.26 -1.59 13.89
C LYS B 247 -14.01 -1.26 14.71
N LEU B 248 -12.85 -1.09 14.07
CA LEU B 248 -11.67 -0.67 14.80
C LEU B 248 -11.78 0.76 15.33
N GLY B 249 -12.47 1.64 14.60
CA GLY B 249 -12.71 2.99 15.06
C GLY B 249 -11.47 3.86 15.09
N PRO B 250 -11.17 4.44 16.25
CA PRO B 250 -9.95 5.26 16.36
C PRO B 250 -8.67 4.48 16.08
N GLU B 251 -8.72 3.15 16.22
CA GLU B 251 -7.56 2.32 15.90
C GLU B 251 -7.32 2.17 14.41
N GLY B 252 -8.34 2.34 13.57
CA GLY B 252 -8.18 2.24 12.13
C GLY B 252 -7.96 3.58 11.46
N GLU B 253 -7.58 4.58 12.26
CA GLU B 253 -7.48 5.95 11.78
C GLU B 253 -6.42 6.12 10.70
N LEU B 254 -5.25 5.49 10.89
CA LEU B 254 -4.18 5.62 9.90
C LEU B 254 -4.61 5.07 8.54
N LEU B 255 -5.26 3.89 8.54
CA LEU B 255 -5.70 3.31 7.28
C LEU B 255 -6.82 4.13 6.64
N ILE B 256 -7.72 4.67 7.47
CA ILE B 256 -8.79 5.51 6.94
C ILE B 256 -8.20 6.75 6.25
N ARG B 257 -7.24 7.40 6.90
CA ARG B 257 -6.58 8.54 6.27
C ARG B 257 -5.84 8.14 4.99
N PHE B 258 -5.15 7.00 5.03
CA PHE B 258 -4.37 6.56 3.87
C PHE B 258 -5.27 6.36 2.66
N PHE B 259 -6.38 5.64 2.84
CA PHE B 259 -7.26 5.38 1.71
C PHE B 259 -8.01 6.63 1.26
N ASN B 260 -8.38 7.52 2.20
CA ASN B 260 -9.00 8.78 1.80
C ASN B 260 -8.07 9.62 0.94
N SER B 261 -6.80 9.70 1.33
CA SER B 261 -5.87 10.53 0.56
C SER B 261 -5.52 9.89 -0.78
N PHE B 262 -5.44 8.55 -0.81
CA PHE B 262 -5.26 7.88 -2.10
C PHE B 262 -6.44 8.16 -3.02
N ASN B 263 -7.66 8.17 -2.48
CA ASN B 263 -8.83 8.51 -3.27
C ASN B 263 -8.75 9.95 -3.81
N GLU B 264 -8.29 10.89 -2.99
CA GLU B 264 -8.15 12.28 -3.45
C GLU B 264 -7.15 12.39 -4.60
N ALA B 265 -6.00 11.72 -4.48
CA ALA B 265 -5.03 11.74 -5.57
C ALA B 265 -5.61 11.11 -6.84
N THR B 266 -6.33 10.00 -6.68
CA THR B 266 -6.99 9.37 -7.83
C THR B 266 -8.00 10.31 -8.47
N MET B 267 -8.73 11.08 -7.68
CA MET B 267 -9.70 12.02 -8.24
C MET B 267 -9.01 13.15 -9.00
N VAL B 268 -7.83 13.58 -8.55
CA VAL B 268 -7.06 14.54 -9.33
C VAL B 268 -6.72 13.95 -10.70
N LEU B 269 -6.24 12.70 -10.71
CA LEU B 269 -5.96 12.03 -11.99
C LEU B 269 -7.23 11.93 -12.83
N VAL B 270 -8.36 11.67 -12.20
CA VAL B 270 -9.62 11.54 -12.93
C VAL B 270 -9.99 12.85 -13.61
N SER B 271 -9.78 13.97 -12.91
CA SER B 271 -10.06 15.28 -13.52
C SER B 271 -9.16 15.52 -14.73
N TRP B 272 -7.87 15.17 -14.63
CA TRP B 272 -6.99 15.32 -15.78
C TRP B 272 -7.44 14.45 -16.96
N ILE B 273 -7.85 13.21 -16.67
CA ILE B 273 -8.34 12.32 -17.72
C ILE B 273 -9.60 12.88 -18.36
N MET B 274 -10.49 13.46 -17.56
CA MET B 274 -11.70 14.08 -18.11
C MET B 274 -11.35 15.25 -19.00
N TRP B 275 -10.29 16.00 -18.66
CA TRP B 275 -9.85 17.07 -19.56
C TRP B 275 -9.38 16.51 -20.89
N TYR B 276 -8.71 15.37 -20.88
CA TYR B 276 -8.32 14.74 -22.15
C TYR B 276 -9.51 14.12 -22.90
N ALA B 277 -10.58 13.78 -22.19
CA ALA B 277 -11.65 12.95 -22.74
C ALA B 277 -12.26 13.41 -24.07
N PRO B 278 -12.49 14.71 -24.34
CA PRO B 278 -13.16 15.06 -25.62
C PRO B 278 -12.46 14.53 -26.87
N VAL B 279 -11.14 14.55 -26.93
CA VAL B 279 -10.43 14.04 -28.11
C VAL B 279 -10.67 12.54 -28.29
N GLY B 280 -10.52 11.78 -27.21
CA GLY B 280 -10.77 10.36 -27.27
C GLY B 280 -12.20 10.04 -27.65
N ILE B 281 -13.15 10.81 -27.12
CA ILE B 281 -14.56 10.61 -27.45
C ILE B 281 -14.81 10.88 -28.92
N MET B 282 -14.22 11.97 -29.45
CA MET B 282 -14.40 12.30 -30.85
C MET B 282 -13.87 11.18 -31.75
N PHE B 283 -12.71 10.64 -31.42
CA PHE B 283 -12.17 9.58 -32.27
C PHE B 283 -12.92 8.26 -32.09
N LEU B 284 -13.44 7.98 -30.89
CA LEU B 284 -14.30 6.81 -30.70
C LEU B 284 -15.55 6.92 -31.56
N VAL B 285 -16.19 8.10 -31.55
CA VAL B 285 -17.40 8.31 -32.34
C VAL B 285 -17.09 8.19 -33.83
N ALA B 286 -15.96 8.77 -34.27
CA ALA B 286 -15.59 8.66 -35.67
C ALA B 286 -15.37 7.22 -36.09
N GLY B 287 -14.69 6.44 -35.24
CA GLY B 287 -14.46 5.04 -35.57
C GLY B 287 -15.76 4.25 -35.66
N LYS B 288 -16.66 4.45 -34.70
CA LYS B 288 -17.93 3.74 -34.74
C LYS B 288 -18.76 4.13 -35.96
N ILE B 289 -18.76 5.42 -36.32
CA ILE B 289 -19.51 5.86 -37.49
C ILE B 289 -18.92 5.25 -38.76
N VAL B 290 -17.59 5.20 -38.86
CA VAL B 290 -16.95 4.61 -40.03
C VAL B 290 -17.30 3.13 -40.13
N GLU B 291 -17.28 2.42 -39.01
CA GLU B 291 -17.50 0.97 -39.05
C GLU B 291 -18.95 0.62 -39.35
N MET B 292 -19.87 1.55 -39.12
CA MET B 292 -21.29 1.26 -39.29
C MET B 292 -21.78 1.75 -40.65
N GLU B 293 -22.80 1.07 -41.18
CA GLU B 293 -23.38 1.40 -42.47
C GLU B 293 -24.65 2.23 -42.35
N ASP B 294 -25.61 1.78 -41.53
CA ASP B 294 -26.90 2.45 -41.40
C ASP B 294 -26.86 3.36 -40.17
N VAL B 295 -26.59 4.64 -40.43
CA VAL B 295 -26.49 5.62 -39.34
C VAL B 295 -27.86 6.03 -38.80
N GLY B 296 -28.88 6.07 -39.66
CA GLY B 296 -30.22 6.42 -39.17
C GLY B 296 -30.77 5.40 -38.18
N LEU B 297 -30.37 4.14 -38.35
CA LEU B 297 -30.75 3.12 -37.37
C LEU B 297 -30.20 3.46 -35.99
N LEU B 298 -28.98 4.01 -35.94
CA LEU B 298 -28.42 4.45 -34.66
C LEU B 298 -29.30 5.49 -34.01
N PHE B 299 -29.80 6.46 -34.79
CA PHE B 299 -30.66 7.49 -34.23
C PHE B 299 -31.98 6.92 -33.75
N ALA B 300 -32.52 5.93 -34.47
CA ALA B 300 -33.74 5.27 -34.00
C ALA B 300 -33.51 4.58 -32.66
N ARG B 301 -32.41 3.82 -32.54
CA ARG B 301 -32.14 3.14 -31.28
C ARG B 301 -31.88 4.13 -30.15
N LEU B 302 -31.20 5.24 -30.46
CA LEU B 302 -30.97 6.29 -29.46
C LEU B 302 -32.27 6.91 -28.98
N GLY B 303 -33.21 7.15 -29.89
CA GLY B 303 -34.51 7.66 -29.48
C GLY B 303 -35.26 6.68 -28.60
N LYS B 304 -35.21 5.39 -28.95
CA LYS B 304 -35.84 4.39 -28.08
C LYS B 304 -35.18 4.33 -26.71
N TYR B 305 -33.85 4.49 -26.65
CA TYR B 305 -33.16 4.50 -25.36
C TYR B 305 -33.59 5.69 -24.51
N ILE B 306 -33.69 6.87 -25.14
CA ILE B 306 -34.17 8.05 -24.41
C ILE B 306 -35.59 7.81 -23.90
N LEU B 307 -36.45 7.23 -24.73
CA LEU B 307 -37.81 6.95 -24.29
C LEU B 307 -37.83 5.99 -23.10
N CYS B 308 -37.00 4.96 -23.13
CA CYS B 308 -36.92 4.04 -21.99
C CYS B 308 -36.49 4.75 -20.73
N CYS B 309 -35.46 5.60 -20.83
CA CYS B 309 -34.96 6.32 -19.66
C CYS B 309 -36.03 7.24 -19.08
N LEU B 310 -36.69 8.02 -19.94
CA LEU B 310 -37.68 8.98 -19.49
C LEU B 310 -38.90 8.26 -18.91
N LEU B 311 -39.33 7.16 -19.54
CA LEU B 311 -40.45 6.40 -19.02
C LEU B 311 -40.13 5.80 -17.65
N GLY B 312 -38.92 5.27 -17.48
CA GLY B 312 -38.55 4.77 -16.18
C GLY B 312 -38.52 5.85 -15.12
N HIS B 313 -37.99 7.03 -15.45
CA HIS B 313 -37.99 8.14 -14.52
C HIS B 313 -39.41 8.54 -14.13
N ALA B 314 -40.31 8.63 -15.13
CA ALA B 314 -41.69 9.00 -14.85
C ALA B 314 -42.40 7.97 -13.99
N ILE B 315 -42.17 6.68 -14.24
CA ILE B 315 -42.81 5.64 -13.45
C ILE B 315 -42.29 5.65 -12.01
N HIS B 316 -40.97 5.77 -11.84
CA HIS B 316 -40.42 5.82 -10.49
C HIS B 316 -40.89 7.04 -9.72
N GLY B 317 -40.94 8.20 -10.39
CA GLY B 317 -41.26 9.43 -9.71
C GLY B 317 -42.73 9.72 -9.50
N LEU B 318 -43.61 9.14 -10.32
CA LEU B 318 -45.03 9.40 -10.20
C LEU B 318 -45.84 8.23 -9.65
N LEU B 319 -45.29 7.02 -9.64
CA LEU B 319 -46.01 5.85 -9.18
C LEU B 319 -45.34 5.15 -8.01
N VAL B 320 -44.04 4.84 -8.12
CA VAL B 320 -43.40 3.99 -7.13
C VAL B 320 -43.14 4.77 -5.84
N LEU B 321 -42.39 5.86 -5.94
CA LEU B 321 -42.11 6.67 -4.75
C LEU B 321 -43.36 7.25 -4.10
N PRO B 322 -44.32 7.81 -4.83
CA PRO B 322 -45.58 8.21 -4.17
C PRO B 322 -46.30 7.06 -3.50
N LEU B 323 -46.28 5.85 -4.09
CA LEU B 323 -46.91 4.71 -3.44
C LEU B 323 -46.21 4.35 -2.15
N ILE B 324 -44.88 4.39 -2.12
CA ILE B 324 -44.14 4.11 -0.89
C ILE B 324 -44.48 5.15 0.17
N TYR B 325 -44.52 6.42 -0.22
CA TYR B 325 -44.84 7.48 0.73
C TYR B 325 -46.24 7.29 1.29
N PHE B 326 -47.22 6.96 0.44
CA PHE B 326 -48.58 6.74 0.91
C PHE B 326 -48.67 5.52 1.82
N LEU B 327 -47.95 4.44 1.48
CA LEU B 327 -48.01 3.24 2.29
C LEU B 327 -47.44 3.47 3.67
N PHE B 328 -46.39 4.29 3.78
CA PHE B 328 -45.81 4.58 5.08
C PHE B 328 -46.46 5.77 5.78
N THR B 329 -47.31 6.54 5.11
CA THR B 329 -47.79 7.78 5.69
C THR B 329 -49.30 7.91 5.67
N ARG B 330 -49.96 7.24 4.71
CA ARG B 330 -51.40 7.32 4.52
C ARG B 330 -51.86 8.76 4.24
N LYS B 331 -50.97 9.57 3.67
CA LYS B 331 -51.30 10.93 3.25
C LYS B 331 -51.07 11.05 1.75
N ASN B 332 -51.54 12.15 1.19
CA ASN B 332 -51.42 12.37 -0.24
C ASN B 332 -49.98 12.68 -0.61
N PRO B 333 -49.32 11.86 -1.44
CA PRO B 333 -47.94 12.18 -1.84
C PRO B 333 -47.86 13.28 -2.88
N TYR B 334 -48.93 13.49 -3.66
CA TYR B 334 -48.92 14.54 -4.67
C TYR B 334 -49.07 15.92 -4.08
N ARG B 335 -49.71 16.07 -2.92
CA ARG B 335 -49.65 17.35 -2.22
C ARG B 335 -48.23 17.66 -1.76
N PHE B 336 -47.53 16.65 -1.25
CA PHE B 336 -46.13 16.82 -0.88
C PHE B 336 -45.28 17.21 -2.08
N LEU B 337 -45.50 16.54 -3.23
CA LEU B 337 -44.77 16.89 -4.44
C LEU B 337 -45.12 18.28 -4.93
N TRP B 338 -46.38 18.70 -4.83
CA TRP B 338 -46.74 20.07 -5.14
C TRP B 338 -46.05 21.06 -4.21
N GLY B 339 -45.68 20.60 -3.01
CA GLY B 339 -44.92 21.47 -2.12
C GLY B 339 -43.49 21.70 -2.54
N ILE B 340 -42.97 20.92 -3.50
CA ILE B 340 -41.58 21.03 -3.92
C ILE B 340 -41.46 21.22 -5.43
N VAL B 341 -42.44 21.84 -6.07
CA VAL B 341 -42.41 21.98 -7.54
C VAL B 341 -41.25 22.87 -7.96
N THR B 342 -41.03 23.97 -7.26
CA THR B 342 -39.96 24.91 -7.63
C THR B 342 -38.57 24.30 -7.52
N PRO B 343 -38.22 23.59 -6.44
CA PRO B 343 -36.93 22.87 -6.45
C PRO B 343 -36.82 21.84 -7.56
N LEU B 344 -37.93 21.18 -7.92
CA LEU B 344 -37.88 20.23 -9.02
C LEU B 344 -37.60 20.93 -10.35
N ALA B 345 -38.21 22.10 -10.57
CA ALA B 345 -37.92 22.88 -11.76
C ALA B 345 -36.47 23.35 -11.78
N THR B 346 -35.95 23.75 -10.62
CA THR B 346 -34.53 24.09 -10.54
C THR B 346 -33.62 22.90 -10.82
N ALA B 347 -33.98 21.71 -10.32
CA ALA B 347 -33.21 20.51 -10.60
C ALA B 347 -33.20 20.18 -12.08
N PHE B 348 -34.34 20.35 -12.76
CA PHE B 348 -34.36 20.15 -14.20
C PHE B 348 -33.51 21.19 -14.92
N GLY B 349 -33.67 22.47 -14.56
CA GLY B 349 -32.97 23.52 -15.26
C GLY B 349 -31.46 23.46 -15.11
N THR B 350 -30.99 23.27 -13.87
CA THR B 350 -29.56 23.28 -13.59
C THR B 350 -28.90 21.93 -13.80
N SER B 351 -29.68 20.83 -13.76
CA SER B 351 -29.14 19.48 -13.83
C SER B 351 -28.15 19.21 -12.70
N SER B 352 -28.34 19.87 -11.55
CA SER B 352 -27.44 19.75 -10.42
C SER B 352 -28.25 19.58 -9.15
N SER B 353 -27.90 18.56 -8.35
CA SER B 353 -28.54 18.37 -7.06
C SER B 353 -28.01 19.33 -6.01
N SER B 354 -26.74 19.74 -6.11
CA SER B 354 -26.16 20.67 -5.15
C SER B 354 -26.83 22.05 -5.25
N ALA B 355 -27.09 22.51 -6.48
CA ALA B 355 -27.76 23.79 -6.67
C ALA B 355 -29.22 23.75 -6.27
N THR B 356 -29.83 22.57 -6.18
CA THR B 356 -31.21 22.40 -5.78
C THR B 356 -31.38 22.30 -4.26
N LEU B 357 -30.33 21.92 -3.55
CA LEU B 357 -30.46 21.60 -2.12
C LEU B 357 -30.97 22.75 -1.26
N PRO B 358 -30.46 23.98 -1.37
CA PRO B 358 -30.96 25.06 -0.48
C PRO B 358 -32.44 25.32 -0.66
N LEU B 359 -32.89 25.51 -1.91
CA LEU B 359 -34.30 25.74 -2.17
C LEU B 359 -35.14 24.53 -1.78
N MET B 360 -34.59 23.33 -1.95
CA MET B 360 -35.32 22.12 -1.55
C MET B 360 -35.54 22.09 -0.04
N MET B 361 -34.49 22.40 0.73
CA MET B 361 -34.65 22.44 2.18
C MET B 361 -35.65 23.50 2.59
N LYS B 362 -35.58 24.67 1.96
CA LYS B 362 -36.51 25.75 2.28
C LYS B 362 -37.95 25.35 2.00
N CYS B 363 -38.20 24.72 0.85
CA CYS B 363 -39.56 24.36 0.49
C CYS B 363 -40.08 23.20 1.33
N VAL B 364 -39.22 22.22 1.62
CA VAL B 364 -39.62 21.08 2.44
C VAL B 364 -39.95 21.52 3.86
N GLU B 365 -39.23 22.51 4.38
CA GLU B 365 -39.53 23.04 5.71
C GLU B 365 -40.78 23.91 5.72
N GLU B 366 -40.86 24.90 4.83
CA GLU B 366 -41.99 25.83 4.90
C GLU B 366 -43.27 25.24 4.32
N ASN B 367 -43.21 24.68 3.12
CA ASN B 367 -44.42 24.20 2.45
C ASN B 367 -44.89 22.85 2.96
N ASN B 368 -43.99 21.95 3.32
CA ASN B 368 -44.35 20.59 3.70
C ASN B 368 -44.27 20.34 5.21
N GLY B 369 -43.79 21.30 5.98
CA GLY B 369 -43.76 21.18 7.42
C GLY B 369 -42.87 20.08 7.98
N VAL B 370 -41.65 19.98 7.47
CA VAL B 370 -40.66 19.04 7.97
C VAL B 370 -39.70 19.78 8.89
N ALA B 371 -39.47 19.23 10.08
CA ALA B 371 -38.62 19.89 11.07
C ALA B 371 -37.20 20.06 10.54
N LYS B 372 -36.56 21.16 10.95
CA LYS B 372 -35.23 21.47 10.46
C LYS B 372 -34.20 20.42 10.88
N HIS B 373 -34.36 19.83 12.06
CA HIS B 373 -33.43 18.79 12.48
C HIS B 373 -33.53 17.53 11.64
N ILE B 374 -34.60 17.37 10.86
CA ILE B 374 -34.71 16.29 9.89
C ILE B 374 -34.24 16.74 8.52
N SER B 375 -34.72 17.88 8.04
CA SER B 375 -34.37 18.32 6.69
C SER B 375 -32.89 18.63 6.57
N ARG B 376 -32.36 19.46 7.46
CA ARG B 376 -30.97 19.90 7.43
C ARG B 376 -29.98 18.78 7.71
N PHE B 377 -30.45 17.61 8.13
CA PHE B 377 -29.61 16.42 8.24
C PHE B 377 -29.77 15.48 7.06
N ILE B 378 -31.01 15.15 6.69
CA ILE B 378 -31.24 14.11 5.70
C ILE B 378 -31.01 14.63 4.29
N LEU B 379 -31.60 15.78 3.96
CA LEU B 379 -31.51 16.28 2.58
C LEU B 379 -30.08 16.48 2.11
N PRO B 380 -29.15 17.06 2.88
CA PRO B 380 -27.76 17.13 2.40
C PRO B 380 -27.12 15.77 2.16
N ILE B 381 -27.46 14.75 2.95
CA ILE B 381 -26.91 13.42 2.73
C ILE B 381 -27.50 12.80 1.47
N GLY B 382 -28.82 12.90 1.32
CA GLY B 382 -29.49 12.37 0.13
C GLY B 382 -29.08 13.06 -1.15
N ALA B 383 -28.72 14.35 -1.08
CA ALA B 383 -28.25 15.05 -2.26
C ALA B 383 -27.02 14.42 -2.86
N THR B 384 -26.22 13.72 -2.06
CA THR B 384 -25.02 13.05 -2.53
C THR B 384 -25.19 11.55 -2.71
N VAL B 385 -25.87 10.87 -1.79
CA VAL B 385 -25.86 9.41 -1.77
C VAL B 385 -27.11 8.78 -2.39
N ASN B 386 -28.22 9.48 -2.50
CA ASN B 386 -29.47 8.90 -3.00
C ASN B 386 -29.73 9.42 -4.41
N MET B 387 -29.40 8.60 -5.40
CA MET B 387 -29.58 8.96 -6.81
C MET B 387 -30.34 7.84 -7.52
N ASP B 388 -31.67 7.90 -7.45
CA ASP B 388 -32.48 6.91 -8.14
C ASP B 388 -32.50 7.13 -9.65
N GLY B 389 -32.56 8.39 -10.11
CA GLY B 389 -32.55 8.66 -11.53
C GLY B 389 -31.26 8.20 -12.19
N ALA B 390 -30.13 8.45 -11.54
CA ALA B 390 -28.85 8.00 -12.07
C ALA B 390 -28.78 6.47 -12.15
N ALA B 391 -29.29 5.77 -11.13
CA ALA B 391 -29.26 4.31 -11.14
C ALA B 391 -30.15 3.74 -12.25
N LEU B 392 -31.36 4.30 -12.40
CA LEU B 392 -32.25 3.86 -13.48
C LEU B 392 -31.61 4.09 -14.85
N PHE B 393 -31.06 5.29 -15.06
CA PHE B 393 -30.39 5.60 -16.32
C PHE B 393 -29.23 4.66 -16.58
N GLN B 394 -28.43 4.37 -15.55
CA GLN B 394 -27.24 3.52 -15.73
C GLN B 394 -27.63 2.09 -16.08
N CYS B 395 -28.65 1.55 -15.42
CA CYS B 395 -29.09 0.19 -15.74
C CYS B 395 -29.70 0.12 -17.14
N VAL B 396 -30.51 1.12 -17.51
CA VAL B 396 -31.05 1.17 -18.87
C VAL B 396 -29.93 1.24 -19.89
N ALA B 397 -28.91 2.07 -19.62
CA ALA B 397 -27.78 2.20 -20.53
C ALA B 397 -27.01 0.89 -20.65
N ALA B 398 -26.80 0.18 -19.54
CA ALA B 398 -26.10 -1.10 -19.59
C ALA B 398 -26.86 -2.10 -20.45
N VAL B 399 -28.17 -2.21 -20.25
CA VAL B 399 -28.95 -3.16 -21.05
C VAL B 399 -28.98 -2.74 -22.51
N PHE B 400 -29.09 -1.43 -22.77
CA PHE B 400 -29.11 -0.91 -24.13
C PHE B 400 -27.81 -1.21 -24.87
N ILE B 401 -26.67 -1.02 -24.18
CA ILE B 401 -25.38 -1.32 -24.78
C ILE B 401 -25.22 -2.82 -25.00
N ALA B 402 -25.73 -3.63 -24.07
CA ALA B 402 -25.70 -5.08 -24.26
C ALA B 402 -26.49 -5.49 -25.50
N GLN B 403 -27.65 -4.85 -25.72
CA GLN B 403 -28.45 -5.16 -26.89
C GLN B 403 -27.82 -4.63 -28.18
N LEU B 404 -27.12 -3.50 -28.11
CA LEU B 404 -26.42 -2.99 -29.29
C LEU B 404 -25.27 -3.91 -29.69
N SER B 405 -24.59 -4.50 -28.72
CA SER B 405 -23.42 -5.34 -28.96
C SER B 405 -23.79 -6.79 -29.19
N GLN B 406 -25.08 -7.12 -29.23
CA GLN B 406 -25.59 -8.47 -29.41
C GLN B 406 -25.13 -9.42 -28.32
N GLN B 407 -24.69 -8.88 -27.18
CA GLN B 407 -24.37 -9.72 -26.03
C GLN B 407 -25.66 -10.15 -25.34
N SER B 408 -25.57 -11.30 -24.66
CA SER B 408 -26.70 -11.86 -23.94
C SER B 408 -26.55 -11.58 -22.46
N LEU B 409 -27.58 -11.02 -21.84
CA LEU B 409 -27.58 -10.71 -20.42
C LEU B 409 -28.32 -11.82 -19.69
N ASP B 410 -27.57 -12.69 -19.02
CA ASP B 410 -28.16 -13.71 -18.17
C ASP B 410 -28.33 -13.15 -16.76
N PHE B 411 -28.86 -13.99 -15.85
CA PHE B 411 -29.17 -13.53 -14.50
C PHE B 411 -27.94 -13.07 -13.74
N VAL B 412 -26.79 -13.71 -13.98
CA VAL B 412 -25.57 -13.29 -13.30
C VAL B 412 -25.18 -11.88 -13.72
N LYS B 413 -25.23 -11.58 -15.02
CA LYS B 413 -24.93 -10.25 -15.49
C LYS B 413 -25.92 -9.22 -14.96
N ILE B 414 -27.20 -9.59 -14.88
CA ILE B 414 -28.20 -8.66 -14.35
C ILE B 414 -27.95 -8.38 -12.88
N ILE B 415 -27.62 -9.41 -12.10
CA ILE B 415 -27.29 -9.21 -10.69
C ILE B 415 -26.08 -8.31 -10.54
N THR B 416 -25.04 -8.54 -11.35
CA THR B 416 -23.85 -7.71 -11.29
C THR B 416 -24.18 -6.26 -11.66
N ILE B 417 -25.03 -6.06 -12.67
CA ILE B 417 -25.43 -4.72 -13.08
C ILE B 417 -26.13 -4.02 -11.92
N LEU B 418 -27.09 -4.70 -11.28
CA LEU B 418 -27.83 -4.08 -10.20
C LEU B 418 -26.91 -3.74 -9.01
N VAL B 419 -26.02 -4.66 -8.64
CA VAL B 419 -25.17 -4.42 -7.49
C VAL B 419 -24.19 -3.27 -7.76
N THR B 420 -23.52 -3.31 -8.91
CA THR B 420 -22.58 -2.25 -9.25
C THR B 420 -23.28 -0.92 -9.43
N ALA B 421 -24.50 -0.92 -9.98
CA ALA B 421 -25.25 0.32 -10.15
C ALA B 421 -25.69 0.89 -8.80
N THR B 422 -26.11 0.02 -7.88
CA THR B 422 -26.50 0.50 -6.56
C THR B 422 -25.31 1.10 -5.82
N ALA B 423 -24.13 0.50 -5.95
CA ALA B 423 -22.95 1.12 -5.37
C ALA B 423 -22.54 2.41 -6.08
N SER B 424 -22.62 2.45 -7.41
CA SER B 424 -22.13 3.58 -8.20
C SER B 424 -23.07 4.78 -8.15
N SER B 425 -24.37 4.53 -7.98
CA SER B 425 -25.32 5.62 -7.76
C SER B 425 -25.02 6.34 -6.45
N VAL B 426 -24.66 5.60 -5.40
CA VAL B 426 -24.16 6.23 -4.20
C VAL B 426 -22.86 6.96 -4.48
N GLY B 427 -22.00 6.36 -5.30
CA GLY B 427 -20.75 6.98 -5.68
C GLY B 427 -20.82 8.06 -6.74
N ALA B 428 -21.96 8.23 -7.40
CA ALA B 428 -22.09 9.26 -8.43
C ALA B 428 -22.17 10.65 -7.79
N ALA B 429 -21.90 11.66 -8.60
CA ALA B 429 -21.81 13.04 -8.13
C ALA B 429 -23.05 13.84 -8.52
N GLY B 430 -23.38 14.81 -7.68
CA GLY B 430 -24.53 15.67 -7.90
C GLY B 430 -24.26 16.80 -8.86
N ILE B 431 -23.57 16.49 -9.96
CA ILE B 431 -23.22 17.48 -10.98
C ILE B 431 -23.71 16.97 -12.32
N PRO B 432 -23.82 17.86 -13.32
CA PRO B 432 -24.19 17.39 -14.66
C PRO B 432 -23.22 16.33 -15.17
N ALA B 433 -23.78 15.31 -15.83
CA ALA B 433 -23.03 14.16 -16.34
C ALA B 433 -22.25 13.47 -15.22
N GLY B 434 -22.87 13.36 -14.04
CA GLY B 434 -22.20 12.78 -12.90
C GLY B 434 -22.13 11.26 -12.90
N GLY B 435 -22.98 10.62 -13.68
CA GLY B 435 -23.05 9.17 -13.67
C GLY B 435 -22.38 8.45 -14.83
N VAL B 436 -21.59 9.18 -15.63
CA VAL B 436 -20.98 8.56 -16.81
C VAL B 436 -19.83 7.65 -16.41
N LEU B 437 -18.95 8.10 -15.52
CA LEU B 437 -17.82 7.29 -15.08
C LEU B 437 -18.28 6.06 -14.32
N THR B 438 -19.34 6.19 -13.52
CA THR B 438 -19.92 5.03 -12.87
C THR B 438 -20.50 4.06 -13.88
N LEU B 439 -21.08 4.58 -14.97
CA LEU B 439 -21.54 3.71 -16.05
C LEU B 439 -20.38 2.95 -16.69
N ALA B 440 -19.25 3.62 -16.89
CA ALA B 440 -18.07 2.93 -17.41
C ALA B 440 -17.63 1.81 -16.46
N ILE B 441 -17.70 2.08 -15.15
CA ILE B 441 -17.38 1.06 -14.16
C ILE B 441 -18.34 -0.13 -14.28
N ILE B 442 -19.64 0.14 -14.43
CA ILE B 442 -20.62 -0.94 -14.54
C ILE B 442 -20.37 -1.79 -15.79
N LEU B 443 -20.11 -1.14 -16.93
CA LEU B 443 -19.86 -1.86 -18.17
C LEU B 443 -18.60 -2.71 -18.04
N GLU B 444 -17.55 -2.18 -17.42
CA GLU B 444 -16.35 -2.98 -17.17
C GLU B 444 -16.64 -4.14 -16.24
N ALA B 445 -17.54 -3.94 -15.27
CA ALA B 445 -17.92 -5.01 -14.36
C ALA B 445 -18.62 -6.16 -15.07
N VAL B 446 -19.41 -5.88 -16.10
CA VAL B 446 -20.08 -6.96 -16.81
C VAL B 446 -19.45 -7.25 -18.18
N ASN B 447 -18.20 -6.81 -18.39
CA ASN B 447 -17.46 -7.08 -19.62
C ASN B 447 -18.20 -6.60 -20.86
N LEU B 448 -18.83 -5.43 -20.76
CA LEU B 448 -19.55 -4.83 -21.87
C LEU B 448 -18.68 -3.78 -22.56
N PRO B 449 -18.94 -3.48 -23.83
CA PRO B 449 -18.13 -2.47 -24.53
C PRO B 449 -18.33 -1.09 -23.92
N VAL B 450 -17.22 -0.46 -23.57
CA VAL B 450 -17.26 0.89 -23.01
C VAL B 450 -17.24 1.97 -24.08
N ASP B 451 -16.77 1.65 -25.29
CA ASP B 451 -16.76 2.64 -26.36
C ASP B 451 -18.16 3.07 -26.78
N HIS B 452 -19.18 2.29 -26.43
CA HIS B 452 -20.56 2.68 -26.71
C HIS B 452 -21.04 3.82 -25.84
N ILE B 453 -20.33 4.13 -24.75
CA ILE B 453 -20.72 5.24 -23.88
C ILE B 453 -20.80 6.54 -24.67
N SER B 454 -19.88 6.73 -25.62
CA SER B 454 -19.88 7.95 -26.43
C SER B 454 -21.21 8.15 -27.14
N LEU B 455 -21.97 7.09 -27.40
CA LEU B 455 -23.30 7.26 -27.95
C LEU B 455 -24.26 7.88 -26.95
N ILE B 456 -24.33 7.32 -25.74
CA ILE B 456 -25.26 7.85 -24.74
C ILE B 456 -24.83 9.24 -24.28
N LEU B 457 -23.54 9.54 -24.29
CA LEU B 457 -23.07 10.89 -24.00
C LEU B 457 -23.66 11.91 -24.97
N ALA B 458 -24.09 11.46 -26.15
CA ALA B 458 -24.71 12.36 -27.11
C ALA B 458 -26.04 12.93 -26.61
N VAL B 459 -26.69 12.26 -25.65
CA VAL B 459 -28.01 12.69 -25.20
C VAL B 459 -28.06 12.92 -23.70
N ASP B 460 -26.92 12.85 -23.02
CA ASP B 460 -26.92 12.96 -21.57
C ASP B 460 -27.49 14.29 -21.10
N TRP B 461 -27.13 15.39 -21.79
CA TRP B 461 -27.66 16.71 -21.45
C TRP B 461 -29.17 16.70 -21.30
N LEU B 462 -29.85 15.78 -21.97
CA LEU B 462 -31.28 15.58 -21.75
C LEU B 462 -31.53 14.60 -20.61
N VAL B 463 -31.01 13.37 -20.75
CA VAL B 463 -31.34 12.31 -19.80
C VAL B 463 -30.92 12.69 -18.39
N ASP B 464 -29.72 13.25 -18.25
CA ASP B 464 -29.23 13.64 -16.94
C ASP B 464 -30.16 14.65 -16.27
N ARG B 465 -30.76 15.53 -17.05
CA ARG B 465 -31.67 16.51 -16.46
C ARG B 465 -32.90 15.84 -15.87
N SER B 466 -33.34 14.73 -16.46
CA SER B 466 -34.42 13.96 -15.87
C SER B 466 -33.94 13.15 -14.67
N CYS B 467 -32.65 12.80 -14.63
CA CYS B 467 -32.11 12.09 -13.47
C CYS B 467 -32.13 12.97 -12.24
N THR B 468 -31.68 14.23 -12.38
CA THR B 468 -31.60 15.14 -11.25
C THR B 468 -32.96 15.31 -10.57
N VAL B 469 -34.01 15.48 -11.37
CA VAL B 469 -35.36 15.59 -10.81
C VAL B 469 -35.68 14.36 -9.98
N LEU B 470 -35.31 13.18 -10.46
CA LEU B 470 -35.53 11.97 -9.69
C LEU B 470 -34.52 11.82 -8.56
N ASN B 471 -33.34 12.41 -8.69
CA ASN B 471 -32.34 12.30 -7.62
C ASN B 471 -32.73 13.11 -6.40
N VAL B 472 -33.34 14.28 -6.60
CA VAL B 472 -33.69 15.14 -5.49
C VAL B 472 -35.10 14.88 -4.97
N GLU B 473 -35.97 14.24 -5.76
CA GLU B 473 -37.32 13.96 -5.31
C GLU B 473 -37.32 12.95 -4.17
N GLY B 474 -36.59 11.84 -4.34
CA GLY B 474 -36.57 10.81 -3.31
C GLY B 474 -36.11 11.34 -1.97
N ASP B 475 -35.02 12.12 -1.95
CA ASP B 475 -34.55 12.72 -0.72
C ASP B 475 -35.68 13.47 -0.02
N ALA B 476 -36.49 14.21 -0.79
CA ALA B 476 -37.61 14.91 -0.20
C ALA B 476 -38.61 13.93 0.39
N LEU B 477 -39.04 12.94 -0.40
CA LEU B 477 -40.05 12.02 0.08
C LEU B 477 -39.56 11.16 1.23
N GLY B 478 -38.25 10.90 1.30
CA GLY B 478 -37.71 10.27 2.49
C GLY B 478 -37.87 11.15 3.72
N ALA B 479 -37.53 12.43 3.60
CA ALA B 479 -37.64 13.34 4.74
C ALA B 479 -39.08 13.42 5.24
N GLY B 480 -40.03 13.65 4.33
CA GLY B 480 -41.42 13.64 4.72
C GLY B 480 -41.87 12.30 5.27
N LEU B 481 -41.20 11.22 4.86
CA LEU B 481 -41.53 9.91 5.40
C LEU B 481 -40.99 9.73 6.81
N LEU B 482 -39.89 10.40 7.17
CA LEU B 482 -39.40 10.34 8.53
C LEU B 482 -40.13 11.30 9.45
N GLN B 483 -40.41 12.52 8.97
CA GLN B 483 -41.14 13.49 9.78
C GLN B 483 -42.46 12.93 10.26
N ASN B 484 -43.19 12.24 9.38
CA ASN B 484 -44.44 11.61 9.78
C ASN B 484 -44.24 10.69 10.98
N TYR B 485 -43.19 9.88 10.95
CA TYR B 485 -42.89 9.02 12.09
C TYR B 485 -42.63 9.86 13.33
N VAL B 486 -41.88 10.95 13.18
CA VAL B 486 -41.66 11.86 14.31
C VAL B 486 -43.00 12.43 14.78
N ASP B 487 -43.90 12.71 13.83
CA ASP B 487 -45.21 13.21 14.21
C ASP B 487 -46.06 12.14 14.88
N ARG B 488 -45.74 10.86 14.67
CA ARG B 488 -46.50 9.78 15.27
C ARG B 488 -45.84 9.21 16.52
N THR B 489 -44.67 9.71 16.90
CA THR B 489 -43.99 9.22 18.09
C THR B 489 -43.57 10.38 18.99
N LEU C 49 -20.18 -22.96 28.61
CA LEU C 49 -20.19 -23.39 27.22
C LEU C 49 -20.08 -22.20 26.27
N ARG C 50 -20.41 -21.01 26.77
CA ARG C 50 -20.26 -19.82 25.95
C ARG C 50 -18.82 -19.60 25.57
N ALA C 51 -17.90 -19.82 26.50
CA ALA C 51 -16.48 -19.91 26.17
C ALA C 51 -16.21 -21.22 25.44
N ASN C 52 -15.28 -21.17 24.49
CA ASN C 52 -14.96 -22.29 23.60
C ASN C 52 -16.16 -22.76 22.79
N LEU C 53 -17.11 -21.86 22.51
CA LEU C 53 -18.28 -22.22 21.71
C LEU C 53 -17.88 -22.61 20.30
N LEU C 54 -16.87 -21.92 19.74
CA LEU C 54 -16.45 -22.20 18.38
C LEU C 54 -15.87 -23.60 18.25
N VAL C 55 -15.11 -24.06 19.25
CA VAL C 55 -14.56 -25.41 19.22
C VAL C 55 -15.68 -26.44 19.21
N LEU C 56 -16.68 -26.23 20.08
CA LEU C 56 -17.84 -27.11 20.12
C LEU C 56 -18.58 -27.11 18.79
N LEU C 57 -18.71 -25.94 18.17
CA LEU C 57 -19.41 -25.86 16.90
C LEU C 57 -18.62 -26.54 15.78
N THR C 58 -17.29 -26.47 15.82
CA THR C 58 -16.50 -27.20 14.83
C THR C 58 -16.66 -28.70 14.99
N VAL C 59 -16.63 -29.19 16.24
CA VAL C 59 -16.81 -30.63 16.44
C VAL C 59 -18.23 -31.05 16.04
N VAL C 60 -19.24 -30.25 16.39
CA VAL C 60 -20.61 -30.55 16.00
C VAL C 60 -20.76 -30.54 14.49
N ALA C 61 -20.09 -29.60 13.81
CA ALA C 61 -20.13 -29.55 12.35
C ALA C 61 -19.46 -30.78 11.75
N VAL C 62 -18.39 -31.27 12.36
CA VAL C 62 -17.76 -32.49 11.87
C VAL C 62 -18.72 -33.67 11.99
N VAL C 63 -19.39 -33.78 13.14
CA VAL C 63 -20.35 -34.87 13.34
C VAL C 63 -21.50 -34.77 12.34
N ALA C 64 -22.02 -33.56 12.15
CA ALA C 64 -23.11 -33.36 11.21
C ALA C 64 -22.68 -33.65 9.78
N GLY C 65 -21.45 -33.28 9.42
CA GLY C 65 -20.95 -33.61 8.10
C GLY C 65 -20.80 -35.09 7.88
N VAL C 66 -20.33 -35.81 8.91
CA VAL C 66 -20.25 -37.27 8.81
C VAL C 66 -21.62 -37.87 8.59
N ALA C 67 -22.60 -37.41 9.38
CA ALA C 67 -23.97 -37.93 9.24
C ALA C 67 -24.54 -37.61 7.86
N LEU C 68 -24.31 -36.39 7.37
CA LEU C 68 -24.82 -35.98 6.06
C LEU C 68 -24.18 -36.80 4.95
N GLY C 69 -22.86 -36.98 5.00
CA GLY C 69 -22.20 -37.80 4.01
C GLY C 69 -22.63 -39.25 4.01
N LEU C 70 -22.77 -39.85 5.19
CA LEU C 70 -23.27 -41.21 5.27
C LEU C 70 -24.70 -41.34 4.75
N GLY C 71 -25.57 -40.38 5.08
CA GLY C 71 -26.93 -40.42 4.57
C GLY C 71 -27.00 -40.27 3.06
N VAL C 72 -26.18 -39.36 2.50
CA VAL C 72 -26.18 -39.18 1.06
C VAL C 72 -25.61 -40.41 0.36
N SER C 73 -24.54 -40.99 0.91
CA SER C 73 -23.97 -42.19 0.30
C SER C 73 -24.93 -43.37 0.37
N GLY C 74 -25.64 -43.52 1.49
CA GLY C 74 -26.61 -44.59 1.63
C GLY C 74 -27.79 -44.43 0.70
N ALA C 75 -28.54 -43.33 0.88
CA ALA C 75 -29.70 -43.05 0.04
C ALA C 75 -29.21 -42.38 -1.24
N GLY C 76 -28.72 -43.18 -2.17
CA GLY C 76 -28.18 -42.66 -3.41
C GLY C 76 -26.66 -42.72 -3.39
N GLY C 77 -26.03 -41.55 -3.49
CA GLY C 77 -24.60 -41.44 -3.45
C GLY C 77 -24.11 -40.42 -4.46
N ALA C 78 -22.81 -40.44 -4.71
CA ALA C 78 -22.23 -39.56 -5.71
C ALA C 78 -22.74 -39.89 -7.11
N LEU C 79 -22.88 -41.17 -7.43
CA LEU C 79 -23.39 -41.58 -8.73
C LEU C 79 -24.83 -41.12 -8.94
N ALA C 80 -25.68 -41.26 -7.93
CA ALA C 80 -27.06 -40.80 -8.04
C ALA C 80 -27.12 -39.28 -8.13
N LEU C 81 -26.28 -38.59 -7.34
CA LEU C 81 -26.28 -37.13 -7.36
C LEU C 81 -25.86 -36.59 -8.73
N GLY C 82 -24.78 -37.14 -9.28
CA GLY C 82 -24.23 -36.62 -10.51
C GLY C 82 -23.33 -35.43 -10.22
N PRO C 83 -22.47 -35.09 -11.18
CA PRO C 83 -21.57 -33.93 -10.97
C PRO C 83 -22.30 -32.63 -10.71
N GLU C 84 -23.47 -32.43 -11.33
CA GLU C 84 -24.21 -31.19 -11.17
C GLU C 84 -24.55 -30.93 -9.70
N ARG C 85 -25.15 -31.92 -9.04
CA ARG C 85 -25.47 -31.79 -7.64
C ARG C 85 -24.26 -31.96 -6.72
N LEU C 86 -23.26 -32.73 -7.14
CA LEU C 86 -22.08 -32.95 -6.31
C LEU C 86 -21.27 -31.67 -6.15
N SER C 87 -21.05 -30.93 -7.24
CA SER C 87 -20.26 -29.71 -7.17
C SER C 87 -20.96 -28.66 -6.32
N ALA C 88 -22.28 -28.55 -6.43
CA ALA C 88 -23.03 -27.60 -5.62
C ALA C 88 -23.13 -28.07 -4.18
N PHE C 89 -23.03 -29.38 -3.95
CA PHE C 89 -23.15 -29.91 -2.60
C PHE C 89 -21.96 -29.52 -1.74
N VAL C 90 -20.76 -29.50 -2.31
CA VAL C 90 -19.55 -29.20 -1.55
C VAL C 90 -19.20 -27.72 -1.61
N PHE C 91 -20.02 -26.89 -2.23
CA PHE C 91 -19.65 -25.50 -2.47
C PHE C 91 -19.39 -24.67 -1.22
N PRO C 92 -20.17 -24.75 -0.14
CA PRO C 92 -19.85 -23.95 1.05
C PRO C 92 -18.46 -24.20 1.60
N GLY C 93 -17.99 -25.46 1.59
CA GLY C 93 -16.63 -25.73 1.99
C GLY C 93 -15.61 -25.09 1.08
N GLU C 94 -15.89 -25.09 -0.22
CA GLU C 94 -15.00 -24.41 -1.17
C GLU C 94 -14.97 -22.90 -0.91
N LEU C 95 -16.10 -22.30 -0.57
CA LEU C 95 -16.12 -20.89 -0.22
C LEU C 95 -15.28 -20.61 1.01
N LEU C 96 -15.38 -21.47 2.03
CA LEU C 96 -14.53 -21.34 3.21
C LEU C 96 -13.05 -21.41 2.83
N LEU C 97 -12.70 -22.36 1.96
CA LEU C 97 -11.31 -22.48 1.54
C LEU C 97 -10.85 -21.25 0.78
N ARG C 98 -11.71 -20.67 -0.06
CA ARG C 98 -11.35 -19.46 -0.80
C ARG C 98 -11.13 -18.28 0.15
N LEU C 99 -11.97 -18.15 1.18
CA LEU C 99 -11.78 -17.07 2.15
C LEU C 99 -10.47 -17.24 2.93
N LEU C 100 -10.18 -18.46 3.36
CA LEU C 100 -8.92 -18.72 4.05
C LEU C 100 -7.74 -18.40 3.16
N ARG C 101 -7.78 -18.83 1.91
CA ARG C 101 -6.70 -18.53 0.98
C ARG C 101 -6.56 -17.04 0.75
N MET C 102 -7.68 -16.31 0.74
CA MET C 102 -7.62 -14.88 0.50
C MET C 102 -6.97 -14.10 1.64
N ILE C 103 -7.25 -14.46 2.89
CA ILE C 103 -6.65 -13.68 3.98
C ILE C 103 -5.20 -14.03 4.27
N ILE C 104 -4.61 -14.99 3.57
CA ILE C 104 -3.27 -15.47 3.90
C ILE C 104 -2.22 -14.39 3.61
N LEU C 105 -2.30 -13.78 2.43
CA LEU C 105 -1.27 -12.82 2.01
C LEU C 105 -1.12 -11.65 2.98
N PRO C 106 -2.17 -10.84 3.23
CA PRO C 106 -1.98 -9.72 4.17
C PRO C 106 -1.58 -10.16 5.56
N LEU C 107 -2.14 -11.26 6.05
CA LEU C 107 -1.84 -11.72 7.40
C LEU C 107 -0.37 -12.07 7.54
N VAL C 108 0.14 -12.91 6.65
CA VAL C 108 1.54 -13.33 6.71
C VAL C 108 2.46 -12.13 6.57
N VAL C 109 2.23 -11.30 5.55
CA VAL C 109 3.15 -10.20 5.28
C VAL C 109 3.18 -9.21 6.45
N CYS C 110 2.01 -8.75 6.88
CA CYS C 110 1.95 -7.72 7.92
C CYS C 110 2.46 -8.24 9.26
N SER C 111 2.03 -9.44 9.66
CA SER C 111 2.49 -9.97 10.94
C SER C 111 4.00 -10.18 10.94
N LEU C 112 4.57 -10.66 9.83
CA LEU C 112 6.02 -10.90 9.82
C LEU C 112 6.81 -9.59 9.80
N ILE C 113 6.33 -8.58 9.08
CA ILE C 113 7.01 -7.29 9.10
C ILE C 113 7.02 -6.72 10.51
N GLY C 114 5.87 -6.78 11.19
CA GLY C 114 5.82 -6.28 12.56
C GLY C 114 6.69 -7.09 13.51
N GLY C 115 6.68 -8.41 13.39
CA GLY C 115 7.50 -9.24 14.25
C GLY C 115 8.99 -8.97 14.07
N ALA C 116 9.44 -8.81 12.83
CA ALA C 116 10.85 -8.53 12.59
C ALA C 116 11.23 -7.12 13.03
N ALA C 117 10.37 -6.13 12.83
CA ALA C 117 10.72 -4.76 13.18
C ALA C 117 10.84 -4.56 14.69
N SER C 118 10.21 -5.42 15.49
CA SER C 118 10.15 -5.20 16.93
C SER C 118 11.32 -5.82 17.68
N LEU C 119 12.30 -6.41 17.01
CA LEU C 119 13.40 -7.11 17.69
C LEU C 119 14.50 -6.14 18.11
N ASP C 120 14.11 -5.18 18.94
CA ASP C 120 15.01 -4.13 19.40
C ASP C 120 16.06 -4.73 20.33
N PRO C 121 17.36 -4.54 20.04
CA PRO C 121 18.40 -5.15 20.89
C PRO C 121 18.36 -4.71 22.34
N GLY C 122 18.04 -3.44 22.60
CA GLY C 122 17.94 -2.95 23.96
C GLY C 122 16.77 -3.52 24.72
N ALA C 123 15.63 -3.70 24.04
CA ALA C 123 14.46 -4.26 24.69
C ALA C 123 14.67 -5.72 25.08
N LEU C 124 15.54 -6.42 24.37
CA LEU C 124 15.80 -7.83 24.65
C LEU C 124 16.95 -8.01 25.64
N GLY C 125 18.01 -7.24 25.49
CA GLY C 125 19.22 -7.49 26.23
C GLY C 125 19.79 -8.87 25.92
N ARG C 126 20.85 -9.20 26.64
CA ARG C 126 21.49 -10.50 26.47
C ARG C 126 20.54 -11.64 26.83
N LEU C 127 19.76 -11.47 27.90
CA LEU C 127 18.86 -12.53 28.33
C LEU C 127 17.79 -12.83 27.29
N GLY C 128 17.07 -11.81 26.82
CA GLY C 128 16.07 -12.05 25.79
C GLY C 128 16.65 -12.51 24.47
N ALA C 129 17.86 -12.02 24.12
CA ALA C 129 18.50 -12.51 22.91
C ALA C 129 18.80 -14.01 22.99
N TRP C 130 19.29 -14.48 24.14
CA TRP C 130 19.53 -15.91 24.30
C TRP C 130 18.22 -16.70 24.39
N ALA C 131 17.20 -16.12 25.03
CA ALA C 131 15.91 -16.80 25.13
C ALA C 131 15.27 -17.00 23.76
N LEU C 132 15.34 -15.99 22.90
CA LEU C 132 14.79 -16.11 21.56
C LEU C 132 15.48 -17.17 20.73
N LEU C 133 16.81 -17.28 20.82
CA LEU C 133 17.53 -18.36 20.16
C LEU C 133 17.16 -19.73 20.72
N PHE C 134 17.01 -19.84 22.04
CA PHE C 134 16.56 -21.10 22.62
C PHE C 134 15.18 -21.48 22.11
N PHE C 135 14.27 -20.50 22.02
CA PHE C 135 12.93 -20.74 21.49
C PHE C 135 12.99 -21.24 20.06
N LEU C 136 13.78 -20.56 19.22
CA LEU C 136 13.89 -20.94 17.82
C LEU C 136 14.45 -22.34 17.66
N VAL C 137 15.52 -22.65 18.41
CA VAL C 137 16.16 -23.96 18.28
C VAL C 137 15.21 -25.07 18.73
N THR C 138 14.52 -24.88 19.85
CA THR C 138 13.62 -25.93 20.31
C THR C 138 12.40 -26.08 19.40
N THR C 139 11.90 -25.00 18.81
CA THR C 139 10.83 -25.13 17.85
C THR C 139 11.28 -25.89 16.61
N LEU C 140 12.50 -25.61 16.13
CA LEU C 140 13.03 -26.35 15.00
C LEU C 140 13.19 -27.83 15.32
N LEU C 141 13.68 -28.13 16.53
CA LEU C 141 13.79 -29.52 16.96
C LEU C 141 12.44 -30.22 17.06
N ALA C 142 11.42 -29.54 17.57
CA ALA C 142 10.08 -30.12 17.65
C ALA C 142 9.52 -30.39 16.26
N SER C 143 9.68 -29.44 15.33
CA SER C 143 9.23 -29.65 13.96
C SER C 143 9.95 -30.81 13.29
N ALA C 144 11.27 -30.90 13.47
CA ALA C 144 12.02 -32.01 12.89
C ALA C 144 11.59 -33.34 13.48
N LEU C 145 11.37 -33.39 14.79
CA LEU C 145 10.91 -34.62 15.43
C LEU C 145 9.54 -35.04 14.89
N GLY C 146 8.63 -34.08 14.74
CA GLY C 146 7.32 -34.42 14.21
C GLY C 146 7.39 -34.95 12.79
N VAL C 147 8.17 -34.29 11.94
CA VAL C 147 8.32 -34.77 10.56
C VAL C 147 8.92 -36.16 10.53
N GLY C 148 9.97 -36.40 11.31
CA GLY C 148 10.61 -37.70 11.33
C GLY C 148 9.73 -38.80 11.84
N LEU C 149 8.98 -38.56 12.92
CA LEU C 149 8.05 -39.56 13.43
C LEU C 149 6.94 -39.86 12.44
N ALA C 150 6.39 -38.83 11.78
CA ALA C 150 5.33 -39.07 10.82
C ALA C 150 5.85 -39.79 9.57
N LEU C 151 7.12 -39.57 9.19
CA LEU C 151 7.69 -40.32 8.09
C LEU C 151 7.96 -41.77 8.48
N ALA C 152 8.43 -42.00 9.71
CA ALA C 152 8.77 -43.35 10.13
C ALA C 152 7.53 -44.21 10.37
N LEU C 153 6.52 -43.66 11.04
CA LEU C 153 5.34 -44.44 11.41
C LEU C 153 4.28 -44.47 10.32
N GLN C 154 4.33 -43.55 9.36
CA GLN C 154 3.39 -43.50 8.25
C GLN C 154 1.93 -43.54 8.70
N PRO C 155 1.47 -42.54 9.46
CA PRO C 155 0.07 -42.55 9.91
C PRO C 155 -0.93 -42.54 8.77
N GLY C 156 -0.62 -41.87 7.65
CA GLY C 156 -1.58 -41.68 6.59
C GLY C 156 -1.51 -42.72 5.48
N ALA C 157 -0.46 -43.53 5.48
CA ALA C 157 -0.31 -44.56 4.47
C ALA C 157 -1.34 -45.67 4.68
N ALA C 158 -1.82 -46.22 3.57
CA ALA C 158 -2.77 -47.34 3.62
C ALA C 158 -2.13 -48.60 3.08
N SER C 177 9.41 -37.02 -12.41
CA SER C 177 9.50 -35.98 -11.39
C SER C 177 10.71 -35.08 -11.64
N LYS C 178 10.92 -34.13 -10.73
CA LYS C 178 11.98 -33.15 -10.84
C LYS C 178 13.25 -33.66 -10.17
N GLU C 179 14.39 -33.41 -10.79
CA GLU C 179 15.67 -33.83 -10.25
C GLU C 179 15.98 -33.10 -8.94
N VAL C 180 16.96 -33.63 -8.21
CA VAL C 180 17.29 -33.09 -6.88
C VAL C 180 17.86 -31.69 -6.99
N LEU C 181 18.84 -31.51 -7.88
CA LEU C 181 19.49 -30.21 -8.01
C LEU C 181 18.50 -29.15 -8.49
N ASP C 182 17.63 -29.52 -9.44
CA ASP C 182 16.62 -28.59 -9.91
C ASP C 182 15.62 -28.26 -8.83
N SER C 183 15.28 -29.22 -7.97
CA SER C 183 14.39 -28.93 -6.84
C SER C 183 15.03 -27.91 -5.90
N PHE C 184 16.31 -28.09 -5.58
CA PHE C 184 16.99 -27.13 -4.72
C PHE C 184 17.07 -25.76 -5.37
N LEU C 185 17.36 -25.72 -6.68
CA LEU C 185 17.47 -24.44 -7.37
C LEU C 185 16.13 -23.72 -7.45
N ASP C 186 15.05 -24.47 -7.65
CA ASP C 186 13.71 -23.88 -7.62
C ASP C 186 13.40 -23.33 -6.24
N LEU C 187 13.80 -24.05 -5.19
CA LEU C 187 13.62 -23.56 -3.83
C LEU C 187 14.36 -22.24 -3.64
N ALA C 188 15.60 -22.15 -4.11
CA ALA C 188 16.36 -20.92 -3.97
C ALA C 188 15.73 -19.78 -4.76
N ARG C 189 15.26 -20.07 -5.98
CA ARG C 189 14.58 -19.04 -6.77
C ARG C 189 13.31 -18.56 -6.10
N ASN C 190 12.60 -19.43 -5.40
CA ASN C 190 11.38 -19.02 -4.73
C ASN C 190 11.65 -18.30 -3.42
N ILE C 191 12.76 -18.64 -2.74
CA ILE C 191 13.16 -17.90 -1.54
C ILE C 191 13.43 -16.44 -1.89
N PHE C 192 14.08 -16.20 -3.03
CA PHE C 192 14.35 -14.87 -3.52
C PHE C 192 13.57 -14.61 -4.80
N PRO C 193 12.28 -14.27 -4.71
CA PRO C 193 11.51 -14.03 -5.93
C PRO C 193 12.00 -12.81 -6.68
N SER C 194 11.86 -12.85 -8.00
CA SER C 194 12.28 -11.76 -8.86
C SER C 194 11.21 -10.71 -9.06
N ASN C 195 9.99 -10.93 -8.56
CA ASN C 195 8.90 -9.96 -8.68
C ASN C 195 7.97 -10.13 -7.49
N LEU C 196 7.84 -9.06 -6.70
CA LEU C 196 7.02 -9.12 -5.50
C LEU C 196 5.54 -9.28 -5.82
N VAL C 197 5.06 -8.58 -6.85
CA VAL C 197 3.64 -8.66 -7.19
C VAL C 197 3.29 -10.04 -7.74
N SER C 198 4.14 -10.60 -8.59
CA SER C 198 3.92 -11.95 -9.10
C SER C 198 3.96 -12.99 -8.00
N ALA C 199 4.82 -12.79 -6.99
CA ALA C 199 4.96 -13.78 -5.92
C ALA C 199 3.68 -13.97 -5.13
N ALA C 200 2.76 -13.00 -5.18
CA ALA C 200 1.48 -13.12 -4.49
C ALA C 200 0.58 -14.18 -5.11
N PHE C 201 0.79 -14.56 -6.37
CA PHE C 201 -0.04 -15.58 -6.98
C PHE C 201 0.71 -16.58 -7.84
N ARG C 202 2.04 -16.49 -7.97
CA ARG C 202 2.81 -17.41 -8.79
C ARG C 202 4.10 -17.79 -8.07
N SER C 203 4.67 -18.91 -8.50
CA SER C 203 6.00 -19.32 -8.03
C SER C 203 6.75 -19.98 -9.18
N TYR C 204 8.07 -19.96 -9.07
CA TYR C 204 8.94 -20.54 -10.10
C TYR C 204 8.94 -22.06 -10.01
N SER C 205 8.81 -22.71 -11.16
CA SER C 205 8.90 -24.16 -11.27
C SER C 205 9.70 -24.51 -12.51
N THR C 206 10.48 -25.57 -12.42
CA THR C 206 11.28 -26.07 -13.53
C THR C 206 10.69 -27.36 -14.06
N THR C 207 10.43 -27.41 -15.37
CA THR C 207 10.12 -28.63 -16.07
C THR C 207 11.29 -28.96 -17.00
N TYR C 208 11.16 -30.02 -17.77
CA TYR C 208 12.23 -30.47 -18.65
C TYR C 208 11.70 -30.62 -20.06
N GLU C 209 12.52 -30.21 -21.03
CA GLU C 209 12.22 -30.44 -22.44
C GLU C 209 13.35 -31.28 -23.04
N GLU C 210 12.98 -32.26 -23.85
CA GLU C 210 13.94 -33.22 -24.42
C GLU C 210 14.33 -32.72 -25.80
N ARG C 211 15.51 -32.12 -25.90
CA ARG C 211 16.01 -31.60 -27.16
C ARG C 211 16.70 -32.70 -27.96
N LYS C 219 17.19 -34.15 -21.86
CA LYS C 219 16.37 -33.44 -20.88
C LYS C 219 17.09 -32.21 -20.37
N VAL C 220 16.78 -31.05 -20.93
CA VAL C 220 17.31 -29.76 -20.45
C VAL C 220 16.24 -29.08 -19.61
N PRO C 221 16.58 -28.51 -18.46
CA PRO C 221 15.58 -27.86 -17.62
C PRO C 221 15.22 -26.48 -18.14
N VAL C 222 13.92 -26.22 -18.22
CA VAL C 222 13.39 -24.89 -18.53
C VAL C 222 12.43 -24.52 -17.41
N GLY C 223 12.58 -23.30 -16.89
CA GLY C 223 11.75 -22.88 -15.79
C GLY C 223 10.89 -21.68 -16.10
N GLN C 224 9.79 -21.54 -15.37
CA GLN C 224 8.90 -20.40 -15.54
C GLN C 224 8.02 -20.28 -14.30
N GLU C 225 7.28 -19.19 -14.24
CA GLU C 225 6.34 -18.95 -13.15
C GLU C 225 5.02 -19.64 -13.43
N VAL C 226 4.59 -20.49 -12.50
CA VAL C 226 3.36 -21.25 -12.59
C VAL C 226 2.44 -20.80 -11.46
N GLU C 227 1.17 -21.14 -11.61
CA GLU C 227 0.15 -20.70 -10.66
C GLU C 227 0.40 -21.28 -9.27
N GLY C 228 0.20 -20.44 -8.26
CA GLY C 228 0.37 -20.82 -6.88
C GLY C 228 1.18 -19.80 -6.11
N MET C 229 0.59 -19.25 -5.06
CA MET C 229 1.20 -18.15 -4.31
C MET C 229 2.53 -18.57 -3.71
N ASN C 230 3.56 -17.75 -3.94
CA ASN C 230 4.90 -18.01 -3.41
C ASN C 230 4.93 -17.57 -1.96
N ILE C 231 4.43 -18.44 -1.08
CA ILE C 231 4.33 -18.11 0.34
C ILE C 231 5.72 -17.98 0.96
N LEU C 232 6.64 -18.87 0.60
CA LEU C 232 7.98 -18.84 1.18
C LEU C 232 8.70 -17.54 0.81
N GLY C 233 8.60 -17.13 -0.45
CA GLY C 233 9.21 -15.87 -0.87
C GLY C 233 8.60 -14.68 -0.18
N LEU C 234 7.28 -14.69 0.02
CA LEU C 234 6.63 -13.60 0.75
C LEU C 234 7.08 -13.56 2.20
N VAL C 235 7.23 -14.72 2.83
CA VAL C 235 7.71 -14.80 4.21
C VAL C 235 9.11 -14.19 4.31
N VAL C 236 9.99 -14.58 3.39
CA VAL C 236 11.37 -14.08 3.42
C VAL C 236 11.40 -12.58 3.18
N PHE C 237 10.62 -12.09 2.20
CA PHE C 237 10.60 -10.65 1.96
C PHE C 237 10.06 -9.89 3.16
N ALA C 238 9.01 -10.39 3.79
CA ALA C 238 8.43 -9.70 4.94
C ALA C 238 9.43 -9.64 6.09
N ILE C 239 10.16 -10.73 6.33
CA ILE C 239 11.15 -10.72 7.41
C ILE C 239 12.26 -9.73 7.11
N VAL C 240 12.77 -9.74 5.86
CA VAL C 240 13.88 -8.84 5.51
C VAL C 240 13.44 -7.38 5.55
N PHE C 241 12.22 -7.09 5.07
CA PHE C 241 11.69 -5.75 5.12
C PHE C 241 11.49 -5.28 6.57
N GLY C 242 11.02 -6.18 7.43
CA GLY C 242 10.90 -5.83 8.84
C GLY C 242 12.24 -5.56 9.49
N VAL C 243 13.28 -6.31 9.09
CA VAL C 243 14.62 -6.05 9.59
C VAL C 243 15.12 -4.68 9.11
N ALA C 244 14.79 -4.32 7.87
CA ALA C 244 15.11 -2.98 7.39
C ALA C 244 14.40 -1.90 8.20
N LEU C 245 13.12 -2.14 8.53
CA LEU C 245 12.38 -1.18 9.35
C LEU C 245 12.95 -1.08 10.76
N ARG C 246 13.42 -2.21 11.31
CA ARG C 246 14.10 -2.19 12.59
C ARG C 246 15.38 -1.37 12.53
N LYS C 247 16.12 -1.50 11.43
CA LYS C 247 17.33 -0.70 11.26
C LYS C 247 16.99 0.79 11.18
N LEU C 248 15.90 1.14 10.49
CA LEU C 248 15.50 2.55 10.42
C LEU C 248 15.02 3.08 11.76
N GLY C 249 14.40 2.25 12.60
CA GLY C 249 13.98 2.65 13.92
C GLY C 249 12.89 3.70 13.92
N PRO C 250 13.14 4.83 14.57
CA PRO C 250 12.14 5.93 14.56
C PRO C 250 11.81 6.43 13.16
N GLU C 251 12.71 6.23 12.20
CA GLU C 251 12.45 6.64 10.83
C GLU C 251 11.43 5.75 10.12
N GLY C 252 11.33 4.48 10.52
CA GLY C 252 10.36 3.57 9.96
C GLY C 252 9.04 3.50 10.69
N GLU C 253 8.74 4.49 11.52
CA GLU C 253 7.58 4.43 12.40
C GLU C 253 6.27 4.40 11.62
N LEU C 254 6.18 5.21 10.55
CA LEU C 254 4.95 5.24 9.77
C LEU C 254 4.66 3.90 9.12
N LEU C 255 5.68 3.26 8.53
CA LEU C 255 5.48 1.95 7.93
C LEU C 255 5.14 0.89 8.97
N ILE C 256 5.78 0.98 10.15
CA ILE C 256 5.49 0.02 11.22
C ILE C 256 4.02 0.14 11.65
N ARG C 257 3.55 1.38 11.85
CA ARG C 257 2.14 1.58 12.19
C ARG C 257 1.21 1.13 11.07
N PHE C 258 1.58 1.39 9.82
CA PHE C 258 0.75 1.00 8.69
C PHE C 258 0.55 -0.51 8.64
N PHE C 259 1.64 -1.26 8.74
CA PHE C 259 1.53 -2.71 8.64
C PHE C 259 0.87 -3.30 9.89
N ASN C 260 1.11 -2.72 11.06
CA ASN C 260 0.43 -3.18 12.26
C ASN C 260 -1.08 -3.00 12.17
N SER C 261 -1.53 -1.85 11.69
CA SER C 261 -2.96 -1.60 11.60
C SER C 261 -3.61 -2.42 10.47
N PHE C 262 -2.88 -2.63 9.37
CA PHE C 262 -3.38 -3.54 8.35
C PHE C 262 -3.54 -4.96 8.91
N ASN C 263 -2.60 -5.40 9.73
CA ASN C 263 -2.71 -6.71 10.38
C ASN C 263 -3.93 -6.77 11.30
N GLU C 264 -4.21 -5.69 12.04
CA GLU C 264 -5.39 -5.69 12.92
C GLU C 264 -6.68 -5.78 12.12
N ALA C 265 -6.80 -5.04 11.03
CA ALA C 265 -7.98 -5.15 10.18
C ALA C 265 -8.12 -6.55 9.59
N THR C 266 -7.01 -7.14 9.16
CA THR C 266 -7.03 -8.50 8.65
C THR C 266 -7.48 -9.49 9.71
N MET C 267 -7.06 -9.26 10.96
CA MET C 267 -7.49 -10.14 12.05
C MET C 267 -8.98 -10.01 12.32
N VAL C 268 -9.54 -8.80 12.18
CA VAL C 268 -11.00 -8.66 12.26
C VAL C 268 -11.68 -9.49 11.18
N LEU C 269 -11.15 -9.41 9.95
CA LEU C 269 -11.70 -10.25 8.87
C LEU C 269 -11.59 -11.73 9.20
N VAL C 270 -10.47 -12.15 9.79
CA VAL C 270 -10.26 -13.55 10.14
C VAL C 270 -11.29 -14.00 11.17
N SER C 271 -11.56 -13.16 12.18
CA SER C 271 -12.56 -13.51 13.17
C SER C 271 -13.95 -13.61 12.55
N TRP C 272 -14.24 -12.78 11.55
CA TRP C 272 -15.50 -12.93 10.83
C TRP C 272 -15.55 -14.24 10.04
N ILE C 273 -14.43 -14.65 9.43
CA ILE C 273 -14.38 -15.90 8.67
C ILE C 273 -14.60 -17.10 9.60
N MET C 274 -14.03 -17.04 10.79
CA MET C 274 -14.14 -18.17 11.71
C MET C 274 -15.58 -18.44 12.12
N TRP C 275 -16.44 -17.43 12.09
CA TRP C 275 -17.85 -17.64 12.41
C TRP C 275 -18.57 -18.39 11.30
N TYR C 276 -18.20 -18.14 10.04
CA TYR C 276 -18.72 -18.93 8.93
C TYR C 276 -18.12 -20.32 8.86
N ALA C 277 -16.93 -20.50 9.44
CA ALA C 277 -16.19 -21.76 9.28
C ALA C 277 -16.99 -23.02 9.58
N PRO C 278 -17.84 -23.09 10.62
CA PRO C 278 -18.56 -24.37 10.88
C PRO C 278 -19.38 -24.89 9.70
N VAL C 279 -20.06 -24.01 8.95
CA VAL C 279 -20.87 -24.47 7.82
C VAL C 279 -19.98 -25.03 6.71
N GLY C 280 -18.92 -24.31 6.37
CA GLY C 280 -17.99 -24.81 5.38
C GLY C 280 -17.36 -26.12 5.79
N ILE C 281 -17.03 -26.25 7.07
CA ILE C 281 -16.44 -27.48 7.59
C ILE C 281 -17.43 -28.63 7.49
N MET C 282 -18.70 -28.38 7.83
CA MET C 282 -19.70 -29.44 7.74
C MET C 282 -19.85 -29.93 6.31
N PHE C 283 -19.91 -29.02 5.34
CA PHE C 283 -20.06 -29.46 3.96
C PHE C 283 -18.78 -30.09 3.41
N LEU C 284 -17.61 -29.63 3.85
CA LEU C 284 -16.36 -30.25 3.46
C LEU C 284 -16.29 -31.70 3.95
N VAL C 285 -16.65 -31.92 5.22
CA VAL C 285 -16.68 -33.27 5.77
C VAL C 285 -17.69 -34.13 5.04
N ALA C 286 -18.88 -33.59 4.76
CA ALA C 286 -19.90 -34.36 4.05
C ALA C 286 -19.42 -34.77 2.66
N GLY C 287 -18.77 -33.85 1.95
CA GLY C 287 -18.24 -34.19 0.64
C GLY C 287 -17.17 -35.27 0.69
N LYS C 288 -16.25 -35.16 1.65
CA LYS C 288 -15.22 -36.18 1.77
C LYS C 288 -15.80 -37.54 2.12
N ILE C 289 -16.79 -37.57 3.01
CA ILE C 289 -17.41 -38.84 3.40
C ILE C 289 -18.16 -39.45 2.22
N VAL C 290 -18.82 -38.61 1.41
CA VAL C 290 -19.50 -39.10 0.22
C VAL C 290 -18.49 -39.70 -0.75
N GLU C 291 -17.35 -39.03 -0.94
CA GLU C 291 -16.33 -39.55 -1.85
C GLU C 291 -15.71 -40.84 -1.32
N MET C 292 -15.53 -40.95 -0.01
CA MET C 292 -14.81 -42.10 0.56
C MET C 292 -15.60 -43.39 0.37
N GLU C 293 -14.88 -44.49 0.15
CA GLU C 293 -15.52 -45.80 0.03
C GLU C 293 -15.68 -46.46 1.39
N ASP C 294 -14.58 -46.69 2.10
CA ASP C 294 -14.60 -47.30 3.42
C ASP C 294 -14.30 -46.21 4.44
N VAL C 295 -15.35 -45.72 5.11
CA VAL C 295 -15.17 -44.69 6.12
C VAL C 295 -14.44 -45.24 7.34
N GLY C 296 -14.71 -46.49 7.71
CA GLY C 296 -14.08 -47.09 8.88
C GLY C 296 -12.57 -47.14 8.82
N LEU C 297 -11.99 -47.12 7.62
CA LEU C 297 -10.54 -47.04 7.49
C LEU C 297 -9.97 -45.69 7.94
N LEU C 298 -10.71 -44.61 7.70
CA LEU C 298 -10.25 -43.29 8.13
C LEU C 298 -9.94 -43.28 9.61
N PHE C 299 -10.84 -43.81 10.44
CA PHE C 299 -10.63 -43.82 11.88
C PHE C 299 -9.46 -44.69 12.30
N ALA C 300 -9.03 -45.62 11.45
CA ALA C 300 -7.79 -46.32 11.71
C ALA C 300 -6.57 -45.44 11.49
N ARG C 301 -6.59 -44.59 10.47
CA ARG C 301 -5.48 -43.68 10.21
C ARG C 301 -5.50 -42.47 11.14
N LEU C 302 -6.66 -41.84 11.30
CA LEU C 302 -6.80 -40.72 12.20
C LEU C 302 -6.26 -41.04 13.59
N GLY C 303 -6.68 -42.19 14.15
CA GLY C 303 -6.15 -42.61 15.43
C GLY C 303 -4.63 -42.72 15.41
N LYS C 304 -4.08 -43.35 14.37
CA LYS C 304 -2.63 -43.41 14.25
C LYS C 304 -2.04 -42.01 14.22
N TYR C 305 -2.67 -41.08 13.51
CA TYR C 305 -2.21 -39.70 13.53
C TYR C 305 -2.08 -39.20 14.96
N ILE C 306 -3.13 -39.42 15.78
CA ILE C 306 -3.09 -38.98 17.16
C ILE C 306 -1.87 -39.55 17.86
N LEU C 307 -1.62 -40.84 17.67
CA LEU C 307 -0.46 -41.46 18.30
C LEU C 307 0.82 -40.72 17.92
N CYS C 308 1.00 -40.46 16.62
CA CYS C 308 2.23 -39.80 16.17
C CYS C 308 2.37 -38.44 16.85
N CYS C 309 1.24 -37.76 17.10
CA CYS C 309 1.32 -36.49 17.81
C CYS C 309 1.71 -36.71 19.27
N LEU C 310 0.97 -37.58 19.96
CA LEU C 310 1.18 -37.72 21.40
C LEU C 310 2.58 -38.24 21.69
N LEU C 311 2.99 -39.28 20.97
CA LEU C 311 4.35 -39.78 21.10
C LEU C 311 5.37 -38.66 20.91
N GLY C 312 5.18 -37.83 19.89
CA GLY C 312 6.09 -36.72 19.69
C GLY C 312 6.13 -35.82 20.91
N HIS C 313 4.95 -35.45 21.42
CA HIS C 313 4.89 -34.60 22.60
C HIS C 313 5.55 -35.28 23.79
N ALA C 314 5.46 -36.61 23.87
CA ALA C 314 6.10 -37.34 24.95
C ALA C 314 7.61 -37.38 24.79
N ILE C 315 8.13 -37.38 23.57
CA ILE C 315 9.57 -37.45 23.38
C ILE C 315 10.22 -36.09 23.55
N HIS C 316 9.62 -35.05 22.97
CA HIS C 316 10.13 -33.69 23.13
C HIS C 316 10.09 -33.27 24.59
N GLY C 317 9.00 -33.59 25.29
CA GLY C 317 8.80 -33.12 26.65
C GLY C 317 9.46 -33.93 27.75
N LEU C 318 9.76 -35.19 27.49
CA LEU C 318 10.38 -36.03 28.51
C LEU C 318 11.83 -36.40 28.22
N LEU C 319 12.29 -36.25 26.97
CA LEU C 319 13.65 -36.62 26.61
C LEU C 319 14.45 -35.46 26.06
N VAL C 320 13.92 -34.72 25.09
CA VAL C 320 14.72 -33.72 24.38
C VAL C 320 14.94 -32.49 25.26
N LEU C 321 13.85 -31.87 25.72
CA LEU C 321 13.98 -30.69 26.56
C LEU C 321 14.70 -30.97 27.88
N PRO C 322 14.40 -32.05 28.61
CA PRO C 322 15.23 -32.36 29.79
C PRO C 322 16.69 -32.58 29.46
N LEU C 323 17.01 -33.18 28.31
CA LEU C 323 18.40 -33.35 27.93
C LEU C 323 19.08 -32.01 27.70
N ILE C 324 18.40 -31.08 27.03
CA ILE C 324 18.97 -29.75 26.81
C ILE C 324 19.19 -29.05 28.15
N TYR C 325 18.20 -29.14 29.05
CA TYR C 325 18.33 -28.49 30.35
C TYR C 325 19.51 -29.08 31.14
N PHE C 326 19.65 -30.40 31.12
CA PHE C 326 20.78 -31.02 31.84
C PHE C 326 22.11 -30.65 31.21
N LEU C 327 22.18 -30.65 29.88
CA LEU C 327 23.43 -30.32 29.19
C LEU C 327 23.87 -28.89 29.43
N PHE C 328 22.93 -27.96 29.63
CA PHE C 328 23.31 -26.59 29.95
C PHE C 328 23.41 -26.31 31.45
N THR C 329 22.88 -27.20 32.30
CA THR C 329 22.76 -26.93 33.71
C THR C 329 23.41 -27.95 34.62
N ARG C 330 23.54 -29.21 34.18
CA ARG C 330 24.04 -30.31 35.01
C ARG C 330 23.18 -30.49 36.27
N LYS C 331 21.89 -30.23 36.15
CA LYS C 331 20.94 -30.37 37.22
C LYS C 331 19.79 -31.27 36.77
N ASN C 332 19.05 -31.80 37.73
CA ASN C 332 17.95 -32.70 37.41
C ASN C 332 16.80 -31.91 36.79
N PRO C 333 16.40 -32.22 35.55
CA PRO C 333 15.26 -31.51 34.96
C PRO C 333 13.92 -31.96 35.50
N TYR C 334 13.83 -33.19 36.00
CA TYR C 334 12.57 -33.71 36.52
C TYR C 334 12.21 -33.12 37.88
N ARG C 335 13.18 -32.62 38.65
CA ARG C 335 12.85 -31.83 39.82
C ARG C 335 12.20 -30.51 39.42
N PHE C 336 12.70 -29.87 38.36
CA PHE C 336 12.07 -28.67 37.82
C PHE C 336 10.65 -28.97 37.33
N LEU C 337 10.48 -30.07 36.61
CA LEU C 337 9.15 -30.44 36.14
C LEU C 337 8.21 -30.77 37.30
N TRP C 338 8.72 -31.42 38.35
CA TRP C 338 7.91 -31.63 39.54
C TRP C 338 7.56 -30.31 40.21
N GLY C 339 8.42 -29.31 40.10
CA GLY C 339 8.06 -27.98 40.56
C GLY C 339 7.01 -27.29 39.73
N ILE C 340 6.86 -27.65 38.47
CA ILE C 340 5.87 -27.00 37.62
C ILE C 340 4.71 -27.94 37.24
N VAL C 341 4.53 -29.07 37.95
CA VAL C 341 3.46 -30.01 37.59
C VAL C 341 2.09 -29.33 37.56
N THR C 342 1.77 -28.52 38.58
CA THR C 342 0.42 -27.96 38.68
C THR C 342 0.09 -27.02 37.52
N PRO C 343 0.97 -26.09 37.13
CA PRO C 343 0.70 -25.35 35.88
C PRO C 343 0.58 -26.24 34.66
N LEU C 344 1.31 -27.36 34.62
CA LEU C 344 1.13 -28.30 33.50
C LEU C 344 -0.25 -28.93 33.52
N ALA C 345 -0.76 -29.27 34.70
CA ALA C 345 -2.13 -29.77 34.80
C ALA C 345 -3.13 -28.73 34.35
N THR C 346 -2.91 -27.47 34.72
CA THR C 346 -3.78 -26.40 34.25
C THR C 346 -3.70 -26.24 32.74
N ALA C 347 -2.49 -26.35 32.16
CA ALA C 347 -2.34 -26.24 30.72
C ALA C 347 -3.09 -27.35 30.00
N PHE C 348 -3.03 -28.57 30.52
CA PHE C 348 -3.80 -29.65 29.93
C PHE C 348 -5.30 -29.41 30.07
N GLY C 349 -5.75 -29.00 31.25
CA GLY C 349 -7.18 -28.85 31.49
C GLY C 349 -7.80 -27.73 30.67
N THR C 350 -7.14 -26.57 30.63
CA THR C 350 -7.69 -25.41 29.96
C THR C 350 -7.34 -25.33 28.48
N SER C 351 -6.27 -26.00 28.05
CA SER C 351 -5.78 -25.94 26.68
C SER C 351 -5.42 -24.51 26.28
N SER C 352 -4.96 -23.71 27.25
CA SER C 352 -4.63 -22.31 27.02
C SER C 352 -3.34 -21.97 27.76
N SER C 353 -2.41 -21.34 27.06
CA SER C 353 -1.17 -20.88 27.69
C SER C 353 -1.38 -19.60 28.49
N SER C 354 -2.25 -18.71 28.02
CA SER C 354 -2.54 -17.48 28.75
C SER C 354 -3.16 -17.78 30.10
N ALA C 355 -4.02 -18.79 30.17
CA ALA C 355 -4.65 -19.15 31.43
C ALA C 355 -3.67 -19.74 32.43
N THR C 356 -2.64 -20.44 31.97
CA THR C 356 -1.67 -21.06 32.86
C THR C 356 -0.43 -20.20 33.12
N LEU C 357 -0.30 -19.06 32.45
CA LEU C 357 0.87 -18.21 32.68
C LEU C 357 1.00 -17.71 34.11
N PRO C 358 -0.03 -17.18 34.76
CA PRO C 358 0.16 -16.71 36.15
C PRO C 358 0.62 -17.81 37.10
N LEU C 359 -0.04 -18.98 37.03
CA LEU C 359 0.38 -20.12 37.83
C LEU C 359 1.80 -20.53 37.50
N MET C 360 2.16 -20.50 36.21
CA MET C 360 3.51 -20.89 35.82
C MET C 360 4.54 -19.95 36.43
N MET C 361 4.31 -18.64 36.35
CA MET C 361 5.24 -17.69 36.94
C MET C 361 5.36 -17.91 38.45
N LYS C 362 4.22 -18.10 39.11
CA LYS C 362 4.24 -18.31 40.56
C LYS C 362 5.03 -19.55 40.94
N CYS C 363 4.82 -20.66 40.23
CA CYS C 363 5.48 -21.91 40.58
C CYS C 363 6.96 -21.88 40.23
N VAL C 364 7.30 -21.29 39.07
CA VAL C 364 8.70 -21.19 38.68
C VAL C 364 9.48 -20.30 39.62
N GLU C 365 8.87 -19.22 40.13
CA GLU C 365 9.55 -18.39 41.11
C GLU C 365 9.64 -19.06 42.48
N GLU C 366 8.56 -19.68 42.96
CA GLU C 366 8.56 -20.21 44.32
C GLU C 366 9.23 -21.58 44.38
N ASN C 367 8.72 -22.56 43.63
CA ASN C 367 9.22 -23.93 43.72
C ASN C 367 10.60 -24.12 43.09
N ASN C 368 10.91 -23.38 42.03
CA ASN C 368 12.16 -23.58 41.31
C ASN C 368 13.19 -22.49 41.54
N GLY C 369 12.84 -21.42 42.25
CA GLY C 369 13.79 -20.38 42.59
C GLY C 369 14.34 -19.61 41.42
N VAL C 370 13.47 -19.18 40.51
CA VAL C 370 13.85 -18.34 39.38
C VAL C 370 13.52 -16.90 39.73
N ALA C 371 14.48 -16.00 39.52
CA ALA C 371 14.31 -14.60 39.89
C ALA C 371 13.16 -13.98 39.10
N LYS C 372 12.47 -13.04 39.75
CA LYS C 372 11.29 -12.42 39.13
C LYS C 372 11.67 -11.64 37.89
N HIS C 373 12.84 -11.01 37.86
CA HIS C 373 13.26 -10.28 36.69
C HIS C 373 13.51 -11.19 35.49
N ILE C 374 13.66 -12.50 35.71
CA ILE C 374 13.75 -13.46 34.61
C ILE C 374 12.40 -14.03 34.27
N SER C 375 11.65 -14.50 35.26
CA SER C 375 10.36 -15.13 34.98
C SER C 375 9.37 -14.13 34.39
N ARG C 376 9.21 -12.98 35.05
CA ARG C 376 8.22 -11.98 34.63
C ARG C 376 8.56 -11.35 33.29
N PHE C 377 9.76 -11.57 32.77
CA PHE C 377 10.12 -11.13 31.43
C PHE C 377 9.99 -12.26 30.41
N ILE C 378 10.59 -13.42 30.71
CA ILE C 378 10.71 -14.47 29.72
C ILE C 378 9.39 -15.24 29.55
N LEU C 379 8.79 -15.66 30.65
CA LEU C 379 7.59 -16.49 30.55
C LEU C 379 6.44 -15.81 29.81
N PRO C 380 6.13 -14.53 30.01
CA PRO C 380 5.09 -13.90 29.17
C PRO C 380 5.42 -13.89 27.69
N ILE C 381 6.69 -13.73 27.31
CA ILE C 381 7.05 -13.79 25.89
C ILE C 381 6.92 -15.21 25.37
N GLY C 382 7.41 -16.19 26.13
CA GLY C 382 7.33 -17.58 25.70
C GLY C 382 5.91 -18.09 25.60
N ALA C 383 5.01 -17.53 26.41
CA ALA C 383 3.61 -17.95 26.39
C ALA C 383 2.98 -17.69 25.03
N THR C 384 3.47 -16.67 24.32
CA THR C 384 2.95 -16.32 23.01
C THR C 384 3.83 -16.83 21.88
N VAL C 385 5.14 -16.84 22.09
CA VAL C 385 6.12 -16.98 21.02
C VAL C 385 6.62 -18.41 20.89
N ASN C 386 6.88 -19.08 22.01
CA ASN C 386 7.52 -20.40 22.03
C ASN C 386 6.45 -21.48 22.11
N MET C 387 6.21 -22.18 21.00
CA MET C 387 5.18 -23.21 20.93
C MET C 387 5.75 -24.45 20.24
N ASP C 388 6.39 -25.32 21.02
CA ASP C 388 6.97 -26.54 20.47
C ASP C 388 5.88 -27.57 20.15
N GLY C 389 4.88 -27.68 21.03
CA GLY C 389 3.81 -28.63 20.79
C GLY C 389 3.04 -28.32 19.53
N ALA C 390 2.74 -27.04 19.31
CA ALA C 390 2.02 -26.64 18.11
C ALA C 390 2.83 -26.93 16.85
N ALA C 391 4.13 -26.68 16.89
CA ALA C 391 4.98 -26.97 15.73
C ALA C 391 5.05 -28.46 15.44
N LEU C 392 5.21 -29.28 16.48
CA LEU C 392 5.25 -30.73 16.27
C LEU C 392 3.93 -31.23 15.69
N PHE C 393 2.81 -30.76 16.25
CA PHE C 393 1.50 -31.12 15.73
C PHE C 393 1.33 -30.70 14.28
N GLN C 394 1.75 -29.49 13.94
CA GLN C 394 1.56 -28.99 12.59
C GLN C 394 2.39 -29.76 11.58
N CYS C 395 3.63 -30.12 11.93
CA CYS C 395 4.45 -30.91 11.03
C CYS C 395 3.90 -32.32 10.86
N VAL C 396 3.48 -32.95 11.97
CA VAL C 396 2.87 -34.27 11.88
C VAL C 396 1.62 -34.22 11.00
N ALA C 397 0.82 -33.17 11.15
CA ALA C 397 -0.40 -33.04 10.35
C ALA C 397 -0.08 -32.83 8.88
N ALA C 398 0.94 -32.03 8.56
CA ALA C 398 1.31 -31.83 7.16
C ALA C 398 1.75 -33.14 6.53
N VAL C 399 2.60 -33.90 7.22
CA VAL C 399 3.04 -35.18 6.66
C VAL C 399 1.89 -36.18 6.56
N PHE C 400 1.01 -36.20 7.56
CA PHE C 400 -0.14 -37.09 7.56
C PHE C 400 -1.08 -36.79 6.40
N ILE C 401 -1.33 -35.50 6.13
CA ILE C 401 -2.18 -35.11 5.01
C ILE C 401 -1.51 -35.43 3.69
N ALA C 402 -0.19 -35.24 3.60
CA ALA C 402 0.53 -35.61 2.39
C ALA C 402 0.41 -37.11 2.11
N GLN C 403 0.50 -37.92 3.17
CA GLN C 403 0.34 -39.36 3.02
C GLN C 403 -1.08 -39.74 2.65
N LEU C 404 -2.07 -39.03 3.20
CA LEU C 404 -3.46 -39.31 2.85
C LEU C 404 -3.76 -38.97 1.40
N SER C 405 -3.13 -37.93 0.87
CA SER C 405 -3.39 -37.43 -0.46
C SER C 405 -2.55 -38.10 -1.53
N GLN C 406 -1.76 -39.12 -1.16
CA GLN C 406 -0.83 -39.82 -2.04
C GLN C 406 0.25 -38.92 -2.60
N GLN C 407 0.39 -37.70 -2.08
CA GLN C 407 1.46 -36.82 -2.52
C GLN C 407 2.79 -37.28 -1.95
N SER C 408 3.86 -36.93 -2.65
CA SER C 408 5.21 -37.28 -2.24
C SER C 408 5.91 -36.04 -1.70
N LEU C 409 6.60 -36.22 -0.59
CA LEU C 409 7.34 -35.14 0.07
C LEU C 409 8.82 -35.34 -0.18
N ASP C 410 9.40 -34.50 -1.04
CA ASP C 410 10.84 -34.48 -1.22
C ASP C 410 11.47 -33.58 -0.16
N PHE C 411 12.78 -33.38 -0.26
CA PHE C 411 13.50 -32.58 0.71
C PHE C 411 13.07 -31.11 0.66
N VAL C 412 12.74 -30.61 -0.54
CA VAL C 412 12.33 -29.21 -0.66
C VAL C 412 11.03 -28.97 0.11
N LYS C 413 10.05 -29.85 -0.04
CA LYS C 413 8.80 -29.70 0.67
C LYS C 413 8.96 -29.87 2.17
N ILE C 414 9.84 -30.78 2.60
CA ILE C 414 10.09 -30.93 4.03
C ILE C 414 10.74 -29.68 4.61
N ILE C 415 11.70 -29.10 3.89
CA ILE C 415 12.34 -27.86 4.34
C ILE C 415 11.31 -26.74 4.43
N THR C 416 10.45 -26.63 3.41
CA THR C 416 9.41 -25.61 3.43
C THR C 416 8.47 -25.84 4.61
N ILE C 417 8.12 -27.10 4.88
CA ILE C 417 7.26 -27.42 6.02
C ILE C 417 7.90 -26.95 7.32
N LEU C 418 9.18 -27.27 7.51
CA LEU C 418 9.86 -26.89 8.74
C LEU C 418 9.93 -25.37 8.91
N VAL C 419 10.29 -24.66 7.84
CA VAL C 419 10.46 -23.21 7.94
C VAL C 419 9.11 -22.54 8.20
N THR C 420 8.10 -22.88 7.40
CA THR C 420 6.78 -22.28 7.59
C THR C 420 6.20 -22.68 8.93
N ALA C 421 6.50 -23.89 9.41
CA ALA C 421 6.00 -24.33 10.70
C ALA C 421 6.65 -23.57 11.84
N THR C 422 7.94 -23.30 11.76
CA THR C 422 8.60 -22.50 12.79
C THR C 422 8.02 -21.09 12.83
N ALA C 423 7.87 -20.47 11.65
CA ALA C 423 7.29 -19.14 11.63
C ALA C 423 5.85 -19.14 12.14
N SER C 424 5.07 -20.16 11.78
CA SER C 424 3.66 -20.20 12.16
C SER C 424 3.51 -20.54 13.65
N SER C 425 4.39 -21.39 14.18
CA SER C 425 4.40 -21.67 15.60
C SER C 425 4.72 -20.41 16.40
N VAL C 426 5.62 -19.58 15.88
CA VAL C 426 5.79 -18.26 16.48
C VAL C 426 4.51 -17.45 16.37
N GLY C 427 3.82 -17.56 15.23
CA GLY C 427 2.60 -16.81 15.01
C GLY C 427 1.32 -17.41 15.55
N ALA C 428 1.37 -18.65 16.03
CA ALA C 428 0.16 -19.29 16.56
C ALA C 428 -0.25 -18.66 17.88
N ALA C 429 -1.56 -18.66 18.14
CA ALA C 429 -2.08 -18.01 19.33
C ALA C 429 -2.15 -18.99 20.50
N GLY C 430 -2.01 -18.45 21.71
CA GLY C 430 -2.06 -19.25 22.92
C GLY C 430 -3.47 -19.51 23.42
N ILE C 431 -4.33 -19.95 22.51
CA ILE C 431 -5.74 -20.20 22.81
C ILE C 431 -6.07 -21.61 22.32
N PRO C 432 -7.18 -22.21 22.75
CA PRO C 432 -7.56 -23.52 22.22
C PRO C 432 -7.69 -23.49 20.70
N ALA C 433 -7.14 -24.52 20.05
CA ALA C 433 -7.11 -24.66 18.60
C ALA C 433 -6.43 -23.46 17.92
N GLY C 434 -5.36 -22.94 18.53
CA GLY C 434 -4.69 -21.77 17.98
C GLY C 434 -3.88 -22.06 16.73
N GLY C 435 -3.48 -23.32 16.55
CA GLY C 435 -2.61 -23.68 15.45
C GLY C 435 -3.25 -24.12 14.16
N VAL C 436 -4.58 -24.09 14.05
CA VAL C 436 -5.25 -24.62 12.87
C VAL C 436 -5.02 -23.73 11.65
N LEU C 437 -5.17 -22.41 11.81
CA LEU C 437 -5.00 -21.50 10.69
C LEU C 437 -3.54 -21.47 10.23
N THR C 438 -2.60 -21.56 11.15
CA THR C 438 -1.20 -21.70 10.80
C THR C 438 -0.96 -22.99 10.02
N LEU C 439 -1.66 -24.07 10.39
CA LEU C 439 -1.58 -25.31 9.62
C LEU C 439 -2.12 -25.12 8.21
N ALA C 440 -3.20 -24.35 8.06
CA ALA C 440 -3.71 -24.07 6.72
C ALA C 440 -2.69 -23.32 5.89
N ILE C 441 -1.99 -22.36 6.51
CA ILE C 441 -0.92 -21.64 5.83
C ILE C 441 0.21 -22.60 5.43
N ILE C 442 0.59 -23.52 6.32
CA ILE C 442 1.63 -24.48 6.01
C ILE C 442 1.24 -25.36 4.83
N LEU C 443 0.00 -25.86 4.84
CA LEU C 443 -0.46 -26.72 3.74
C LEU C 443 -0.50 -25.95 2.43
N GLU C 444 -0.91 -24.68 2.47
CA GLU C 444 -0.91 -23.86 1.26
C GLU C 444 0.51 -23.60 0.78
N ALA C 445 1.48 -23.56 1.68
CA ALA C 445 2.86 -23.28 1.28
C ALA C 445 3.48 -24.44 0.49
N VAL C 446 2.97 -25.66 0.66
CA VAL C 446 3.52 -26.82 -0.03
C VAL C 446 2.49 -27.47 -0.95
N ASN C 447 1.45 -26.73 -1.33
CA ASN C 447 0.46 -27.19 -2.31
C ASN C 447 -0.22 -28.48 -1.88
N LEU C 448 -0.53 -28.57 -0.60
CA LEU C 448 -1.23 -29.72 -0.06
C LEU C 448 -2.72 -29.40 0.11
N PRO C 449 -3.59 -30.43 0.08
CA PRO C 449 -5.03 -30.17 0.22
C PRO C 449 -5.36 -29.63 1.60
N VAL C 450 -6.01 -28.47 1.63
CA VAL C 450 -6.43 -27.86 2.89
C VAL C 450 -7.74 -28.46 3.39
N ASP C 451 -8.56 -29.04 2.51
CA ASP C 451 -9.83 -29.61 2.94
C ASP C 451 -9.64 -30.80 3.89
N HIS C 452 -8.45 -31.40 3.91
CA HIS C 452 -8.17 -32.45 4.89
C HIS C 452 -8.05 -31.93 6.32
N ILE C 453 -7.93 -30.62 6.51
CA ILE C 453 -7.88 -30.04 7.85
C ILE C 453 -9.11 -30.42 8.66
N SER C 454 -10.26 -30.56 8.02
CA SER C 454 -11.48 -30.95 8.72
C SER C 454 -11.34 -32.29 9.41
N LEU C 455 -10.41 -33.14 8.96
CA LEU C 455 -10.12 -34.38 9.65
C LEU C 455 -9.32 -34.17 10.93
N ILE C 456 -8.32 -33.28 10.90
CA ILE C 456 -7.47 -33.11 12.07
C ILE C 456 -8.14 -32.28 13.15
N LEU C 457 -9.10 -31.42 12.81
CA LEU C 457 -9.80 -30.67 13.85
C LEU C 457 -10.93 -31.45 14.48
N ALA C 458 -11.24 -32.64 13.96
CA ALA C 458 -12.16 -33.53 14.64
C ALA C 458 -11.59 -34.08 15.94
N VAL C 459 -10.26 -34.11 16.06
CA VAL C 459 -9.58 -34.58 17.26
C VAL C 459 -8.68 -33.51 17.88
N ASP C 460 -8.87 -32.25 17.50
CA ASP C 460 -8.02 -31.18 18.01
C ASP C 460 -8.26 -30.93 19.49
N TRP C 461 -9.45 -31.23 19.99
CA TRP C 461 -9.73 -31.05 21.42
C TRP C 461 -8.79 -31.90 22.26
N LEU C 462 -8.26 -32.98 21.69
CA LEU C 462 -7.34 -33.86 22.39
C LEU C 462 -5.87 -33.52 22.13
N VAL C 463 -5.51 -33.31 20.86
CA VAL C 463 -4.13 -33.02 20.51
C VAL C 463 -3.70 -31.66 21.06
N ASP C 464 -4.62 -30.69 21.06
CA ASP C 464 -4.28 -29.33 21.45
C ASP C 464 -3.90 -29.21 22.92
N ARG C 465 -4.44 -30.08 23.79
CA ARG C 465 -4.08 -29.99 25.20
C ARG C 465 -2.66 -30.48 25.47
N SER C 466 -2.25 -31.58 24.83
CA SER C 466 -0.85 -31.97 24.84
C SER C 466 0.04 -30.90 24.21
N CYS C 467 -0.45 -30.25 23.16
CA CYS C 467 0.28 -29.14 22.58
C CYS C 467 0.50 -28.03 23.59
N THR C 468 -0.52 -27.67 24.35
CA THR C 468 -0.40 -26.60 25.34
C THR C 468 0.57 -26.98 26.45
N VAL C 469 0.53 -28.24 26.90
CA VAL C 469 1.49 -28.71 27.89
C VAL C 469 2.91 -28.53 27.38
N LEU C 470 3.17 -28.98 26.15
CA LEU C 470 4.51 -28.84 25.58
C LEU C 470 4.88 -27.39 25.33
N ASN C 471 3.89 -26.54 25.05
CA ASN C 471 4.14 -25.12 24.82
C ASN C 471 4.58 -24.39 26.07
N VAL C 472 4.00 -24.72 27.23
CA VAL C 472 4.38 -24.04 28.46
C VAL C 472 5.61 -24.66 29.11
N GLU C 473 5.85 -25.95 28.93
CA GLU C 473 7.01 -26.59 29.55
C GLU C 473 8.31 -26.00 29.01
N GLY C 474 8.36 -25.73 27.70
CA GLY C 474 9.56 -25.17 27.12
C GLY C 474 9.88 -23.80 27.66
N ASP C 475 8.86 -22.97 27.86
CA ASP C 475 9.06 -21.67 28.48
C ASP C 475 9.64 -21.81 29.87
N ALA C 476 9.07 -22.73 30.66
CA ALA C 476 9.55 -22.92 32.02
C ALA C 476 11.01 -23.37 32.04
N LEU C 477 11.37 -24.32 31.18
CA LEU C 477 12.75 -24.81 31.16
C LEU C 477 13.72 -23.77 30.63
N GLY C 478 13.30 -22.94 29.67
CA GLY C 478 14.16 -21.85 29.23
C GLY C 478 14.42 -20.85 30.33
N ALA C 479 13.39 -20.52 31.10
CA ALA C 479 13.56 -19.63 32.25
C ALA C 479 14.52 -20.24 33.26
N GLY C 480 14.37 -21.54 33.52
CA GLY C 480 15.30 -22.20 34.45
C GLY C 480 16.73 -22.19 33.95
N LEU C 481 16.92 -22.41 32.65
CA LEU C 481 18.26 -22.38 32.06
C LEU C 481 18.89 -21.00 32.19
N LEU C 482 18.12 -19.94 31.89
CA LEU C 482 18.64 -18.58 32.02
C LEU C 482 18.94 -18.26 33.49
N GLN C 483 18.10 -18.73 34.40
CA GLN C 483 18.35 -18.52 35.83
C GLN C 483 19.63 -19.20 36.27
N ASN C 484 19.89 -20.41 35.78
CA ASN C 484 21.14 -21.09 36.10
C ASN C 484 22.33 -20.31 35.56
N TYR C 485 22.21 -19.80 34.34
CA TYR C 485 23.31 -19.01 33.77
C TYR C 485 23.56 -17.75 34.60
N VAL C 486 22.49 -17.11 35.07
CA VAL C 486 22.65 -15.93 35.92
C VAL C 486 23.31 -16.31 37.24
N ASP C 487 22.88 -17.43 37.84
CA ASP C 487 23.46 -17.87 39.10
C ASP C 487 24.93 -18.25 38.97
N ARG C 488 25.35 -18.74 37.82
CA ARG C 488 26.74 -19.07 37.59
C ARG C 488 27.60 -17.86 37.23
N THR C 489 26.98 -16.69 37.03
CA THR C 489 27.72 -15.49 36.68
C THR C 489 27.35 -14.33 37.61
N GLN D 1 14.69 11.42 8.46
CA GLN D 1 13.35 11.98 8.36
C GLN D 1 13.28 13.33 9.05
N VAL D 2 12.50 14.25 8.49
CA VAL D 2 12.32 15.56 9.05
C VAL D 2 10.98 15.64 9.78
N GLN D 3 10.99 16.28 10.94
CA GLN D 3 9.78 16.59 11.68
C GLN D 3 9.68 18.11 11.80
N LEU D 4 8.55 18.67 11.40
CA LEU D 4 8.34 20.11 11.41
C LEU D 4 7.51 20.48 12.62
N VAL D 5 8.02 21.41 13.43
CA VAL D 5 7.28 21.92 14.59
C VAL D 5 6.99 23.39 14.35
N GLU D 6 5.70 23.74 14.40
CA GLU D 6 5.23 25.10 14.20
C GLU D 6 4.87 25.74 15.54
N SER D 7 5.14 27.03 15.64
CA SER D 7 4.81 27.82 16.82
C SER D 7 4.36 29.20 16.33
N GLY D 8 3.62 29.90 17.18
CA GLY D 8 3.01 31.16 16.78
C GLY D 8 1.56 30.96 16.36
N GLY D 9 0.97 32.02 15.85
CA GLY D 9 -0.39 32.00 15.36
C GLY D 9 -1.40 32.34 16.45
N GLY D 10 -2.67 32.28 16.06
CA GLY D 10 -3.73 32.58 16.99
C GLY D 10 -4.54 33.81 16.59
N LEU D 11 -5.13 34.49 17.56
CA LEU D 11 -5.98 35.65 17.32
C LEU D 11 -5.19 36.92 17.58
N VAL D 12 -5.28 37.86 16.63
CA VAL D 12 -4.58 39.14 16.69
C VAL D 12 -5.50 40.22 16.14
N GLN D 13 -5.45 41.41 16.77
CA GLN D 13 -6.20 42.57 16.34
C GLN D 13 -5.60 43.17 15.08
N PRO D 14 -6.42 43.79 14.23
CA PRO D 14 -5.89 44.41 13.01
C PRO D 14 -4.81 45.44 13.33
N GLY D 15 -3.76 45.45 12.52
CA GLY D 15 -2.59 46.25 12.80
C GLY D 15 -1.61 45.61 13.77
N GLY D 16 -1.92 44.41 14.26
CA GLY D 16 -1.04 43.72 15.18
C GLY D 16 0.09 42.98 14.47
N SER D 17 0.87 42.26 15.27
CA SER D 17 2.06 41.59 14.79
C SER D 17 2.08 40.15 15.29
N LEU D 18 2.70 39.28 14.51
CA LEU D 18 2.88 37.88 14.89
C LEU D 18 4.23 37.40 14.41
N ARG D 19 4.72 36.32 15.04
CA ARG D 19 6.00 35.72 14.67
C ARG D 19 5.83 34.20 14.63
N LEU D 20 5.53 33.68 13.44
CA LEU D 20 5.46 32.25 13.24
C LEU D 20 6.87 31.66 13.20
N SER D 21 6.99 30.43 13.68
CA SER D 21 8.27 29.76 13.61
C SER D 21 8.05 28.32 13.15
N CYS D 22 8.83 27.89 12.15
CA CYS D 22 8.85 26.51 11.72
C CYS D 22 10.26 25.98 11.93
N ALA D 23 10.39 24.96 12.76
CA ALA D 23 11.68 24.35 13.05
C ALA D 23 11.69 22.93 12.51
N ALA D 24 12.74 22.59 11.78
CA ALA D 24 12.92 21.24 11.27
C ALA D 24 13.88 20.47 12.16
N SER D 25 13.46 19.29 12.59
CA SER D 25 14.27 18.44 13.44
C SER D 25 14.51 17.12 12.74
N GLY D 26 15.72 16.58 12.88
CA GLY D 26 16.05 15.32 12.27
C GLY D 26 17.13 15.43 11.22
N SER D 27 17.11 14.53 10.23
CA SER D 27 18.13 14.48 9.20
C SER D 27 17.49 14.66 7.84
N ILE D 28 17.96 15.65 7.09
CA ILE D 28 17.67 15.79 5.67
C ILE D 28 19.00 15.95 4.94
N PHE D 29 19.13 15.28 3.80
CA PHE D 29 20.41 15.29 3.09
C PHE D 29 20.77 16.70 2.63
N ARG D 30 19.80 17.42 2.07
CA ARG D 30 20.07 18.74 1.52
C ARG D 30 18.78 19.55 1.55
N LEU D 31 18.64 20.41 2.54
CA LEU D 31 17.51 21.31 2.62
C LEU D 31 17.69 22.43 1.60
N ASP D 32 16.81 22.49 0.61
CA ASP D 32 16.90 23.48 -0.44
C ASP D 32 16.08 24.72 -0.15
N ALA D 33 14.87 24.57 0.41
CA ALA D 33 14.09 25.76 0.70
C ALA D 33 13.18 25.51 1.89
N MET D 34 12.73 26.60 2.52
CA MET D 34 11.83 26.53 3.64
C MET D 34 10.90 27.73 3.59
N GLY D 35 9.62 27.53 3.85
CA GLY D 35 8.72 28.65 3.73
C GLY D 35 7.33 28.37 4.26
N TRP D 36 6.44 29.31 3.97
CA TRP D 36 5.06 29.29 4.40
C TRP D 36 4.13 29.53 3.23
N TYR D 37 3.08 28.71 3.18
CA TYR D 37 1.91 28.90 2.34
C TYR D 37 0.72 29.16 3.26
N ARG D 38 -0.35 29.70 2.69
CA ARG D 38 -1.56 29.88 3.48
C ARG D 38 -2.79 29.55 2.64
N GLN D 39 -3.82 29.07 3.31
CA GLN D 39 -5.11 28.82 2.68
C GLN D 39 -6.19 29.50 3.52
N ALA D 40 -6.90 30.42 2.92
CA ALA D 40 -8.05 31.08 3.49
C ALA D 40 -9.31 30.24 3.24
N PRO D 41 -10.33 30.38 4.08
CA PRO D 41 -11.55 29.59 3.87
C PRO D 41 -12.20 29.85 2.52
N GLY D 42 -12.29 28.81 1.69
CA GLY D 42 -12.90 28.90 0.38
C GLY D 42 -11.95 29.19 -0.76
N LYS D 43 -10.73 29.61 -0.48
CA LYS D 43 -9.75 29.93 -1.50
C LYS D 43 -8.69 28.84 -1.57
N GLN D 44 -7.81 28.96 -2.56
CA GLN D 44 -6.77 27.98 -2.79
C GLN D 44 -5.46 28.40 -2.12
N ARG D 45 -4.54 27.44 -2.05
CA ARG D 45 -3.23 27.66 -1.46
C ARG D 45 -2.50 28.78 -2.17
N GLU D 46 -1.89 29.68 -1.40
CA GLU D 46 -1.10 30.76 -1.97
C GLU D 46 0.21 30.89 -1.21
N LEU D 47 1.26 31.23 -1.94
CA LEU D 47 2.57 31.42 -1.32
C LEU D 47 2.56 32.64 -0.40
N VAL D 48 3.08 32.46 0.81
CA VAL D 48 3.32 33.55 1.73
C VAL D 48 4.77 34.00 1.68
N ALA D 49 5.70 33.08 1.93
CA ALA D 49 7.10 33.45 1.95
C ALA D 49 7.96 32.21 1.77
N VAL D 50 9.15 32.38 1.22
CA VAL D 50 10.10 31.28 1.09
C VAL D 50 11.51 31.85 1.17
N ILE D 51 12.38 31.15 1.89
CA ILE D 51 13.81 31.45 1.94
C ILE D 51 14.56 30.19 1.52
N ARG D 52 15.52 30.35 0.62
CA ARG D 52 16.27 29.24 0.04
C ARG D 52 17.72 29.28 0.48
N SER D 53 18.37 28.13 0.38
CA SER D 53 19.82 28.06 0.60
C SER D 53 20.52 29.01 -0.35
N GLY D 54 21.48 29.76 0.18
CA GLY D 54 22.09 30.86 -0.54
C GLY D 54 21.54 32.22 -0.17
N GLY D 55 20.38 32.27 0.49
CA GLY D 55 19.83 33.49 1.04
C GLY D 55 18.69 34.13 0.27
N SER D 56 18.40 33.66 -0.94
CA SER D 56 17.34 34.28 -1.73
C SER D 56 15.97 34.06 -1.07
N THR D 57 15.09 35.04 -1.25
CA THR D 57 13.77 35.00 -0.65
C THR D 57 12.73 35.41 -1.69
N ASP D 58 11.50 34.94 -1.46
CA ASP D 58 10.36 35.38 -2.25
C ASP D 58 9.15 35.52 -1.35
N TYR D 59 8.22 36.39 -1.74
CA TYR D 59 7.03 36.70 -0.97
C TYR D 59 5.81 36.71 -1.88
N GLY D 60 4.65 36.47 -1.29
CA GLY D 60 3.41 36.67 -2.02
C GLY D 60 3.15 38.15 -2.26
N ASP D 61 2.39 38.43 -3.32
CA ASP D 61 2.17 39.83 -3.71
C ASP D 61 1.43 40.60 -2.63
N SER D 62 0.42 39.97 -2.01
CA SER D 62 -0.39 40.68 -1.03
C SER D 62 0.39 40.97 0.25
N VAL D 63 1.42 40.18 0.53
CA VAL D 63 2.16 40.32 1.79
C VAL D 63 3.51 40.97 1.64
N LYS D 64 3.86 41.45 0.45
CA LYS D 64 5.16 42.08 0.25
C LYS D 64 5.24 43.40 1.01
N GLY D 65 6.34 43.59 1.74
CA GLY D 65 6.58 44.78 2.52
C GLY D 65 6.19 44.67 3.98
N ARG D 66 5.26 43.77 4.31
CA ARG D 66 4.81 43.57 5.68
C ARG D 66 5.38 42.33 6.33
N PHE D 67 5.49 41.23 5.60
CA PHE D 67 5.99 39.98 6.12
C PHE D 67 7.48 39.86 5.83
N THR D 68 8.22 39.26 6.75
CA THR D 68 9.66 39.08 6.55
C THR D 68 10.04 37.68 7.02
N ILE D 69 10.63 36.90 6.14
CA ILE D 69 11.09 35.56 6.47
C ILE D 69 12.57 35.62 6.76
N SER D 70 12.99 34.95 7.83
CA SER D 70 14.39 34.94 8.23
C SER D 70 14.75 33.54 8.69
N ARG D 71 16.05 33.27 8.72
CA ARG D 71 16.55 31.95 9.07
C ARG D 71 17.51 32.03 10.24
N ASP D 72 17.33 31.16 11.22
CA ASP D 72 18.33 30.90 12.24
C ASP D 72 19.16 29.73 11.74
N ASN D 73 20.31 30.05 11.14
CA ASN D 73 21.14 29.03 10.50
C ASN D 73 21.71 28.05 11.52
N ALA D 74 21.65 28.40 12.81
CA ALA D 74 22.21 27.51 13.84
C ALA D 74 21.41 26.22 13.96
N LYS D 75 20.09 26.34 14.07
CA LYS D 75 19.23 25.20 14.39
C LYS D 75 18.21 24.90 13.28
N ASN D 76 18.45 25.42 12.08
CA ASN D 76 17.65 25.08 10.89
C ASN D 76 16.18 25.45 11.08
N THR D 77 15.95 26.68 11.54
CA THR D 77 14.62 27.18 11.86
C THR D 77 14.34 28.43 11.04
N VAL D 78 13.08 28.61 10.63
CA VAL D 78 12.67 29.80 9.92
C VAL D 78 11.62 30.55 10.74
N TYR D 79 11.65 31.87 10.61
CA TYR D 79 10.72 32.76 11.29
C TYR D 79 10.00 33.62 10.28
N LEU D 80 8.69 33.69 10.40
CA LEU D 80 7.86 34.60 9.61
C LEU D 80 7.37 35.72 10.52
N GLN D 81 7.84 36.93 10.27
CA GLN D 81 7.46 38.10 11.06
C GLN D 81 6.38 38.84 10.26
N MET D 82 5.14 38.77 10.76
CA MET D 82 4.01 39.42 10.12
C MET D 82 3.66 40.70 10.85
N ASN D 83 3.72 41.82 10.11
CA ASN D 83 3.47 43.14 10.66
C ASN D 83 2.33 43.78 9.89
N SER D 84 1.64 44.70 10.57
CA SER D 84 0.48 45.40 10.00
C SER D 84 -0.57 44.40 9.51
N LEU D 85 -0.92 43.47 10.39
CA LEU D 85 -1.84 42.40 10.02
C LEU D 85 -3.22 42.96 9.71
N LYS D 86 -3.85 42.42 8.69
CA LYS D 86 -5.16 42.84 8.21
C LYS D 86 -6.12 41.68 8.21
N PRO D 87 -7.44 41.93 8.22
CA PRO D 87 -8.41 40.83 8.25
C PRO D 87 -8.32 39.89 7.06
N GLU D 88 -7.76 40.32 5.93
CA GLU D 88 -7.51 39.41 4.81
C GLU D 88 -6.38 38.43 5.08
N ASP D 89 -5.62 38.62 6.16
CA ASP D 89 -4.53 37.72 6.52
C ASP D 89 -4.98 36.57 7.42
N THR D 90 -6.28 36.30 7.48
CA THR D 90 -6.83 35.22 8.30
C THR D 90 -6.87 33.95 7.46
N ALA D 91 -6.13 32.94 7.89
CA ALA D 91 -5.99 31.72 7.10
C ALA D 91 -5.30 30.66 7.94
N VAL D 92 -5.24 29.44 7.41
CA VAL D 92 -4.37 28.40 7.95
C VAL D 92 -3.02 28.51 7.25
N TYR D 93 -1.96 28.60 8.05
CA TYR D 93 -0.60 28.75 7.53
C TYR D 93 0.14 27.43 7.67
N TYR D 94 0.67 26.94 6.55
CA TYR D 94 1.44 25.70 6.52
C TYR D 94 2.89 26.03 6.21
N CYS D 95 3.80 25.58 7.06
CA CYS D 95 5.20 25.64 6.68
C CYS D 95 5.59 24.38 5.92
N ASN D 96 6.59 24.52 5.06
CA ASN D 96 7.12 23.39 4.33
C ASN D 96 8.63 23.52 4.21
N ALA D 97 9.27 22.36 4.09
CA ALA D 97 10.71 22.23 3.88
C ALA D 97 10.95 21.30 2.70
N VAL D 98 11.75 21.76 1.74
CA VAL D 98 11.85 21.09 0.44
C VAL D 98 13.29 20.73 0.15
N GLN D 99 13.53 19.45 -0.17
CA GLN D 99 14.71 19.00 -0.90
C GLN D 99 14.26 18.71 -2.33
N ILE D 100 14.71 19.53 -3.27
CA ILE D 100 14.19 19.51 -4.62
C ILE D 100 14.51 18.19 -5.30
N LEU D 101 13.48 17.60 -5.93
CA LEU D 101 13.53 16.31 -6.62
C LEU D 101 13.81 15.16 -5.68
N LYS D 102 13.74 15.38 -4.37
CA LYS D 102 13.82 14.27 -3.43
C LYS D 102 12.54 14.13 -2.63
N THR D 103 12.15 15.18 -1.90
CA THR D 103 10.96 15.07 -1.06
C THR D 103 10.61 16.45 -0.51
N ILE D 104 9.39 16.53 0.02
CA ILE D 104 8.85 17.76 0.61
C ILE D 104 8.19 17.37 1.93
N TYR D 105 8.32 18.26 2.92
CA TYR D 105 7.68 18.11 4.21
C TYR D 105 6.73 19.27 4.42
N TRP D 106 5.48 18.95 4.74
CA TRP D 106 4.48 19.96 5.04
C TRP D 106 4.16 19.95 6.53
N GLY D 107 3.92 21.13 7.08
CA GLY D 107 3.44 21.23 8.44
C GLY D 107 1.95 20.97 8.55
N GLN D 108 1.50 20.84 9.80
CA GLN D 108 0.08 20.61 10.06
C GLN D 108 -0.77 21.86 9.87
N GLY D 109 -0.19 23.03 10.02
CA GLY D 109 -0.94 24.26 9.83
C GLY D 109 -1.29 24.92 11.15
N THR D 110 -1.24 26.25 11.16
CA THR D 110 -1.59 27.05 12.34
C THR D 110 -2.60 28.09 11.90
N GLN D 111 -3.69 28.21 12.64
CA GLN D 111 -4.73 29.17 12.29
C GLN D 111 -4.31 30.57 12.74
N VAL D 112 -4.49 31.54 11.85
CA VAL D 112 -4.22 32.94 12.14
C VAL D 112 -5.50 33.72 11.86
N THR D 113 -6.05 34.34 12.89
CA THR D 113 -7.30 35.09 12.79
C THR D 113 -7.05 36.54 13.15
N VAL D 114 -7.27 37.43 12.19
CA VAL D 114 -7.09 38.86 12.39
C VAL D 114 -8.48 39.48 12.47
N SER D 115 -8.91 39.82 13.68
CA SER D 115 -10.21 40.44 13.89
C SER D 115 -10.25 41.17 15.22
N GLN E 1 -8.82 18.04 3.52
CA GLN E 1 -8.58 17.18 4.68
C GLN E 1 -8.94 17.92 5.97
N VAL E 2 -9.29 17.16 7.00
CA VAL E 2 -9.67 17.69 8.29
C VAL E 2 -8.60 17.32 9.32
N GLN E 3 -8.25 18.30 10.14
CA GLN E 3 -7.40 18.09 11.31
C GLN E 3 -8.23 18.35 12.55
N LEU E 4 -8.21 17.41 13.48
CA LEU E 4 -8.98 17.50 14.72
C LEU E 4 -8.04 17.89 15.85
N VAL E 5 -8.35 18.97 16.55
CA VAL E 5 -7.56 19.44 17.67
C VAL E 5 -8.40 19.28 18.93
N GLU E 6 -7.91 18.50 19.88
CA GLU E 6 -8.60 18.26 21.14
C GLU E 6 -7.95 19.06 22.27
N SER E 7 -8.79 19.53 23.18
CA SER E 7 -8.35 20.30 24.35
C SER E 7 -9.26 19.92 25.52
N GLY E 8 -8.76 20.16 26.72
CA GLY E 8 -9.45 19.73 27.92
C GLY E 8 -8.89 18.41 28.42
N GLY E 9 -9.57 17.86 29.42
CA GLY E 9 -9.20 16.60 30.01
C GLY E 9 -8.22 16.77 31.17
N GLY E 10 -7.79 15.62 31.70
CA GLY E 10 -6.88 15.63 32.82
C GLY E 10 -7.47 15.02 34.07
N LEU E 11 -7.00 15.44 35.23
CA LEU E 11 -7.42 14.89 36.51
C LEU E 11 -8.43 15.83 37.17
N VAL E 12 -9.53 15.25 37.65
CA VAL E 12 -10.61 16.00 38.29
C VAL E 12 -11.13 15.20 39.47
N GLN E 13 -11.47 15.91 40.55
CA GLN E 13 -12.06 15.29 41.73
C GLN E 13 -13.50 14.88 41.45
N PRO E 14 -14.00 13.84 42.12
CA PRO E 14 -15.40 13.45 41.93
C PRO E 14 -16.35 14.59 42.24
N GLY E 15 -17.40 14.71 41.42
CA GLY E 15 -18.30 15.83 41.49
C GLY E 15 -17.80 17.08 40.80
N GLY E 16 -16.63 17.03 40.17
CA GLY E 16 -16.09 18.17 39.47
C GLY E 16 -16.64 18.28 38.05
N SER E 17 -16.08 19.23 37.30
CA SER E 17 -16.54 19.52 35.96
C SER E 17 -15.37 19.65 35.01
N LEU E 18 -15.62 19.34 33.75
CA LEU E 18 -14.64 19.44 32.67
C LEU E 18 -15.33 20.01 31.44
N ARG E 19 -14.53 20.55 30.53
CA ARG E 19 -15.06 21.05 29.26
C ARG E 19 -14.10 20.65 28.15
N LEU E 20 -14.42 19.56 27.47
CA LEU E 20 -13.63 19.10 26.35
C LEU E 20 -13.98 19.91 25.11
N SER E 21 -12.99 20.12 24.26
CA SER E 21 -13.18 20.85 23.02
C SER E 21 -12.57 20.06 21.87
N CYS E 22 -13.34 19.88 20.80
CA CYS E 22 -12.81 19.29 19.58
C CYS E 22 -13.07 20.26 18.44
N ALA E 23 -12.01 20.78 17.85
CA ALA E 23 -12.11 21.73 16.75
C ALA E 23 -11.63 21.07 15.47
N ALA E 24 -12.44 21.19 14.42
CA ALA E 24 -12.07 20.69 13.10
C ALA E 24 -11.58 21.85 12.25
N SER E 25 -10.38 21.71 11.70
CA SER E 25 -9.82 22.72 10.82
C SER E 25 -9.52 22.09 9.46
N GLY E 26 -9.60 22.90 8.42
CA GLY E 26 -9.39 22.40 7.08
C GLY E 26 -10.67 22.40 6.26
N SER E 27 -10.74 21.54 5.25
CA SER E 27 -11.88 21.49 4.35
C SER E 27 -12.53 20.11 4.42
N ILE E 28 -13.83 20.09 4.69
CA ILE E 28 -14.66 18.91 4.53
C ILE E 28 -15.88 19.32 3.71
N PHE E 29 -16.30 18.44 2.79
CA PHE E 29 -17.39 18.81 1.90
C PHE E 29 -18.69 18.99 2.66
N ARG E 30 -19.02 18.05 3.53
CA ARG E 30 -20.30 18.08 4.25
C ARG E 30 -20.12 17.41 5.59
N LEU E 31 -19.87 18.20 6.63
CA LEU E 31 -19.78 17.68 7.99
C LEU E 31 -21.18 17.30 8.45
N ASP E 32 -21.41 16.01 8.63
CA ASP E 32 -22.72 15.52 9.04
C ASP E 32 -22.85 15.41 10.55
N ALA E 33 -21.82 14.91 11.23
CA ALA E 33 -21.94 14.79 12.67
C ALA E 33 -20.59 15.01 13.34
N MET E 34 -20.63 15.36 14.62
CA MET E 34 -19.44 15.54 15.41
C MET E 34 -19.73 15.11 16.84
N GLY E 35 -18.80 14.36 17.44
CA GLY E 35 -19.12 13.86 18.76
C GLY E 35 -17.93 13.25 19.47
N TRP E 36 -18.23 12.63 20.60
CA TRP E 36 -17.26 12.00 21.48
C TRP E 36 -17.68 10.57 21.80
N TYR E 37 -16.69 9.68 21.71
CA TYR E 37 -16.75 8.33 22.24
C TYR E 37 -15.73 8.24 23.37
N ARG E 38 -15.89 7.24 24.22
CA ARG E 38 -14.91 7.02 25.28
C ARG E 38 -14.65 5.53 25.44
N GLN E 39 -13.43 5.21 25.83
CA GLN E 39 -13.02 3.83 26.09
C GLN E 39 -12.37 3.78 27.46
N ALA E 40 -12.96 3.00 28.35
CA ALA E 40 -12.38 2.74 29.66
C ALA E 40 -11.43 1.54 29.57
N PRO E 41 -10.45 1.46 30.48
CA PRO E 41 -9.53 0.32 30.45
C PRO E 41 -10.24 -1.03 30.56
N GLY E 42 -10.07 -1.88 29.55
CA GLY E 42 -10.65 -3.20 29.54
C GLY E 42 -12.04 -3.29 28.94
N LYS E 43 -12.63 -2.18 28.51
CA LYS E 43 -13.97 -2.17 27.93
C LYS E 43 -13.92 -1.60 26.53
N GLN E 44 -14.97 -1.88 25.77
CA GLN E 44 -15.13 -1.35 24.42
C GLN E 44 -15.55 0.11 24.47
N ARG E 45 -15.31 0.82 23.37
CA ARG E 45 -15.71 2.21 23.31
C ARG E 45 -17.23 2.33 23.31
N GLU E 46 -17.72 3.39 23.92
CA GLU E 46 -19.14 3.65 24.02
C GLU E 46 -19.40 5.09 23.64
N LEU E 47 -20.56 5.31 23.02
CA LEU E 47 -20.95 6.67 22.66
C LEU E 47 -21.09 7.52 23.92
N VAL E 48 -20.46 8.68 23.90
CA VAL E 48 -20.64 9.70 24.93
C VAL E 48 -21.63 10.75 24.48
N ALA E 49 -21.38 11.38 23.34
CA ALA E 49 -22.30 12.41 22.86
C ALA E 49 -22.07 12.61 21.37
N VAL E 50 -23.11 13.09 20.69
CA VAL E 50 -22.99 13.43 19.28
C VAL E 50 -24.00 14.54 18.97
N ILE E 51 -23.56 15.50 18.15
CA ILE E 51 -24.43 16.56 17.64
C ILE E 51 -24.32 16.55 16.12
N ARG E 52 -25.46 16.61 15.45
CA ARG E 52 -25.54 16.51 14.00
C ARG E 52 -26.02 17.81 13.38
N SER E 53 -25.76 17.96 12.09
CA SER E 53 -26.30 19.08 11.34
C SER E 53 -27.82 19.05 11.41
N GLY E 54 -28.40 20.22 11.65
CA GLY E 54 -29.81 20.32 11.97
C GLY E 54 -30.10 20.45 13.45
N GLY E 55 -29.13 20.14 14.30
CA GLY E 55 -29.24 20.39 15.72
C GLY E 55 -29.57 19.20 16.59
N SER E 56 -29.84 18.04 16.01
CA SER E 56 -30.17 16.87 16.83
C SER E 56 -28.95 16.37 17.58
N THR E 57 -29.19 15.86 18.78
CA THR E 57 -28.12 15.36 19.64
C THR E 57 -28.50 14.00 20.20
N ASP E 58 -27.49 13.23 20.56
CA ASP E 58 -27.68 11.97 21.27
C ASP E 58 -26.60 11.82 22.32
N TYR E 59 -26.93 11.09 23.38
CA TYR E 59 -26.04 10.91 24.52
C TYR E 59 -26.01 9.43 24.91
N GLY E 60 -24.93 9.02 25.54
CA GLY E 60 -24.89 7.71 26.14
C GLY E 60 -25.80 7.63 27.36
N ASP E 61 -26.24 6.40 27.66
CA ASP E 61 -27.18 6.21 28.77
C ASP E 61 -26.55 6.63 30.11
N SER E 62 -25.28 6.32 30.31
CA SER E 62 -24.64 6.63 31.58
C SER E 62 -24.50 8.13 31.80
N VAL E 63 -24.27 8.89 30.72
CA VAL E 63 -23.94 10.31 30.86
C VAL E 63 -25.13 11.22 30.57
N LYS E 64 -26.33 10.69 30.40
CA LYS E 64 -27.49 11.54 30.15
C LYS E 64 -27.82 12.38 31.37
N GLY E 65 -28.12 13.65 31.13
CA GLY E 65 -28.45 14.61 32.18
C GLY E 65 -27.27 15.41 32.68
N ARG E 66 -26.09 14.79 32.75
CA ARG E 66 -24.88 15.44 33.25
C ARG E 66 -24.03 16.03 32.14
N PHE E 67 -23.88 15.32 31.02
CA PHE E 67 -23.07 15.77 29.91
C PHE E 67 -23.92 16.55 28.93
N THR E 68 -23.33 17.57 28.32
CA THR E 68 -24.05 18.39 27.35
C THR E 68 -23.11 18.74 26.21
N ILE E 69 -23.49 18.37 24.99
CA ILE E 69 -22.72 18.67 23.79
C ILE E 69 -23.31 19.90 23.13
N SER E 70 -22.43 20.82 22.73
CA SER E 70 -22.86 22.05 22.08
C SER E 70 -21.89 22.35 20.95
N ARG E 71 -22.33 23.21 20.03
CA ARG E 71 -21.56 23.50 18.84
C ARG E 71 -21.36 25.00 18.68
N ASP E 72 -20.12 25.41 18.42
CA ASP E 72 -19.83 26.76 17.97
C ASP E 72 -19.90 26.71 16.44
N ASN E 73 -21.04 27.14 15.89
CA ASN E 73 -21.28 26.99 14.47
C ASN E 73 -20.33 27.82 13.62
N ALA E 74 -19.65 28.79 14.22
CA ALA E 74 -18.76 29.65 13.45
C ALA E 74 -17.51 28.89 12.99
N LYS E 75 -16.90 28.12 13.88
CA LYS E 75 -15.60 27.52 13.62
C LYS E 75 -15.64 25.99 13.53
N ASN E 76 -16.83 25.41 13.44
CA ASN E 76 -17.01 23.95 13.37
C ASN E 76 -16.33 23.25 14.54
N THR E 77 -16.53 23.78 15.74
CA THR E 77 -15.98 23.20 16.96
C THR E 77 -17.11 22.73 17.85
N VAL E 78 -16.86 21.67 18.61
CA VAL E 78 -17.84 21.14 19.54
C VAL E 78 -17.25 21.15 20.94
N TYR E 79 -18.14 21.34 21.92
CA TYR E 79 -17.78 21.38 23.33
C TYR E 79 -18.59 20.33 24.07
N LEU E 80 -17.90 19.55 24.89
CA LEU E 80 -18.53 18.56 25.77
C LEU E 80 -18.39 19.10 27.19
N GLN E 81 -19.51 19.51 27.77
CA GLN E 81 -19.52 19.98 29.15
C GLN E 81 -19.89 18.83 30.07
N MET E 82 -18.98 18.47 30.96
CA MET E 82 -19.12 17.30 31.83
C MET E 82 -19.29 17.80 33.27
N ASN E 83 -20.43 17.50 33.87
CA ASN E 83 -20.72 17.93 35.23
C ASN E 83 -21.06 16.72 36.07
N SER E 84 -20.86 16.87 37.39
CA SER E 84 -21.12 15.82 38.36
C SER E 84 -20.37 14.54 37.99
N LEU E 85 -19.07 14.68 37.75
CA LEU E 85 -18.27 13.56 37.29
C LEU E 85 -18.14 12.50 38.37
N LYS E 86 -18.24 11.24 37.97
CA LYS E 86 -18.10 10.06 38.80
C LYS E 86 -16.78 9.36 38.49
N PRO E 87 -16.28 8.53 39.41
CA PRO E 87 -15.05 7.78 39.11
C PRO E 87 -15.17 6.84 37.92
N GLU E 88 -16.38 6.43 37.54
CA GLU E 88 -16.57 5.59 36.37
C GLU E 88 -16.38 6.33 35.06
N ASP E 89 -16.24 7.65 35.10
CA ASP E 89 -16.04 8.45 33.90
C ASP E 89 -14.58 8.51 33.46
N THR E 90 -13.68 7.83 34.17
CA THR E 90 -12.27 7.81 33.80
C THR E 90 -12.10 6.96 32.55
N ALA E 91 -11.61 7.59 31.47
CA ALA E 91 -11.47 6.90 30.19
C ALA E 91 -10.63 7.75 29.25
N VAL E 92 -10.31 7.18 28.11
CA VAL E 92 -9.78 7.95 26.99
C VAL E 92 -10.95 8.40 26.12
N TYR E 93 -11.04 9.70 25.87
CA TYR E 93 -12.12 10.29 25.09
C TYR E 93 -11.63 10.65 23.71
N TYR E 94 -12.28 10.13 22.69
CA TYR E 94 -11.96 10.42 21.29
C TYR E 94 -13.08 11.22 20.67
N CYS E 95 -12.74 12.36 20.08
CA CYS E 95 -13.71 13.06 19.26
C CYS E 95 -13.62 12.57 17.82
N ASN E 96 -14.75 12.59 17.14
CA ASN E 96 -14.80 12.21 15.73
C ASN E 96 -15.69 13.19 14.97
N ALA E 97 -15.37 13.34 13.69
CA ALA E 97 -16.11 14.18 12.75
C ALA E 97 -16.42 13.33 11.52
N VAL E 98 -17.69 13.25 11.15
CA VAL E 98 -18.16 12.27 10.18
C VAL E 98 -18.87 12.97 9.03
N GLN E 99 -18.43 12.66 7.79
CA GLN E 99 -19.23 12.86 6.58
C GLN E 99 -19.72 11.48 6.16
N ILE E 100 -21.04 11.28 6.24
CA ILE E 100 -21.62 9.95 6.12
C ILE E 100 -21.46 9.42 4.70
N LEU E 101 -20.98 8.18 4.61
CA LEU E 101 -20.69 7.47 3.37
C LEU E 101 -19.54 8.07 2.59
N LYS E 102 -18.80 9.01 3.19
CA LYS E 102 -17.59 9.53 2.58
C LYS E 102 -16.35 9.22 3.43
N THR E 103 -16.30 9.68 4.67
CA THR E 103 -15.12 9.42 5.50
C THR E 103 -15.41 9.88 6.93
N ILE E 104 -14.53 9.47 7.83
CA ILE E 104 -14.61 9.78 9.25
C ILE E 104 -13.22 10.18 9.72
N TYR E 105 -13.19 11.11 10.67
CA TYR E 105 -11.96 11.56 11.30
C TYR E 105 -12.03 11.26 12.79
N TRP E 106 -11.00 10.62 13.32
CA TRP E 106 -10.92 10.33 14.74
C TRP E 106 -9.80 11.16 15.37
N GLY E 107 -10.05 11.61 16.59
CA GLY E 107 -9.02 12.29 17.35
C GLY E 107 -8.03 11.33 17.99
N GLN E 108 -6.93 11.89 18.49
CA GLN E 108 -5.91 11.08 19.14
C GLN E 108 -6.38 10.57 20.50
N GLY E 109 -7.26 11.30 21.15
CA GLY E 109 -7.78 10.88 22.44
C GLY E 109 -7.16 11.66 23.58
N THR E 110 -7.99 11.99 24.57
CA THR E 110 -7.56 12.72 25.75
C THR E 110 -7.95 11.91 26.97
N GLN E 111 -7.02 11.77 27.91
CA GLN E 111 -7.32 11.02 29.13
C GLN E 111 -8.11 11.89 30.10
N VAL E 112 -9.13 11.29 30.72
CA VAL E 112 -9.92 11.93 31.75
C VAL E 112 -9.94 11.00 32.96
N THR E 113 -9.37 11.46 34.07
CA THR E 113 -9.31 10.68 35.30
C THR E 113 -10.12 11.38 36.38
N VAL E 114 -11.02 10.65 37.01
CA VAL E 114 -11.84 11.16 38.11
C VAL E 114 -11.49 10.35 39.35
N SER E 115 -10.85 11.00 40.31
CA SER E 115 -10.46 10.36 41.56
C SER E 115 -10.07 11.38 42.61
N GLN F 1 -4.21 -0.12 20.33
CA GLN F 1 -3.06 0.58 19.78
C GLN F 1 -2.48 1.52 20.84
N VAL F 2 -1.17 1.76 20.77
CA VAL F 2 -0.46 2.58 21.73
C VAL F 2 -0.19 3.95 21.13
N GLN F 3 -0.38 4.99 21.94
CA GLN F 3 0.04 6.34 21.63
C GLN F 3 1.06 6.76 22.68
N LEU F 4 2.20 7.28 22.22
CA LEU F 4 3.29 7.67 23.11
C LEU F 4 3.29 9.18 23.24
N VAL F 5 3.28 9.67 24.48
CA VAL F 5 3.34 11.09 24.77
C VAL F 5 4.63 11.37 25.52
N GLU F 6 5.45 12.26 24.97
CA GLU F 6 6.75 12.60 25.54
C GLU F 6 6.72 14.02 26.13
N SER F 7 7.45 14.19 27.22
CA SER F 7 7.54 15.49 27.89
C SER F 7 8.89 15.58 28.59
N GLY F 8 9.30 16.81 28.88
CA GLY F 8 10.44 17.04 29.74
C GLY F 8 11.73 17.44 29.06
N GLY F 9 11.73 17.71 27.76
CA GLY F 9 12.92 18.08 27.04
C GLY F 9 13.20 19.57 27.07
N GLY F 10 14.21 19.98 26.31
CA GLY F 10 14.48 21.39 26.11
C GLY F 10 15.94 21.73 26.36
N LEU F 11 16.17 22.98 26.76
CA LEU F 11 17.51 23.50 26.99
C LEU F 11 17.83 23.51 28.47
N VAL F 12 19.07 23.18 28.80
CA VAL F 12 19.54 23.12 30.18
C VAL F 12 21.02 23.49 30.20
N GLN F 13 21.54 23.80 31.39
CA GLN F 13 22.93 24.19 31.57
C GLN F 13 23.77 22.98 31.94
N PRO F 14 25.06 22.99 31.60
CA PRO F 14 25.94 21.89 31.99
C PRO F 14 25.95 21.68 33.49
N GLY F 15 25.90 20.42 33.91
CA GLY F 15 25.71 20.08 35.30
C GLY F 15 24.28 20.15 35.77
N GLY F 16 23.34 20.48 34.90
CA GLY F 16 21.95 20.55 35.25
C GLY F 16 21.28 19.18 35.20
N SER F 17 19.97 19.19 35.42
CA SER F 17 19.19 17.96 35.48
C SER F 17 17.92 18.11 34.66
N LEU F 18 17.49 17.01 34.07
CA LEU F 18 16.23 16.96 33.33
C LEU F 18 15.48 15.68 33.72
N ARG F 19 14.18 15.67 33.45
CA ARG F 19 13.35 14.51 33.73
C ARG F 19 12.41 14.30 32.56
N LEU F 20 12.78 13.41 31.65
CA LEU F 20 11.91 13.06 30.54
C LEU F 20 10.86 12.06 30.99
N SER F 21 9.69 12.15 30.38
CA SER F 21 8.62 11.21 30.67
C SER F 21 8.01 10.74 29.36
N CYS F 22 7.88 9.43 29.22
CA CYS F 22 7.17 8.81 28.10
C CYS F 22 6.01 8.03 28.67
N ALA F 23 4.80 8.43 28.30
CA ALA F 23 3.58 7.76 28.75
C ALA F 23 2.93 7.07 27.56
N ALA F 24 2.62 5.79 27.74
CA ALA F 24 1.91 5.02 26.73
C ALA F 24 0.44 4.92 27.11
N SER F 25 -0.43 5.34 26.20
CA SER F 25 -1.86 5.28 26.43
C SER F 25 -2.50 4.43 25.35
N GLY F 26 -3.54 3.69 25.73
CA GLY F 26 -4.23 2.81 24.82
C GLY F 26 -4.16 1.36 25.26
N SER F 27 -4.19 0.47 24.28
CA SER F 27 -4.20 -0.97 24.54
C SER F 27 -3.00 -1.62 23.87
N ILE F 28 -2.22 -2.35 24.65
CA ILE F 28 -1.19 -3.24 24.16
C ILE F 28 -1.35 -4.57 24.87
N PHE F 29 -1.22 -5.67 24.13
CA PHE F 29 -1.44 -6.99 24.73
C PHE F 29 -0.40 -7.29 25.80
N ARG F 30 0.86 -6.99 25.52
CA ARG F 30 1.95 -7.35 26.44
C ARG F 30 3.09 -6.35 26.23
N LEU F 31 3.27 -5.43 27.16
CA LEU F 31 4.40 -4.52 27.11
C LEU F 31 5.61 -5.20 27.74
N ASP F 32 6.65 -5.41 26.94
CA ASP F 32 7.84 -6.10 27.40
C ASP F 32 8.93 -5.14 27.86
N ALA F 33 9.10 -4.03 27.15
CA ALA F 33 10.15 -3.08 27.48
C ALA F 33 9.75 -1.69 27.07
N MET F 34 10.29 -0.71 27.79
CA MET F 34 10.08 0.70 27.50
C MET F 34 11.37 1.44 27.74
N GLY F 35 11.73 2.36 26.87
CA GLY F 35 13.01 3.00 27.05
C GLY F 35 13.24 4.19 26.15
N TRP F 36 14.49 4.66 26.16
CA TRP F 36 14.93 5.84 25.44
C TRP F 36 16.18 5.50 24.64
N TYR F 37 16.17 5.95 23.39
CA TYR F 37 17.33 6.03 22.51
C TYR F 37 17.62 7.49 22.25
N ARG F 38 18.82 7.80 21.79
CA ARG F 38 19.13 9.16 21.42
C ARG F 38 20.00 9.19 20.18
N GLN F 39 19.83 10.24 19.38
CA GLN F 39 20.64 10.46 18.20
C GLN F 39 21.20 11.86 18.27
N ALA F 40 22.52 11.96 18.28
CA ALA F 40 23.21 13.24 18.19
C ALA F 40 23.36 13.63 16.72
N PRO F 41 23.48 14.91 16.43
CA PRO F 41 23.64 15.34 15.03
C PRO F 41 24.87 14.72 14.37
N GLY F 42 24.64 13.93 13.31
CA GLY F 42 25.70 13.33 12.55
C GLY F 42 26.08 11.92 12.97
N LYS F 43 25.58 11.45 14.10
CA LYS F 43 25.91 10.13 14.62
C LYS F 43 24.69 9.22 14.54
N GLN F 44 24.94 7.92 14.69
CA GLN F 44 23.88 6.93 14.73
C GLN F 44 23.19 6.95 16.09
N ARG F 45 21.94 6.47 16.10
CA ARG F 45 21.20 6.42 17.34
C ARG F 45 21.83 5.42 18.30
N GLU F 46 21.78 5.74 19.58
CA GLU F 46 22.42 4.93 20.60
C GLU F 46 21.48 4.76 21.77
N LEU F 47 21.57 3.61 22.43
CA LEU F 47 20.71 3.32 23.55
C LEU F 47 21.02 4.24 24.73
N VAL F 48 19.97 4.79 25.33
CA VAL F 48 20.08 5.55 26.57
C VAL F 48 19.67 4.69 27.76
N ALA F 49 18.45 4.15 27.74
CA ALA F 49 17.99 3.38 28.89
C ALA F 49 16.81 2.50 28.52
N VAL F 50 16.75 1.32 29.14
CA VAL F 50 15.61 0.42 29.00
C VAL F 50 15.20 -0.03 30.39
N ILE F 51 13.90 -0.15 30.60
CA ILE F 51 13.36 -0.90 31.73
C ILE F 51 12.35 -1.90 31.17
N ARG F 52 12.48 -3.15 31.60
CA ARG F 52 11.69 -4.26 31.09
C ARG F 52 10.74 -4.77 32.15
N SER F 53 9.70 -5.47 31.69
CA SER F 53 8.80 -6.15 32.61
C SER F 53 9.58 -7.15 33.45
N GLY F 54 9.32 -7.16 34.74
CA GLY F 54 10.12 -7.88 35.70
C GLY F 54 11.12 -7.03 36.45
N GLY F 55 11.40 -5.81 35.95
CA GLY F 55 12.20 -4.86 36.66
C GLY F 55 13.62 -4.66 36.18
N SER F 56 14.12 -5.52 35.30
CA SER F 56 15.49 -5.37 34.81
C SER F 56 15.64 -4.10 34.00
N THR F 57 16.82 -3.49 34.10
CA THR F 57 17.12 -2.25 33.40
C THR F 57 18.48 -2.35 32.73
N ASP F 58 18.67 -1.51 31.72
CA ASP F 58 19.95 -1.39 31.05
C ASP F 58 20.18 0.08 30.70
N TYR F 59 21.45 0.46 30.60
CA TYR F 59 21.83 1.83 30.31
C TYR F 59 22.94 1.85 29.27
N GLY F 60 23.01 2.96 28.54
CA GLY F 60 24.14 3.18 27.66
C GLY F 60 25.42 3.39 28.44
N ASP F 61 26.54 3.11 27.78
CA ASP F 61 27.83 3.19 28.47
C ASP F 61 28.14 4.62 28.93
N SER F 62 27.82 5.60 28.09
CA SER F 62 28.14 6.99 28.42
C SER F 62 27.33 7.49 29.60
N VAL F 63 26.07 7.04 29.74
CA VAL F 63 25.15 7.61 30.71
C VAL F 63 25.02 6.78 31.98
N LYS F 64 25.82 5.73 32.15
CA LYS F 64 25.71 4.91 33.35
C LYS F 64 26.14 5.71 34.58
N GLY F 65 25.32 5.63 35.63
CA GLY F 65 25.60 6.36 36.85
C GLY F 65 24.83 7.66 36.98
N ARG F 66 24.70 8.38 35.87
CA ARG F 66 24.02 9.68 35.87
C ARG F 66 22.53 9.55 35.57
N PHE F 67 22.19 8.74 34.58
CA PHE F 67 20.80 8.59 34.15
C PHE F 67 20.14 7.46 34.93
N THR F 68 18.85 7.60 35.19
CA THR F 68 18.12 6.56 35.91
C THR F 68 16.73 6.43 35.29
N ILE F 69 16.41 5.22 34.84
CA ILE F 69 15.09 4.94 34.28
C ILE F 69 14.23 4.33 35.38
N SER F 70 13.00 4.81 35.47
CA SER F 70 12.08 4.35 36.51
C SER F 70 10.70 4.22 35.90
N ARG F 71 9.85 3.42 36.54
CA ARG F 71 8.53 3.12 36.03
C ARG F 71 7.46 3.53 37.03
N ASP F 72 6.40 4.15 36.53
CA ASP F 72 5.16 4.34 37.26
C ASP F 72 4.25 3.18 36.86
N ASN F 73 4.24 2.14 37.68
CA ASN F 73 3.49 0.92 37.32
C ASN F 73 2.00 1.16 37.28
N ALA F 74 1.53 2.27 37.86
CA ALA F 74 0.10 2.54 37.90
C ALA F 74 -0.44 2.90 36.50
N LYS F 75 0.26 3.79 35.80
CA LYS F 75 -0.27 4.37 34.56
C LYS F 75 0.63 4.09 33.36
N ASN F 76 1.53 3.11 33.49
CA ASN F 76 2.33 2.61 32.37
C ASN F 76 3.19 3.71 31.76
N THR F 77 3.90 4.45 32.62
CA THR F 77 4.72 5.58 32.23
C THR F 77 6.15 5.35 32.68
N VAL F 78 7.11 5.84 31.89
CA VAL F 78 8.52 5.72 32.25
C VAL F 78 9.11 7.11 32.40
N TYR F 79 10.06 7.23 33.33
CA TYR F 79 10.75 8.47 33.63
C TYR F 79 12.24 8.27 33.45
N LEU F 80 12.87 9.18 32.73
CA LEU F 80 14.32 9.21 32.59
C LEU F 80 14.83 10.41 33.38
N GLN F 81 15.57 10.14 34.46
CA GLN F 81 16.13 11.19 35.31
C GLN F 81 17.59 11.37 34.90
N MET F 82 17.88 12.51 34.28
CA MET F 82 19.23 12.80 33.79
C MET F 82 19.88 13.82 34.70
N ASN F 83 20.97 13.43 35.35
CA ASN F 83 21.71 14.28 36.28
C ASN F 83 23.12 14.47 35.77
N SER F 84 23.73 15.59 36.17
CA SER F 84 25.09 15.95 35.76
C SER F 84 25.20 15.97 34.24
N LEU F 85 24.28 16.71 33.61
CA LEU F 85 24.23 16.76 32.15
C LEU F 85 25.46 17.45 31.60
N LYS F 86 25.91 16.99 30.44
CA LYS F 86 27.12 17.46 29.78
C LYS F 86 26.80 17.82 28.34
N PRO F 87 27.65 18.64 27.70
CA PRO F 87 27.39 19.01 26.30
C PRO F 87 27.27 17.82 25.36
N GLU F 88 27.93 16.71 25.67
CA GLU F 88 27.80 15.51 24.85
C GLU F 88 26.41 14.89 24.91
N ASP F 89 25.57 15.30 25.85
CA ASP F 89 24.22 14.76 25.99
C ASP F 89 23.20 15.49 25.12
N THR F 90 23.63 16.46 24.32
CA THR F 90 22.74 17.18 23.41
C THR F 90 22.38 16.26 22.25
N ALA F 91 21.09 15.93 22.12
CA ALA F 91 20.65 15.00 21.08
C ALA F 91 19.12 15.04 21.02
N VAL F 92 18.58 14.32 20.04
CA VAL F 92 17.15 14.06 19.98
C VAL F 92 16.89 12.73 20.67
N TYR F 93 15.99 12.73 21.65
CA TYR F 93 15.69 11.55 22.45
C TYR F 93 14.35 10.97 22.03
N TYR F 94 14.35 9.70 21.64
CA TYR F 94 13.15 8.98 21.26
C TYR F 94 12.82 7.93 22.32
N CYS F 95 11.60 7.97 22.83
CA CYS F 95 11.13 6.85 23.64
C CYS F 95 10.49 5.80 22.74
N ASN F 96 10.58 4.55 23.19
CA ASN F 96 9.95 3.45 22.48
C ASN F 96 9.34 2.49 23.49
N ALA F 97 8.32 1.78 23.01
CA ALA F 97 7.62 0.75 23.77
C ALA F 97 7.50 -0.49 22.88
N VAL F 98 7.89 -1.64 23.40
CA VAL F 98 8.05 -2.84 22.55
C VAL F 98 7.19 -3.98 23.08
N GLN F 99 6.46 -4.63 22.18
CA GLN F 99 5.98 -6.00 22.39
C GLN F 99 6.80 -6.88 21.47
N ILE F 100 7.67 -7.69 22.07
CA ILE F 100 8.67 -8.45 21.33
C ILE F 100 8.00 -9.43 20.39
N LEU F 101 8.44 -9.41 19.13
CA LEU F 101 7.93 -10.20 18.01
C LEU F 101 6.49 -9.87 17.64
N LYS F 102 5.94 -8.78 18.18
CA LYS F 102 4.66 -8.28 17.72
C LYS F 102 4.77 -6.91 17.07
N THR F 103 5.24 -5.89 17.79
CA THR F 103 5.36 -4.57 17.20
C THR F 103 6.13 -3.66 18.15
N ILE F 104 6.51 -2.50 17.64
CA ILE F 104 7.25 -1.49 18.37
C ILE F 104 6.63 -0.13 18.10
N TYR F 105 6.58 0.72 19.13
CA TYR F 105 6.12 2.09 19.02
C TYR F 105 7.29 3.02 19.30
N TRP F 106 7.50 3.98 18.41
CA TRP F 106 8.54 4.99 18.58
C TRP F 106 7.90 6.35 18.80
N GLY F 107 8.50 7.13 19.69
CA GLY F 107 8.06 8.49 19.89
C GLY F 107 8.55 9.43 18.81
N GLN F 108 7.99 10.64 18.81
CA GLN F 108 8.38 11.64 17.83
C GLN F 108 9.76 12.24 18.13
N GLY F 109 10.19 12.22 19.38
CA GLY F 109 11.50 12.72 19.74
C GLY F 109 11.47 14.08 20.41
N THR F 110 12.33 14.29 21.39
CA THR F 110 12.41 15.56 22.10
C THR F 110 13.86 16.03 22.04
N GLN F 111 14.06 17.29 21.65
CA GLN F 111 15.41 17.84 21.61
C GLN F 111 15.88 18.17 23.02
N VAL F 112 17.11 17.75 23.34
CA VAL F 112 17.75 18.06 24.61
C VAL F 112 19.07 18.75 24.29
N THR F 113 19.19 19.99 24.75
CA THR F 113 20.39 20.81 24.51
C THR F 113 21.04 21.13 25.84
N VAL F 114 22.34 20.91 25.92
CA VAL F 114 23.13 21.20 27.11
C VAL F 114 24.22 22.18 26.70
N SER F 115 24.03 23.45 27.04
CA SER F 115 25.00 24.48 26.71
C SER F 115 24.84 25.69 27.61
NA NA G . 26.19 17.40 -11.14
NA NA H . 21.47 11.78 -10.09
NA NA I . 22.03 17.38 -17.40
N ALA J . 30.73 9.12 -10.09
CA ALA J . 29.66 9.98 -10.56
C ALA J . 29.52 11.21 -9.67
O ALA J . 29.06 12.26 -10.10
CB ALA J . 28.35 9.21 -10.62
OXT ALA J . 29.88 11.18 -8.49
CAA Y01 K . 8.43 7.86 -24.17
CBA Y01 K . 8.34 9.28 -24.68
CAB Y01 K . 8.16 9.31 -26.19
CAN Y01 K . 7.20 10.00 -23.99
CAJ Y01 K . 7.20 9.93 -22.48
CAO Y01 K . 5.87 10.37 -21.88
CBB Y01 K . 5.97 11.35 -20.71
CAC Y01 K . 7.10 12.34 -20.95
CBE Y01 K . 4.60 12.02 -20.48
CAP Y01 K . 3.44 11.01 -20.58
CAQ Y01 K . 2.34 11.51 -19.64
CBG Y01 K . 2.80 12.91 -19.24
CBI Y01 K . 4.33 12.77 -19.16
CAE Y01 K . 4.77 11.94 -17.94
CAU Y01 K . 4.89 14.20 -19.04
CAS Y01 K . 4.30 14.96 -17.86
CBF Y01 K . 2.77 14.99 -17.85
CBD Y01 K . 2.16 13.60 -18.03
CAK Y01 K . 0.66 13.71 -18.22
CAI Y01 K . 0.03 14.63 -17.22
CAZ Y01 K . 0.69 15.52 -16.50
CAV Y01 K . -0.05 16.38 -15.50
CBH Y01 K . 2.19 15.74 -16.61
CAD Y01 K . 2.85 15.26 -15.30
CAT Y01 K . 2.44 17.25 -16.78
CAR Y01 K . 1.79 18.07 -15.66
CBC Y01 K . 0.29 17.85 -15.66
OAW Y01 K . -0.24 18.53 -14.47
CAY Y01 K . -1.05 19.58 -14.67
OAG Y01 K . -1.54 19.86 -15.73
CAM Y01 K . -1.26 20.33 -13.39
CAL Y01 K . -0.02 20.31 -12.51
CAX Y01 K . -0.32 20.59 -11.06
OAH Y01 K . -1.36 21.36 -10.87
OAF Y01 K . 0.35 20.14 -10.15
NA NA L . -30.42 12.69 -4.21
NA NA M . -24.45 9.53 -5.88
NA NA N . -32.16 5.80 -3.78
N ALA O . -27.04 15.36 -12.58
CA ALA O . -27.46 14.40 -11.58
C ALA O . -27.59 15.06 -10.21
O ALA O . -28.26 14.56 -9.32
CB ALA O . -26.49 13.23 -11.52
OXT ALA O . -27.01 16.11 -9.97
CAA Y01 P . -25.85 -11.34 -5.24
CBA Y01 P . -25.48 -10.17 -4.35
CAB Y01 P . -26.16 -10.28 -3.01
CAN Y01 P . -23.96 -10.00 -4.26
CAJ Y01 P . -23.45 -8.90 -3.32
CAO Y01 P . -22.96 -9.44 -1.99
CBB Y01 P . -22.77 -8.38 -0.90
CAC Y01 P . -24.01 -7.49 -0.79
CBE Y01 P . -22.39 -9.06 0.43
CAP Y01 P . -21.35 -10.18 0.22
CAQ Y01 P . -20.49 -10.24 1.51
CBG Y01 P . -21.25 -9.34 2.49
CBI Y01 P . -21.82 -8.22 1.59
CAE Y01 P . -20.70 -7.27 1.10
CAU Y01 P . -22.83 -7.44 2.46
CAS Y01 P . -22.20 -6.91 3.75
CBF Y01 P . -21.52 -8.00 4.59
CBD Y01 P . -20.55 -8.85 3.76
CAK Y01 P . -20.07 -10.03 4.58
CAI Y01 P . -19.64 -9.62 5.96
CAZ Y01 P . -19.98 -8.48 6.55
CAV Y01 P . -19.49 -8.16 7.94
CBH Y01 P . -20.86 -7.43 5.88
CAD Y01 P . -20.00 -6.20 5.58
CAT Y01 P . -21.97 -7.04 6.87
CAR Y01 P . -21.41 -6.59 8.22
CBC Y01 P . -20.61 -7.71 8.85
OAW Y01 P . -19.97 -7.17 10.04
CAY Y01 P . -20.46 -7.50 11.24
OAG Y01 P . -21.18 -8.45 11.42
CAM Y01 P . -20.01 -6.55 12.30
CAL Y01 P . -19.98 -5.11 11.82
CAX Y01 P . -19.09 -4.22 12.66
OAH Y01 P . -18.99 -4.61 13.90
OAF Y01 P . -18.53 -3.23 12.21
NA NA Q . 4.88 -21.54 25.42
NA NA R . 2.88 -18.77 18.63
NA NA S . 10.24 -23.51 20.72
N ALA T . -3.60 -24.46 22.60
CA ALA T . -2.22 -24.06 22.36
C ALA T . -1.74 -23.06 23.41
O ALA T . -0.57 -22.96 23.71
CB ALA T . -2.06 -23.49 20.95
OXT ALA T . -2.55 -22.32 23.96
CAA Y01 U . 13.47 -22.70 2.86
CBA Y01 U . 14.55 -22.24 3.81
CAB Y01 U . 15.84 -22.99 3.56
CAN Y01 U . 14.73 -20.75 3.70
CAJ Y01 U . 15.74 -20.13 4.65
CAO Y01 U . 16.05 -18.69 4.29
CBB Y01 U . 16.17 -17.73 5.49
CAC Y01 U . 16.64 -18.48 6.73
CBE Y01 U . 17.08 -16.54 5.12
CAP Y01 U . 16.90 -16.13 3.64
CAQ Y01 U . 17.29 -14.63 3.57
CBG Y01 U . 17.81 -14.31 4.97
CBI Y01 U . 16.96 -15.22 5.89
CAE Y01 U . 15.50 -14.74 5.97
CAU Y01 U . 17.61 -15.16 7.29
CAS Y01 U . 17.72 -13.74 7.81
CBF Y01 U . 18.48 -12.79 6.85
CBD Y01 U . 17.91 -12.85 5.43
CAK Y01 U . 18.80 -12.06 4.48
CAI Y01 U . 19.19 -10.73 5.05
CAZ Y01 U . 19.11 -10.40 6.33
CAV Y01 U . 19.53 -9.02 6.79
CBH Y01 U . 18.58 -11.34 7.40
CAD Y01 U . 17.21 -10.81 7.88
CAT Y01 U . 19.56 -11.34 8.59
CAR Y01 U . 19.85 -9.92 9.09
CBC Y01 U . 20.44 -9.08 7.99
OAW Y01 U . 20.57 -7.70 8.48
CAY Y01 U . 21.80 -7.22 8.65
OAG Y01 U . 22.80 -7.74 8.22
CAM Y01 U . 21.77 -5.93 9.43
CAL Y01 U . 20.64 -5.90 10.44
CAX Y01 U . 20.30 -4.52 10.93
OAH Y01 U . 19.06 -4.37 11.28
OAF Y01 U . 21.13 -3.64 11.00
#